data_9GOH
#
_entry.id   9GOH
#
_cell.length_a   65.920
_cell.length_b   68.208
_cell.length_c   421.060
_cell.angle_alpha   90.00
_cell.angle_beta   90.00
_cell.angle_gamma   90.00
#
_symmetry.space_group_name_H-M   'P 21 21 21'
#
loop_
_entity.id
_entity.type
_entity.pdbx_description
1 polymer 'Dipeptidyl peptidase 4 soluble form'
2 branched beta-D-mannopyranose-(1-4)-2-acetamido-2-deoxy-beta-D-glucopyranose-(1-4)-2-acetamido-2-deoxy-beta-D-glucopyranose
3 branched alpha-D-mannopyranose-(1-2)-alpha-D-mannopyranose-(1-3)-[alpha-D-mannopyranose-(1-6)]beta-D-mannopyranose-(1-4)-2-acetamido-2-deoxy-beta-D-glucopyranose-(1-4)-2-acetamido-2-deoxy-beta-D-glucopyranose
4 non-polymer 2-acetamido-2-deoxy-beta-D-glucopyranose
5 non-polymer azanyl-oxidanylidene-(sulfoamino)phosphanium
6 non-polymer 'SULFATE ION'
7 non-polymer 1,2-ETHANEDIOL
8 water water
#
_entity_poly.entity_id   1
_entity_poly.type   'polypeptide(L)'
_entity_poly.pdbx_seq_one_letter_code
;EFSRKTYTLTDYLKNTYRLKLYSLRWISDHEYLYKQENNILVFNAEYGNSSVFLENSTFDEFGHSINDYSISPDGQFILL
EYNYVKQWRHSYTASYDIYDLNKRQLITEERIPNNTQWVTWSPVGHKLAYVWNNDIYVKIEPNLPSYRITWTGKEDIIYN
GITDWVYEEEVFSAYSALWWSPNGTFLAYAQFNDTEVPLIEYSFYSDESLQYPKTVRVPYPKAGAVNPTVKFFVVNTDSL
SSVTNATSIQITAPASMLIGDHYLCDVTWATQERISLQWLRRIQNYSVMDICDYDESSGRWNCLVARQHIEMSTTGWVGR
FRPSEPHFTLDGNSFYKIISNEEGYRHICYFQIDKKDCTFITKGTWEVIGIEALTSDYLYYISNEYKGMPGGRNLYKIQL
SDYTKVTCLSCELNPERCQYYSVSFSKEAKYYQLRCSGPGLPLYTLHSSVNDKGLRVLEDNSALDKMLQNVQMPSKKLDF
IILNETKFWYQMILPPHFDKSKKYPLLLDVYAGPCSQKADTVFRLNWATYLASTENIIVASFDGRGSGYQGDKIMHAINR
RLGTFEVEDQIEAARQFSKMGFVDNKRIAIWGWSYGGYVTSMVLGSGSGVFKCGIAVAPVSRWEYYDSVYTERYMGLPTP
EDNLDHYRNSTVMSRAENFKQVEYLLIHGTADDNVHFQQSAQISKALVDVGVDFQAMWYTDEDHGIASSTAHQHIYTHMS
HFIKQCFSLPHHHHHH
;
_entity_poly.pdbx_strand_id   A,B
#
# COMPACT_ATOMS: atom_id res chain seq x y z
N SER A 3 33.24 30.32 -15.29
CA SER A 3 33.21 29.71 -13.92
C SER A 3 32.21 30.46 -13.02
N ARG A 4 30.98 30.64 -13.50
CA ARG A 4 29.81 31.15 -12.73
C ARG A 4 29.05 29.94 -12.17
N LYS A 5 28.17 30.15 -11.18
CA LYS A 5 27.37 29.05 -10.57
C LYS A 5 26.38 28.49 -11.59
N THR A 6 25.91 27.27 -11.35
CA THR A 6 24.97 26.49 -12.23
C THR A 6 23.57 26.53 -11.59
N TYR A 7 22.53 26.10 -12.31
CA TYR A 7 21.14 25.97 -11.78
C TYR A 7 21.05 24.60 -11.08
N THR A 8 21.15 24.60 -9.75
CA THR A 8 21.31 23.37 -8.93
C THR A 8 19.94 22.75 -8.65
N LEU A 9 19.92 21.52 -8.13
CA LEU A 9 18.68 20.82 -7.70
C LEU A 9 18.06 21.60 -6.53
N THR A 10 18.89 22.13 -5.62
CA THR A 10 18.46 22.95 -4.44
C THR A 10 17.73 24.20 -4.93
N ASP A 11 18.17 24.80 -6.05
CA ASP A 11 17.57 26.02 -6.65
C ASP A 11 16.14 25.69 -7.10
N TYR A 12 15.94 24.55 -7.77
CA TYR A 12 14.62 24.07 -8.25
C TYR A 12 13.70 23.80 -7.04
N LEU A 13 14.18 23.07 -6.04
CA LEU A 13 13.34 22.52 -4.94
C LEU A 13 13.01 23.61 -3.91
N LYS A 14 13.99 24.44 -3.53
CA LYS A 14 13.79 25.57 -2.56
C LYS A 14 13.35 26.84 -3.29
N ASN A 15 13.28 26.82 -4.62
CA ASN A 15 12.55 27.82 -5.46
C ASN A 15 13.30 29.16 -5.36
N THR A 16 14.60 29.13 -5.63
CA THR A 16 15.55 30.27 -5.49
C THR A 16 15.21 31.36 -6.52
N TYR A 17 14.85 30.96 -7.74
CA TYR A 17 14.60 31.85 -8.91
C TYR A 17 13.10 31.83 -9.24
N ARG A 18 12.36 32.79 -8.69
CA ARG A 18 10.87 32.83 -8.74
C ARG A 18 10.42 33.62 -9.98
N LEU A 19 9.50 33.05 -10.75
CA LEU A 19 8.75 33.76 -11.82
C LEU A 19 7.67 34.63 -11.15
N LYS A 20 7.72 35.94 -11.34
CA LYS A 20 6.68 36.90 -10.88
C LYS A 20 5.49 36.79 -11.83
N LEU A 21 4.27 36.86 -11.28
CA LEU A 21 2.99 36.75 -12.03
C LEU A 21 2.30 38.11 -12.05
N TYR A 22 1.22 38.23 -12.82
CA TYR A 22 0.23 39.33 -12.73
C TYR A 22 -1.17 38.73 -12.90
N SER A 23 -1.70 38.13 -11.84
CA SER A 23 -3.08 37.60 -11.74
C SER A 23 -4.04 38.76 -11.45
N LEU A 24 -4.89 39.12 -12.42
CA LEU A 24 -5.95 40.14 -12.27
C LEU A 24 -7.31 39.50 -12.53
N ARG A 25 -8.37 40.02 -11.88
CA ARG A 25 -9.78 39.69 -12.18
C ARG A 25 -10.49 40.97 -12.61
N TRP A 26 -11.01 41.00 -13.84
CA TRP A 26 -11.87 42.11 -14.35
C TRP A 26 -13.17 42.12 -13.56
N ILE A 27 -13.57 43.28 -13.04
CA ILE A 27 -14.86 43.49 -12.29
C ILE A 27 -15.84 44.35 -13.13
N SER A 28 -15.40 44.88 -14.26
CA SER A 28 -16.21 45.74 -15.18
C SER A 28 -15.50 45.82 -16.53
N ASP A 29 -15.95 46.71 -17.41
CA ASP A 29 -15.36 46.88 -18.77
C ASP A 29 -14.03 47.64 -18.69
N HIS A 30 -13.76 48.41 -17.62
CA HIS A 30 -12.58 49.31 -17.52
C HIS A 30 -11.75 49.12 -16.25
N GLU A 31 -12.19 48.33 -15.27
CA GLU A 31 -11.48 48.14 -13.97
C GLU A 31 -11.11 46.67 -13.78
N TYR A 32 -9.97 46.39 -13.14
CA TYR A 32 -9.58 45.03 -12.65
C TYR A 32 -9.11 45.10 -11.19
N LEU A 33 -9.27 43.99 -10.47
CA LEU A 33 -8.76 43.79 -9.09
C LEU A 33 -7.41 43.06 -9.15
N TYR A 34 -6.49 43.43 -8.26
CA TYR A 34 -5.11 42.90 -8.17
C TYR A 34 -4.71 42.83 -6.69
N LYS A 35 -4.26 41.66 -6.24
CA LYS A 35 -3.80 41.41 -4.84
C LYS A 35 -2.28 41.67 -4.78
N GLN A 36 -1.86 42.58 -3.92
CA GLN A 36 -0.44 43.03 -3.76
C GLN A 36 -0.14 43.22 -2.27
N GLU A 37 0.83 42.47 -1.73
CA GLU A 37 1.27 42.49 -0.30
C GLU A 37 0.03 42.38 0.62
N ASN A 38 -0.91 41.48 0.28
CA ASN A 38 -2.17 41.18 1.03
C ASN A 38 -3.15 42.37 1.01
N ASN A 39 -2.89 43.43 0.22
CA ASN A 39 -3.86 44.50 -0.12
C ASN A 39 -4.50 44.14 -1.45
N ILE A 40 -5.83 44.26 -1.54
CA ILE A 40 -6.59 44.17 -2.83
C ILE A 40 -6.76 45.60 -3.35
N LEU A 41 -6.23 45.86 -4.56
CA LEU A 41 -6.31 47.19 -5.25
C LEU A 41 -7.30 47.06 -6.41
N VAL A 42 -8.06 48.14 -6.69
CA VAL A 42 -8.80 48.35 -7.98
C VAL A 42 -7.89 49.19 -8.87
N PHE A 43 -7.70 48.78 -10.14
CA PHE A 43 -6.90 49.50 -11.16
C PHE A 43 -7.85 49.99 -12.26
N ASN A 44 -7.63 51.22 -12.74
CA ASN A 44 -8.26 51.79 -13.97
C ASN A 44 -7.40 51.37 -15.16
N ALA A 45 -7.97 50.65 -16.14
CA ALA A 45 -7.26 50.07 -17.30
C ALA A 45 -6.67 51.18 -18.18
N GLU A 46 -7.46 52.23 -18.45
CA GLU A 46 -7.12 53.31 -19.42
C GLU A 46 -5.89 54.09 -18.94
N TYR A 47 -5.96 54.61 -17.70
CA TYR A 47 -5.01 55.60 -17.14
C TYR A 47 -4.00 54.93 -16.19
N GLY A 48 -4.33 53.79 -15.59
CA GLY A 48 -3.39 52.97 -14.79
C GLY A 48 -3.38 53.32 -13.32
N ASN A 49 -4.15 54.33 -12.88
CA ASN A 49 -4.26 54.73 -11.45
C ASN A 49 -5.02 53.64 -10.68
N SER A 50 -4.87 53.63 -9.36
CA SER A 50 -5.40 52.58 -8.46
C SER A 50 -5.87 53.20 -7.15
N SER A 51 -6.76 52.48 -6.45
CA SER A 51 -7.21 52.78 -5.07
C SER A 51 -7.14 51.49 -4.24
N VAL A 52 -6.76 51.61 -2.98
CA VAL A 52 -6.75 50.46 -2.01
C VAL A 52 -8.22 50.14 -1.69
N PHE A 53 -8.72 49.02 -2.23
CA PHE A 53 -10.10 48.53 -2.02
C PHE A 53 -10.21 47.89 -0.62
N LEU A 54 -9.25 47.01 -0.30
CA LEU A 54 -9.14 46.35 1.03
C LEU A 54 -7.71 46.52 1.54
N GLU A 55 -7.54 47.20 2.67
CA GLU A 55 -6.23 47.38 3.34
C GLU A 55 -5.89 46.08 4.08
N ASN A 56 -4.61 45.69 4.05
CA ASN A 56 -4.10 44.40 4.59
C ASN A 56 -4.29 44.33 6.10
N SER A 57 -4.32 45.48 6.79
CA SER A 57 -4.45 45.61 8.26
C SER A 57 -5.88 45.31 8.76
N THR A 58 -6.89 45.30 7.88
CA THR A 58 -8.33 45.17 8.26
C THR A 58 -8.58 43.84 8.98
N PHE A 59 -8.00 42.74 8.50
CA PHE A 59 -8.19 41.36 9.04
C PHE A 59 -6.90 40.89 9.73
N ASP A 60 -6.46 41.64 10.74
CA ASP A 60 -5.32 41.28 11.64
C ASP A 60 -5.86 40.60 12.91
N GLU A 61 -7.03 41.03 13.40
CA GLU A 61 -7.68 40.49 14.63
C GLU A 61 -8.84 39.56 14.25
N PHE A 62 -8.79 38.92 13.07
CA PHE A 62 -9.86 38.02 12.54
C PHE A 62 -9.81 36.68 13.30
N GLY A 63 -8.62 36.15 13.59
CA GLY A 63 -8.40 34.98 14.45
C GLY A 63 -8.00 33.74 13.66
N HIS A 64 -8.44 33.63 12.40
CA HIS A 64 -8.13 32.52 11.47
C HIS A 64 -7.22 33.01 10.35
N SER A 65 -6.46 32.10 9.73
CA SER A 65 -5.69 32.34 8.49
C SER A 65 -6.66 32.34 7.29
N ILE A 66 -6.84 33.49 6.63
CA ILE A 66 -7.74 33.64 5.44
C ILE A 66 -7.01 33.02 4.24
N ASN A 67 -7.65 32.03 3.60
CA ASN A 67 -7.08 31.23 2.48
C ASN A 67 -7.29 31.96 1.16
N ASP A 68 -8.49 32.52 0.95
CA ASP A 68 -8.84 33.26 -0.31
C ASP A 68 -9.94 34.29 -0.01
N TYR A 69 -10.02 35.31 -0.87
CA TYR A 69 -11.03 36.39 -0.87
C TYR A 69 -11.89 36.26 -2.12
N SER A 70 -13.20 36.54 -2.00
CA SER A 70 -14.14 36.71 -3.13
C SER A 70 -15.04 37.92 -2.85
N ILE A 71 -14.92 38.98 -3.65
CA ILE A 71 -15.71 40.24 -3.55
C ILE A 71 -16.96 40.07 -4.41
N SER A 72 -18.12 40.53 -3.92
CA SER A 72 -19.40 40.53 -4.66
C SER A 72 -19.30 41.44 -5.87
N PRO A 73 -19.94 41.12 -7.02
CA PRO A 73 -19.90 41.98 -8.21
C PRO A 73 -20.13 43.47 -7.96
N ASP A 74 -21.02 43.81 -7.01
CA ASP A 74 -21.44 45.19 -6.66
C ASP A 74 -20.49 45.81 -5.62
N GLY A 75 -19.45 45.10 -5.19
CA GLY A 75 -18.40 45.59 -4.27
C GLY A 75 -18.95 46.00 -2.91
N GLN A 76 -20.06 45.39 -2.47
CA GLN A 76 -20.75 45.70 -1.18
C GLN A 76 -20.32 44.72 -0.09
N PHE A 77 -19.95 43.49 -0.45
CA PHE A 77 -19.52 42.41 0.49
C PHE A 77 -18.29 41.68 -0.05
N ILE A 78 -17.61 40.94 0.84
CA ILE A 78 -16.42 40.10 0.52
C ILE A 78 -16.50 38.81 1.35
N LEU A 79 -16.46 37.65 0.67
CA LEU A 79 -16.37 36.30 1.29
C LEU A 79 -14.95 36.07 1.82
N LEU A 80 -14.82 35.71 3.09
CA LEU A 80 -13.54 35.29 3.72
C LEU A 80 -13.54 33.76 3.84
N GLU A 81 -12.75 33.09 2.98
CA GLU A 81 -12.58 31.60 2.94
C GLU A 81 -11.46 31.22 3.91
N TYR A 82 -11.75 30.38 4.91
CA TYR A 82 -10.79 29.89 5.93
C TYR A 82 -11.10 28.44 6.31
N ASN A 83 -10.19 27.80 7.04
CA ASN A 83 -10.21 26.34 7.37
C ASN A 83 -10.29 25.52 6.07
N TYR A 84 -9.46 25.85 5.08
CA TYR A 84 -9.36 25.14 3.78
C TYR A 84 -8.82 23.72 4.02
N VAL A 85 -9.63 22.70 3.72
CA VAL A 85 -9.23 21.26 3.69
C VAL A 85 -9.46 20.74 2.26
N LYS A 86 -8.36 20.46 1.54
CA LYS A 86 -8.40 19.97 0.13
C LYS A 86 -9.00 18.56 0.09
N GLN A 87 -9.84 18.29 -0.92
CA GLN A 87 -10.29 16.92 -1.30
C GLN A 87 -9.51 16.51 -2.56
N TRP A 88 -10.13 16.55 -3.76
CA TRP A 88 -9.48 16.15 -5.04
C TRP A 88 -8.89 17.39 -5.70
N ARG A 89 -8.60 17.36 -7.01
CA ARG A 89 -7.86 18.41 -7.76
C ARG A 89 -8.53 19.79 -7.56
N HIS A 90 -9.85 19.86 -7.72
CA HIS A 90 -10.65 21.13 -7.63
C HIS A 90 -11.48 21.18 -6.35
N SER A 91 -11.98 20.05 -5.85
CA SER A 91 -12.91 19.98 -4.70
C SER A 91 -12.16 20.25 -3.40
N TYR A 92 -12.84 20.88 -2.44
CA TYR A 92 -12.35 21.16 -1.06
C TYR A 92 -13.52 21.57 -0.18
N THR A 93 -13.28 21.63 1.13
CA THR A 93 -14.24 22.05 2.19
C THR A 93 -13.63 23.26 2.90
N ALA A 94 -14.47 24.18 3.37
CA ALA A 94 -14.03 25.41 4.07
C ALA A 94 -15.16 26.02 4.91
N SER A 95 -14.79 26.81 5.92
CA SER A 95 -15.66 27.76 6.64
C SER A 95 -15.64 29.10 5.89
N TYR A 96 -16.72 29.89 5.99
CA TYR A 96 -16.88 31.20 5.31
C TYR A 96 -17.50 32.22 6.27
N ASP A 97 -16.93 33.42 6.28
CA ASP A 97 -17.52 34.65 6.87
C ASP A 97 -17.72 35.67 5.75
N ILE A 98 -18.73 36.53 5.88
CA ILE A 98 -19.00 37.67 4.95
C ILE A 98 -18.74 38.97 5.72
N TYR A 99 -17.98 39.89 5.14
CA TYR A 99 -17.66 41.24 5.68
C TYR A 99 -18.45 42.29 4.87
N ASP A 100 -19.25 43.09 5.56
CA ASP A 100 -20.00 44.24 4.99
C ASP A 100 -19.04 45.42 4.83
N LEU A 101 -18.76 45.84 3.60
CA LEU A 101 -17.82 46.96 3.29
C LEU A 101 -18.43 48.29 3.71
N ASN A 102 -19.74 48.47 3.49
CA ASN A 102 -20.51 49.70 3.84
C ASN A 102 -20.46 49.91 5.35
N LYS A 103 -20.83 48.89 6.13
CA LYS A 103 -20.91 48.94 7.62
C LYS A 103 -19.53 48.71 8.25
N ARG A 104 -18.56 48.16 7.50
CA ARG A 104 -17.17 47.85 7.95
C ARG A 104 -17.21 46.88 9.14
N GLN A 105 -17.89 45.75 8.97
CA GLN A 105 -18.21 44.80 10.06
C GLN A 105 -18.47 43.41 9.46
N LEU A 106 -18.13 42.35 10.22
CA LEU A 106 -18.42 40.94 9.87
C LEU A 106 -19.93 40.68 10.08
N ILE A 107 -20.57 40.01 9.11
CA ILE A 107 -21.96 39.46 9.26
C ILE A 107 -21.88 38.39 10.37
N THR A 108 -22.56 38.64 11.49
CA THR A 108 -22.47 37.85 12.75
C THR A 108 -23.58 36.79 12.81
N GLU A 109 -24.69 37.02 12.11
CA GLU A 109 -25.96 36.24 12.21
C GLU A 109 -26.26 35.58 10.86
N GLU A 110 -26.85 34.38 10.89
CA GLU A 110 -27.19 33.54 9.71
C GLU A 110 -25.93 33.31 8.87
N ARG A 111 -24.83 32.92 9.52
CA ARG A 111 -23.51 32.70 8.86
C ARG A 111 -23.58 31.48 7.94
N ILE A 112 -22.73 31.45 6.92
CA ILE A 112 -22.53 30.26 6.03
C ILE A 112 -22.01 29.13 6.91
N PRO A 113 -22.54 27.88 6.79
CA PRO A 113 -22.11 26.78 7.66
C PRO A 113 -20.62 26.43 7.55
N ASN A 114 -20.07 25.80 8.60
CA ASN A 114 -18.75 25.13 8.56
C ASN A 114 -18.89 23.89 7.66
N ASN A 115 -17.78 23.48 7.01
CA ASN A 115 -17.71 22.34 6.07
C ASN A 115 -18.62 22.59 4.86
N THR A 116 -18.66 23.82 4.37
CA THR A 116 -19.32 24.20 3.09
C THR A 116 -18.47 23.65 1.95
N GLN A 117 -19.12 23.09 0.92
CA GLN A 117 -18.46 22.36 -0.19
C GLN A 117 -18.19 23.30 -1.37
N TRP A 118 -19.13 24.22 -1.66
CA TRP A 118 -18.98 25.29 -2.69
C TRP A 118 -19.74 26.53 -2.25
N VAL A 119 -19.22 27.72 -2.61
CA VAL A 119 -19.91 29.03 -2.49
C VAL A 119 -19.64 29.81 -3.79
N THR A 120 -20.63 30.57 -4.27
CA THR A 120 -20.46 31.50 -5.41
C THR A 120 -21.48 32.63 -5.31
N TRP A 121 -21.02 33.86 -5.59
CA TRP A 121 -21.89 35.04 -5.81
C TRP A 121 -22.70 34.84 -7.10
N SER A 122 -23.87 35.45 -7.16
CA SER A 122 -24.58 35.77 -8.43
C SER A 122 -23.63 36.60 -9.30
N PRO A 123 -23.74 36.58 -10.65
CA PRO A 123 -22.85 37.36 -11.51
C PRO A 123 -23.04 38.89 -11.36
N VAL A 124 -24.20 39.31 -10.84
CA VAL A 124 -24.55 40.72 -10.49
C VAL A 124 -25.16 40.73 -9.09
N GLY A 125 -24.97 41.82 -8.34
CA GLY A 125 -25.56 42.02 -7.00
C GLY A 125 -24.75 41.29 -5.93
N HIS A 126 -25.45 40.69 -4.96
CA HIS A 126 -24.85 40.07 -3.74
C HIS A 126 -25.72 38.89 -3.27
N LYS A 127 -26.24 38.07 -4.20
CA LYS A 127 -26.87 36.76 -3.88
C LYS A 127 -25.77 35.70 -3.79
N LEU A 128 -25.86 34.82 -2.79
CA LEU A 128 -24.95 33.66 -2.56
C LEU A 128 -25.74 32.37 -2.80
N ALA A 129 -25.16 31.44 -3.55
CA ALA A 129 -25.55 30.01 -3.61
C ALA A 129 -24.41 29.16 -3.06
N TYR A 130 -24.66 28.38 -2.00
CA TYR A 130 -23.68 27.45 -1.40
C TYR A 130 -24.26 26.03 -1.33
N VAL A 131 -23.36 25.04 -1.25
CA VAL A 131 -23.67 23.59 -1.13
C VAL A 131 -23.10 23.09 0.21
N TRP A 132 -23.92 22.39 1.00
CA TRP A 132 -23.59 21.86 2.36
C TRP A 132 -24.32 20.53 2.59
N ASN A 133 -23.56 19.46 2.89
CA ASN A 133 -24.05 18.05 2.94
C ASN A 133 -24.74 17.70 1.61
N ASN A 134 -24.11 18.10 0.50
CA ASN A 134 -24.53 17.79 -0.90
C ASN A 134 -25.90 18.41 -1.24
N ASP A 135 -26.35 19.43 -0.50
CA ASP A 135 -27.66 20.11 -0.76
C ASP A 135 -27.41 21.60 -0.99
N ILE A 136 -28.11 22.18 -1.99
CA ILE A 136 -27.96 23.61 -2.42
C ILE A 136 -28.80 24.51 -1.50
N TYR A 137 -28.23 25.65 -1.13
CA TYR A 137 -28.87 26.73 -0.35
C TYR A 137 -28.65 28.07 -1.08
N VAL A 138 -29.58 29.01 -0.92
CA VAL A 138 -29.52 30.38 -1.52
C VAL A 138 -29.76 31.42 -0.41
N LYS A 139 -28.94 32.48 -0.38
CA LYS A 139 -29.12 33.69 0.48
C LYS A 139 -29.27 34.90 -0.43
N ILE A 140 -30.38 35.65 -0.29
CA ILE A 140 -30.65 36.89 -1.09
C ILE A 140 -29.80 38.02 -0.51
N GLU A 141 -29.84 38.20 0.81
CA GLU A 141 -28.95 39.11 1.57
C GLU A 141 -28.01 38.26 2.42
N PRO A 142 -26.70 38.60 2.51
CA PRO A 142 -25.78 37.94 3.43
C PRO A 142 -26.21 37.79 4.90
N ASN A 143 -26.93 38.77 5.43
CA ASN A 143 -27.34 38.82 6.87
C ASN A 143 -28.63 38.01 7.11
N LEU A 144 -29.47 37.81 6.08
CA LEU A 144 -30.78 37.11 6.19
C LEU A 144 -30.59 35.59 6.14
N PRO A 145 -31.55 34.80 6.68
CA PRO A 145 -31.48 33.33 6.60
C PRO A 145 -31.58 32.79 5.16
N SER A 146 -30.98 31.62 4.92
CA SER A 146 -30.89 30.97 3.58
C SER A 146 -32.13 30.10 3.33
N TYR A 147 -32.47 29.89 2.06
CA TYR A 147 -33.58 29.03 1.57
C TYR A 147 -32.97 27.71 1.05
N ARG A 148 -33.41 26.56 1.59
CA ARG A 148 -33.00 25.21 1.13
C ARG A 148 -33.66 24.92 -0.22
N ILE A 149 -32.88 24.50 -1.22
CA ILE A 149 -33.31 24.29 -2.63
C ILE A 149 -33.54 22.80 -2.87
N THR A 150 -32.60 21.94 -2.47
CA THR A 150 -32.65 20.46 -2.62
C THR A 150 -32.66 19.80 -1.22
N TRP A 151 -33.32 18.64 -1.12
CA TRP A 151 -33.44 17.84 0.13
C TRP A 151 -32.86 16.43 -0.04
N THR A 152 -32.49 16.04 -1.27
CA THR A 152 -32.11 14.65 -1.66
C THR A 152 -30.62 14.37 -1.39
N GLY A 153 -29.81 15.40 -1.15
CA GLY A 153 -28.35 15.31 -0.96
C GLY A 153 -27.99 14.28 0.10
N LYS A 154 -27.05 13.38 -0.21
CA LYS A 154 -26.54 12.33 0.71
C LYS A 154 -25.09 12.01 0.33
N GLU A 155 -24.19 11.95 1.32
CA GLU A 155 -22.72 11.78 1.14
C GLU A 155 -22.45 10.52 0.30
N ASP A 156 -21.67 10.67 -0.78
CA ASP A 156 -21.17 9.59 -1.68
C ASP A 156 -22.28 9.02 -2.58
N ILE A 157 -23.51 9.55 -2.54
CA ILE A 157 -24.69 8.97 -3.25
C ILE A 157 -25.32 10.04 -4.15
N ILE A 158 -25.96 11.06 -3.55
CA ILE A 158 -26.67 12.15 -4.29
C ILE A 158 -25.89 13.46 -4.10
N TYR A 159 -25.35 13.99 -5.20
CA TYR A 159 -24.59 15.27 -5.29
C TYR A 159 -25.45 16.33 -5.99
N ASN A 160 -26.01 17.29 -5.23
CA ASN A 160 -26.76 18.46 -5.78
C ASN A 160 -25.83 19.68 -5.79
N GLY A 161 -25.59 20.24 -6.99
CA GLY A 161 -24.85 21.50 -7.16
C GLY A 161 -23.33 21.31 -7.15
N ILE A 162 -22.85 20.10 -6.89
CA ILE A 162 -21.41 19.72 -6.90
C ILE A 162 -21.25 18.46 -7.74
N THR A 163 -20.09 18.26 -8.35
CA THR A 163 -19.74 17.08 -9.18
C THR A 163 -19.34 15.92 -8.26
N ASP A 164 -19.43 14.68 -8.76
CA ASP A 164 -18.81 13.47 -8.16
C ASP A 164 -17.35 13.42 -8.64
N TRP A 165 -16.61 12.35 -8.32
CA TRP A 165 -15.16 12.25 -8.61
C TRP A 165 -14.90 12.43 -10.10
N VAL A 166 -15.58 11.67 -10.95
CA VAL A 166 -15.24 11.51 -12.39
C VAL A 166 -15.69 12.76 -13.16
N TYR A 167 -16.84 13.33 -12.80
CA TYR A 167 -17.36 14.60 -13.39
C TYR A 167 -16.41 15.75 -13.03
N GLU A 168 -15.93 15.79 -11.78
CA GLU A 168 -14.96 16.81 -11.31
C GLU A 168 -13.68 16.76 -12.17
N GLU A 169 -13.09 15.57 -12.30
CA GLU A 169 -11.73 15.37 -12.86
C GLU A 169 -11.76 15.40 -14.39
N GLU A 170 -12.73 14.71 -15.02
CA GLU A 170 -12.66 14.36 -16.47
C GLU A 170 -13.69 15.14 -17.31
N VAL A 171 -14.78 15.65 -16.73
CA VAL A 171 -15.86 16.37 -17.48
C VAL A 171 -15.68 17.88 -17.29
N PHE A 172 -16.00 18.41 -16.10
CA PHE A 172 -16.16 19.86 -15.85
C PHE A 172 -14.84 20.52 -15.39
N SER A 173 -13.83 19.76 -14.96
CA SER A 173 -12.56 20.28 -14.38
C SER A 173 -12.89 21.30 -13.29
N ALA A 174 -13.84 20.96 -12.41
CA ALA A 174 -14.38 21.84 -11.34
C ALA A 174 -15.28 21.02 -10.41
N TYR A 175 -15.30 21.38 -9.13
CA TYR A 175 -16.24 20.82 -8.11
C TYR A 175 -17.64 21.36 -8.36
N SER A 176 -17.74 22.61 -8.84
CA SER A 176 -19.01 23.35 -9.03
C SER A 176 -19.87 22.70 -10.12
N ALA A 177 -21.15 22.47 -9.81
CA ALA A 177 -22.22 22.11 -10.76
C ALA A 177 -23.40 23.08 -10.54
N LEU A 178 -23.07 24.37 -10.54
CA LEU A 178 -23.96 25.50 -10.15
C LEU A 178 -23.74 26.61 -11.18
N TRP A 179 -24.78 27.05 -11.88
CA TRP A 179 -24.71 28.07 -12.97
C TRP A 179 -25.85 29.08 -12.81
N TRP A 180 -25.53 30.29 -12.31
CA TRP A 180 -26.46 31.44 -12.26
C TRP A 180 -26.75 31.93 -13.69
N SER A 181 -27.93 32.54 -13.90
CA SER A 181 -28.28 33.30 -15.13
C SER A 181 -27.56 34.64 -15.10
N PRO A 182 -27.32 35.31 -16.25
CA PRO A 182 -26.53 36.56 -16.30
C PRO A 182 -27.01 37.67 -15.33
N ASN A 183 -28.33 37.85 -15.18
CA ASN A 183 -28.96 38.56 -14.02
C ASN A 183 -29.28 37.46 -12.99
N GLY A 184 -29.27 37.76 -11.69
CA GLY A 184 -29.25 36.73 -10.63
C GLY A 184 -30.59 36.02 -10.42
N THR A 185 -31.39 35.84 -11.47
CA THR A 185 -32.80 35.39 -11.36
C THR A 185 -32.83 33.86 -11.22
N PHE A 186 -32.23 33.17 -12.18
CA PHE A 186 -32.25 31.68 -12.29
C PHE A 186 -30.92 31.12 -11.76
N LEU A 187 -31.01 30.06 -10.97
CA LEU A 187 -29.87 29.20 -10.54
C LEU A 187 -30.08 27.81 -11.16
N ALA A 188 -29.36 27.50 -12.24
CA ALA A 188 -29.30 26.16 -12.85
C ALA A 188 -28.30 25.30 -12.08
N TYR A 189 -28.64 24.02 -11.83
CA TYR A 189 -27.74 23.05 -11.15
C TYR A 189 -27.92 21.64 -11.75
N ALA A 190 -26.85 20.85 -11.73
CA ALA A 190 -26.85 19.41 -12.06
C ALA A 190 -26.98 18.60 -10.76
N GLN A 191 -27.62 17.43 -10.87
CA GLN A 191 -27.70 16.41 -9.78
C GLN A 191 -27.06 15.13 -10.31
N PHE A 192 -26.07 14.61 -9.60
CA PHE A 192 -25.34 13.35 -9.92
C PHE A 192 -25.76 12.27 -8.91
N ASN A 193 -25.99 11.06 -9.39
CA ASN A 193 -26.47 9.89 -8.60
C ASN A 193 -25.46 8.75 -8.77
N ASP A 194 -24.75 8.42 -7.69
CA ASP A 194 -23.61 7.46 -7.64
C ASP A 194 -24.01 6.19 -6.88
N THR A 195 -25.32 5.90 -6.78
CA THR A 195 -25.90 4.78 -5.99
C THR A 195 -25.24 3.45 -6.38
N GLU A 196 -25.16 3.15 -7.67
CA GLU A 196 -24.70 1.84 -8.21
C GLU A 196 -23.25 1.93 -8.70
N VAL A 197 -22.57 3.06 -8.50
CA VAL A 197 -21.15 3.27 -8.92
C VAL A 197 -20.26 2.56 -7.90
N PRO A 198 -19.41 1.58 -8.32
CA PRO A 198 -18.55 0.87 -7.38
C PRO A 198 -17.50 1.80 -6.74
N LEU A 199 -17.05 1.45 -5.54
CA LEU A 199 -16.13 2.26 -4.70
C LEU A 199 -14.70 1.75 -4.88
N ILE A 200 -13.75 2.64 -5.18
CA ILE A 200 -12.29 2.37 -4.97
C ILE A 200 -12.03 2.50 -3.47
N GLU A 201 -11.30 1.53 -2.91
CA GLU A 201 -10.91 1.47 -1.48
C GLU A 201 -9.38 1.42 -1.42
N TYR A 202 -8.79 2.27 -0.59
CA TYR A 202 -7.32 2.31 -0.32
C TYR A 202 -7.10 2.77 1.12
N SER A 203 -5.98 2.33 1.71
CA SER A 203 -5.58 2.66 3.11
C SER A 203 -5.01 4.08 3.14
N PHE A 204 -5.43 4.87 4.15
CA PHE A 204 -4.83 6.18 4.51
C PHE A 204 -4.32 6.05 5.95
N TYR A 205 -3.02 6.23 6.15
CA TYR A 205 -2.30 5.90 7.40
C TYR A 205 -2.30 7.09 8.37
N SER A 206 -2.41 8.32 7.84
CA SER A 206 -2.56 9.59 8.61
C SER A 206 -1.29 9.83 9.44
N ASP A 207 -1.40 10.67 10.48
CA ASP A 207 -0.28 10.97 11.43
C ASP A 207 0.09 9.70 12.20
N GLU A 208 1.33 9.67 12.71
CA GLU A 208 1.93 8.58 13.52
C GLU A 208 0.98 8.14 14.64
N SER A 209 0.29 9.11 15.26
CA SER A 209 -0.63 8.92 16.43
C SER A 209 -1.77 7.94 16.11
N LEU A 210 -2.23 7.84 14.86
CA LEU A 210 -3.41 7.01 14.49
C LEU A 210 -3.02 5.53 14.54
N GLN A 211 -3.67 4.77 15.43
CA GLN A 211 -3.36 3.35 15.73
C GLN A 211 -3.84 2.45 14.58
N TYR A 212 -5.11 2.58 14.18
CA TYR A 212 -5.74 1.80 13.07
C TYR A 212 -5.81 2.67 11.81
N PRO A 213 -5.21 2.25 10.67
CA PRO A 213 -5.35 2.97 9.42
C PRO A 213 -6.83 3.17 9.02
N LYS A 214 -7.14 4.33 8.45
CA LYS A 214 -8.46 4.65 7.85
C LYS A 214 -8.51 4.02 6.45
N THR A 215 -9.67 3.51 6.04
CA THR A 215 -9.97 3.11 4.63
C THR A 215 -10.77 4.25 3.97
N VAL A 216 -10.22 4.83 2.91
CA VAL A 216 -10.87 5.88 2.07
C VAL A 216 -11.72 5.16 1.02
N ARG A 217 -13.00 5.54 0.90
CA ARG A 217 -14.01 4.93 0.01
C ARG A 217 -14.56 6.02 -0.92
N VAL A 218 -14.28 5.92 -2.23
CA VAL A 218 -14.62 6.96 -3.25
C VAL A 218 -15.44 6.30 -4.36
N PRO A 219 -16.68 6.77 -4.65
CA PRO A 219 -17.39 6.33 -5.86
C PRO A 219 -16.59 6.72 -7.11
N TYR A 220 -16.07 5.72 -7.80
CA TYR A 220 -15.12 5.83 -8.95
C TYR A 220 -15.49 4.79 -10.00
N PRO A 221 -16.10 5.16 -11.15
CA PRO A 221 -16.37 4.20 -12.21
C PRO A 221 -15.10 3.93 -13.01
N LYS A 222 -14.55 2.72 -12.92
CA LYS A 222 -13.45 2.23 -13.80
C LYS A 222 -14.04 1.90 -15.18
N ALA A 223 -13.18 1.69 -16.16
CA ALA A 223 -13.56 1.45 -17.58
C ALA A 223 -14.53 0.28 -17.67
N GLY A 224 -15.75 0.53 -18.18
CA GLY A 224 -16.80 -0.49 -18.38
C GLY A 224 -17.78 -0.57 -17.22
N ALA A 225 -17.45 0.00 -16.05
CA ALA A 225 -18.25 -0.10 -14.81
C ALA A 225 -19.51 0.78 -14.89
N VAL A 226 -20.42 0.63 -13.93
CA VAL A 226 -21.67 1.44 -13.82
C VAL A 226 -21.24 2.90 -13.60
N ASN A 227 -21.66 3.80 -14.50
CA ASN A 227 -21.34 5.26 -14.43
C ASN A 227 -22.36 5.96 -13.55
N PRO A 228 -22.06 7.18 -13.05
CA PRO A 228 -23.07 8.00 -12.40
C PRO A 228 -24.11 8.48 -13.43
N THR A 229 -25.37 8.60 -13.00
CA THR A 229 -26.46 9.22 -13.81
C THR A 229 -26.53 10.70 -13.45
N VAL A 230 -27.02 11.52 -14.37
CA VAL A 230 -27.09 13.01 -14.24
C VAL A 230 -28.53 13.46 -14.54
N LYS A 231 -29.00 14.45 -13.77
CA LYS A 231 -30.25 15.22 -14.01
C LYS A 231 -29.90 16.71 -13.99
N PHE A 232 -30.72 17.54 -14.64
CA PHE A 232 -30.49 19.00 -14.77
C PHE A 232 -31.76 19.76 -14.38
N PHE A 233 -31.62 20.76 -13.50
CA PHE A 233 -32.69 21.55 -12.88
C PHE A 233 -32.40 23.05 -13.05
N VAL A 234 -33.45 23.88 -12.99
CA VAL A 234 -33.38 25.37 -12.95
C VAL A 234 -34.38 25.86 -11.88
N VAL A 235 -33.98 26.83 -11.06
CA VAL A 235 -34.79 27.40 -9.94
C VAL A 235 -34.85 28.93 -10.08
N ASN A 236 -36.01 29.53 -9.80
CA ASN A 236 -36.24 30.99 -9.80
C ASN A 236 -35.96 31.52 -8.39
N THR A 237 -34.88 32.28 -8.20
CA THR A 237 -34.42 32.80 -6.89
C THR A 237 -35.20 34.07 -6.50
N ASP A 238 -35.80 34.77 -7.47
CA ASP A 238 -36.63 35.98 -7.23
C ASP A 238 -37.95 35.58 -6.54
N SER A 239 -38.53 34.43 -6.91
CA SER A 239 -39.82 33.92 -6.38
C SER A 239 -39.57 32.78 -5.37
N LEU A 240 -38.80 33.06 -4.32
CA LEU A 240 -38.56 32.15 -3.16
C LEU A 240 -39.36 32.66 -1.96
N SER A 241 -40.17 31.78 -1.36
CA SER A 241 -41.00 32.07 -0.16
C SER A 241 -40.37 31.44 1.09
N SER A 242 -40.48 32.12 2.23
CA SER A 242 -40.07 31.64 3.57
C SER A 242 -40.95 30.46 4.01
N VAL A 243 -42.22 30.46 3.59
CA VAL A 243 -43.24 29.42 3.94
C VAL A 243 -43.02 28.18 3.05
N THR A 244 -43.21 28.34 1.73
CA THR A 244 -43.31 27.23 0.74
C THR A 244 -41.91 26.81 0.25
N ASN A 245 -41.75 25.53 -0.11
CA ASN A 245 -40.51 24.95 -0.68
C ASN A 245 -40.30 25.52 -2.10
N ALA A 246 -39.04 25.64 -2.52
CA ALA A 246 -38.65 26.11 -3.87
C ALA A 246 -38.97 25.03 -4.90
N THR A 247 -39.53 25.43 -6.05
CA THR A 247 -39.87 24.54 -7.20
C THR A 247 -38.66 24.50 -8.15
N SER A 248 -38.11 23.30 -8.37
CA SER A 248 -37.03 23.02 -9.35
C SER A 248 -37.64 22.42 -10.61
N ILE A 249 -37.52 23.10 -11.76
CA ILE A 249 -38.02 22.63 -13.09
C ILE A 249 -36.90 21.83 -13.75
N GLN A 250 -37.15 20.55 -14.04
CA GLN A 250 -36.17 19.64 -14.70
C GLN A 250 -36.16 19.92 -16.20
N ILE A 251 -34.97 20.06 -16.79
CA ILE A 251 -34.74 20.00 -18.25
C ILE A 251 -34.26 18.58 -18.57
N THR A 252 -35.10 17.80 -19.26
CA THR A 252 -34.80 16.42 -19.70
C THR A 252 -33.75 16.48 -20.82
N ALA A 253 -32.87 15.49 -20.90
CA ALA A 253 -31.86 15.35 -21.97
C ALA A 253 -32.57 14.98 -23.27
N PRO A 254 -31.96 15.21 -24.45
CA PRO A 254 -32.56 14.77 -25.72
C PRO A 254 -32.87 13.26 -25.78
N ALA A 255 -33.83 12.89 -26.63
CA ALA A 255 -34.28 11.50 -26.86
C ALA A 255 -33.12 10.63 -27.37
N SER A 256 -32.20 11.20 -28.16
CA SER A 256 -31.03 10.50 -28.74
C SER A 256 -29.98 10.15 -27.67
N MET A 257 -30.08 10.73 -26.46
CA MET A 257 -29.17 10.47 -25.31
C MET A 257 -29.79 9.49 -24.31
N LEU A 258 -31.11 9.56 -24.07
CA LEU A 258 -31.83 8.74 -23.05
C LEU A 258 -31.88 7.25 -23.48
N ILE A 259 -31.67 6.94 -24.76
CA ILE A 259 -31.59 5.54 -25.30
C ILE A 259 -30.62 4.70 -24.45
N GLY A 260 -29.46 5.27 -24.07
CA GLY A 260 -28.40 4.57 -23.31
C GLY A 260 -27.74 5.46 -22.27
N ASP A 261 -26.47 5.21 -21.97
CA ASP A 261 -25.65 5.97 -20.98
C ASP A 261 -25.10 7.24 -21.65
N HIS A 262 -25.21 8.37 -20.96
CA HIS A 262 -24.86 9.73 -21.46
C HIS A 262 -24.18 10.55 -20.36
N TYR A 263 -23.48 11.61 -20.76
CA TYR A 263 -22.90 12.65 -19.88
C TYR A 263 -23.51 14.01 -20.21
N LEU A 264 -23.66 14.87 -19.19
CA LEU A 264 -23.81 16.35 -19.34
C LEU A 264 -22.40 16.96 -19.35
N CYS A 265 -21.93 17.44 -20.50
CA CYS A 265 -20.51 17.84 -20.71
C CYS A 265 -20.33 19.37 -20.81
N ASP A 266 -21.39 20.18 -20.90
CA ASP A 266 -21.28 21.66 -20.97
C ASP A 266 -22.63 22.34 -20.67
N VAL A 267 -22.58 23.47 -19.95
CA VAL A 267 -23.75 24.29 -19.53
C VAL A 267 -23.37 25.77 -19.69
N THR A 268 -24.01 26.50 -20.62
CA THR A 268 -23.69 27.90 -20.99
C THR A 268 -24.99 28.69 -21.17
N TRP A 269 -25.23 29.70 -20.32
CA TRP A 269 -26.36 30.65 -20.45
C TRP A 269 -26.15 31.53 -21.69
N ALA A 270 -27.14 31.60 -22.59
CA ALA A 270 -27.10 32.38 -23.85
C ALA A 270 -27.58 33.80 -23.56
N THR A 271 -28.77 33.93 -22.96
CA THR A 271 -29.42 35.22 -22.56
C THR A 271 -29.93 35.08 -21.11
N GLN A 272 -30.85 35.95 -20.69
CA GLN A 272 -31.54 35.88 -19.38
C GLN A 272 -32.61 34.77 -19.41
N GLU A 273 -33.11 34.41 -20.59
CA GLU A 273 -34.28 33.52 -20.82
C GLU A 273 -33.87 32.25 -21.59
N ARG A 274 -32.57 31.98 -21.75
CA ARG A 274 -32.07 30.86 -22.61
C ARG A 274 -30.83 30.21 -21.98
N ILE A 275 -30.86 28.88 -21.82
CA ILE A 275 -29.69 28.01 -21.45
C ILE A 275 -29.38 27.10 -22.64
N SER A 276 -28.10 26.95 -22.97
CA SER A 276 -27.61 25.89 -23.90
C SER A 276 -26.97 24.77 -23.07
N LEU A 277 -27.44 23.54 -23.24
CA LEU A 277 -26.87 22.29 -22.65
C LEU A 277 -26.28 21.43 -23.77
N GLN A 278 -25.04 20.94 -23.60
CA GLN A 278 -24.44 19.90 -24.47
C GLN A 278 -24.45 18.57 -23.71
N TRP A 279 -24.81 17.48 -24.41
CA TRP A 279 -24.82 16.09 -23.91
C TRP A 279 -23.91 15.24 -24.78
N LEU A 280 -23.29 14.22 -24.18
CA LEU A 280 -22.33 13.31 -24.85
C LEU A 280 -22.71 11.86 -24.51
N ARG A 281 -22.80 10.99 -25.51
CA ARG A 281 -23.05 9.53 -25.32
C ARG A 281 -21.84 8.90 -24.64
N ARG A 282 -22.05 7.79 -23.91
CA ARG A 282 -20.97 7.06 -23.20
C ARG A 282 -19.90 6.62 -24.22
N ILE A 283 -20.33 6.22 -25.42
CA ILE A 283 -19.47 6.18 -26.64
C ILE A 283 -19.41 7.63 -27.14
N GLN A 284 -18.23 8.26 -27.05
CA GLN A 284 -18.05 9.73 -27.16
C GLN A 284 -17.76 10.13 -28.61
N ASN A 285 -18.54 9.59 -29.57
CA ASN A 285 -18.44 9.88 -31.02
C ASN A 285 -19.68 10.68 -31.47
N TYR A 286 -20.58 11.04 -30.56
CA TYR A 286 -21.91 11.65 -30.84
C TYR A 286 -22.28 12.58 -29.69
N SER A 287 -22.37 13.89 -29.97
CA SER A 287 -22.72 14.97 -29.02
C SER A 287 -23.92 15.76 -29.55
N VAL A 288 -24.80 16.22 -28.65
CA VAL A 288 -26.03 16.99 -28.98
C VAL A 288 -26.06 18.26 -28.12
N MET A 289 -26.06 19.43 -28.77
CA MET A 289 -26.33 20.74 -28.14
C MET A 289 -27.85 21.00 -28.16
N ASP A 290 -28.45 21.16 -26.98
CA ASP A 290 -29.88 21.53 -26.77
C ASP A 290 -29.93 23.04 -26.48
N ILE A 291 -30.98 23.73 -26.93
CA ILE A 291 -31.24 25.17 -26.65
C ILE A 291 -32.62 25.29 -26.00
N CYS A 292 -32.66 25.73 -24.73
CA CYS A 292 -33.85 25.68 -23.83
C CYS A 292 -34.28 27.10 -23.45
N ASP A 293 -35.53 27.47 -23.75
CA ASP A 293 -36.12 28.81 -23.53
C ASP A 293 -37.12 28.75 -22.37
N TYR A 294 -37.15 29.81 -21.55
CA TYR A 294 -38.14 30.05 -20.46
C TYR A 294 -39.47 30.48 -21.08
N ASP A 295 -40.57 29.77 -20.75
CA ASP A 295 -41.96 30.17 -21.05
C ASP A 295 -42.47 30.96 -19.85
N GLU A 296 -42.67 32.27 -20.00
CA GLU A 296 -43.04 33.23 -18.91
C GLU A 296 -44.43 32.89 -18.34
N SER A 297 -45.33 32.34 -19.17
CA SER A 297 -46.73 31.98 -18.81
C SER A 297 -46.76 30.73 -17.92
N SER A 298 -46.31 29.59 -18.43
CA SER A 298 -46.32 28.27 -17.73
C SER A 298 -45.28 28.27 -16.60
N GLY A 299 -44.14 28.95 -16.78
CA GLY A 299 -42.99 28.91 -15.85
C GLY A 299 -42.08 27.71 -16.13
N ARG A 300 -42.19 27.11 -17.31
CA ARG A 300 -41.46 25.88 -17.74
C ARG A 300 -40.23 26.28 -18.58
N TRP A 301 -39.40 25.29 -18.89
CA TRP A 301 -38.23 25.41 -19.82
C TRP A 301 -38.42 24.40 -20.95
N ASN A 302 -38.71 24.89 -22.17
CA ASN A 302 -39.01 24.08 -23.37
C ASN A 302 -37.80 24.10 -24.31
N CYS A 303 -37.31 22.93 -24.71
CA CYS A 303 -36.10 22.72 -25.55
C CYS A 303 -36.52 22.15 -26.90
N LEU A 304 -37.01 23.01 -27.81
CA LEU A 304 -37.56 22.65 -29.15
C LEU A 304 -36.56 21.77 -29.90
N VAL A 305 -37.05 20.68 -30.50
CA VAL A 305 -36.24 19.56 -31.06
C VAL A 305 -35.49 20.04 -32.30
N ALA A 306 -36.09 20.94 -33.09
CA ALA A 306 -35.55 21.48 -34.36
C ALA A 306 -34.27 22.31 -34.11
N ARG A 307 -34.16 22.95 -32.94
CA ARG A 307 -33.01 23.84 -32.57
C ARG A 307 -31.74 23.02 -32.25
N GLN A 308 -31.86 21.71 -31.98
CA GLN A 308 -30.74 20.81 -31.62
C GLN A 308 -29.64 20.86 -32.69
N HIS A 309 -28.37 20.89 -32.26
CA HIS A 309 -27.16 20.83 -33.13
C HIS A 309 -26.34 19.58 -32.77
N ILE A 310 -26.13 18.71 -33.75
CA ILE A 310 -25.43 17.40 -33.59
C ILE A 310 -23.99 17.56 -34.06
N GLU A 311 -23.03 17.18 -33.21
CA GLU A 311 -21.58 17.10 -33.51
C GLU A 311 -21.14 15.64 -33.35
N MET A 312 -20.52 15.07 -34.39
CA MET A 312 -20.07 13.65 -34.39
C MET A 312 -18.72 13.52 -35.09
N SER A 313 -17.96 12.48 -34.73
CA SER A 313 -16.66 12.11 -35.34
C SER A 313 -16.73 10.67 -35.84
N THR A 314 -16.16 10.41 -37.01
CA THR A 314 -15.97 9.06 -37.62
C THR A 314 -14.53 8.57 -37.37
N THR A 315 -13.55 9.48 -37.34
CA THR A 315 -12.11 9.19 -37.15
C THR A 315 -11.77 8.90 -35.68
N GLY A 316 -12.53 9.44 -34.71
CA GLY A 316 -12.29 9.19 -33.28
C GLY A 316 -13.41 9.69 -32.37
N TRP A 317 -13.09 10.67 -31.52
CA TRP A 317 -13.96 11.20 -30.43
C TRP A 317 -14.31 12.66 -30.70
N VAL A 318 -15.35 13.17 -30.03
CA VAL A 318 -15.85 14.56 -30.19
C VAL A 318 -14.98 15.50 -29.34
N GLY A 319 -14.44 16.55 -29.96
CA GLY A 319 -13.62 17.58 -29.30
C GLY A 319 -12.23 17.09 -28.96
N ARG A 320 -11.43 17.94 -28.31
CA ARG A 320 -10.03 17.63 -27.89
C ARG A 320 -10.08 16.68 -26.69
N PHE A 321 -10.88 17.05 -25.67
CA PHE A 321 -11.21 16.22 -24.48
C PHE A 321 -12.73 16.12 -24.29
N ARG A 322 -13.49 17.14 -24.70
CA ARG A 322 -14.98 17.16 -24.67
C ARG A 322 -15.48 18.10 -25.76
N PRO A 323 -16.79 18.08 -26.11
CA PRO A 323 -17.35 19.10 -27.01
C PRO A 323 -17.03 20.53 -26.50
N SER A 324 -16.54 21.39 -27.40
CA SER A 324 -16.06 22.77 -27.11
C SER A 324 -17.22 23.65 -26.63
N GLU A 325 -16.92 24.68 -25.82
CA GLU A 325 -17.93 25.63 -25.27
C GLU A 325 -18.42 26.55 -26.40
N PRO A 326 -19.73 26.89 -26.43
CA PRO A 326 -20.25 27.88 -27.39
C PRO A 326 -20.07 29.31 -26.88
N HIS A 327 -19.82 30.27 -27.78
CA HIS A 327 -19.72 31.72 -27.48
C HIS A 327 -20.85 32.46 -28.17
N PHE A 328 -21.90 32.82 -27.42
CA PHE A 328 -23.16 33.42 -27.92
C PHE A 328 -22.93 34.91 -28.23
N THR A 329 -23.52 35.37 -29.35
CA THR A 329 -23.74 36.81 -29.64
C THR A 329 -24.68 37.36 -28.56
N LEU A 330 -24.70 38.68 -28.33
CA LEU A 330 -25.40 39.30 -27.19
C LEU A 330 -26.91 38.98 -27.24
N ASP A 331 -27.51 38.90 -28.43
CA ASP A 331 -28.96 38.58 -28.60
C ASP A 331 -29.23 37.10 -28.29
N GLY A 332 -28.23 36.23 -28.45
CA GLY A 332 -28.30 34.79 -28.14
C GLY A 332 -28.97 33.97 -29.24
N ASN A 333 -29.16 34.56 -30.43
CA ASN A 333 -29.77 33.90 -31.63
C ASN A 333 -28.67 33.32 -32.53
N SER A 334 -27.40 33.45 -32.14
CA SER A 334 -26.24 32.85 -32.83
C SER A 334 -25.11 32.61 -31.83
N PHE A 335 -24.13 31.78 -32.20
CA PHE A 335 -22.93 31.51 -31.38
C PHE A 335 -21.78 31.03 -32.27
N TYR A 336 -20.57 31.02 -31.69
CA TYR A 336 -19.32 30.55 -32.31
C TYR A 336 -18.79 29.38 -31.48
N LYS A 337 -18.16 28.40 -32.14
CA LYS A 337 -17.77 27.08 -31.57
C LYS A 337 -16.62 26.52 -32.40
N ILE A 338 -15.53 26.09 -31.74
CA ILE A 338 -14.37 25.43 -32.41
C ILE A 338 -14.82 24.00 -32.75
N ILE A 339 -14.79 23.64 -34.04
CA ILE A 339 -15.24 22.33 -34.60
C ILE A 339 -14.14 21.83 -35.55
N SER A 340 -13.99 20.52 -35.69
CA SER A 340 -13.09 19.87 -36.66
C SER A 340 -13.70 19.99 -38.06
N ASN A 341 -12.95 20.54 -39.02
CA ASN A 341 -13.42 20.79 -40.42
C ASN A 341 -13.25 19.51 -41.25
N GLU A 342 -13.52 19.59 -42.56
CA GLU A 342 -13.49 18.45 -43.52
C GLU A 342 -12.06 17.87 -43.61
N GLU A 343 -11.03 18.72 -43.52
CA GLU A 343 -9.60 18.33 -43.62
C GLU A 343 -9.06 17.84 -42.27
N GLY A 344 -9.87 17.91 -41.19
CA GLY A 344 -9.55 17.37 -39.85
C GLY A 344 -8.89 18.38 -38.93
N TYR A 345 -8.79 19.65 -39.33
CA TYR A 345 -8.20 20.75 -38.51
C TYR A 345 -9.33 21.51 -37.80
N ARG A 346 -9.08 21.95 -36.57
CA ARG A 346 -10.08 22.59 -35.67
C ARG A 346 -10.11 24.09 -35.95
N HIS A 347 -11.30 24.63 -36.23
CA HIS A 347 -11.53 26.04 -36.66
C HIS A 347 -12.90 26.53 -36.16
N ILE A 348 -13.10 27.86 -36.16
CA ILE A 348 -14.32 28.51 -35.62
C ILE A 348 -15.45 28.32 -36.64
N CYS A 349 -16.63 27.91 -36.17
CA CYS A 349 -17.85 27.70 -37.00
C CYS A 349 -18.97 28.61 -36.46
N TYR A 350 -19.60 29.38 -37.35
CA TYR A 350 -20.73 30.32 -37.04
C TYR A 350 -22.05 29.55 -37.13
N PHE A 351 -22.74 29.41 -35.99
CA PHE A 351 -24.08 28.78 -35.85
C PHE A 351 -25.14 29.87 -35.69
N GLN A 352 -26.23 29.79 -36.48
CA GLN A 352 -27.49 30.57 -36.29
C GLN A 352 -28.57 29.60 -35.77
N ILE A 353 -29.35 30.03 -34.78
CA ILE A 353 -30.08 29.15 -33.82
C ILE A 353 -31.12 28.28 -34.56
N ASP A 354 -31.93 28.86 -35.45
CA ASP A 354 -33.03 28.17 -36.17
C ASP A 354 -32.63 27.89 -37.63
N LYS A 355 -31.33 27.69 -37.89
CA LYS A 355 -30.77 27.29 -39.20
C LYS A 355 -29.87 26.07 -39.00
N LYS A 356 -29.92 25.11 -39.92
CA LYS A 356 -29.12 23.84 -39.84
C LYS A 356 -27.67 24.15 -40.25
N ASP A 357 -26.73 23.34 -39.75
CA ASP A 357 -25.27 23.42 -40.04
C ASP A 357 -24.67 24.74 -39.52
N CYS A 358 -23.38 24.96 -39.77
CA CYS A 358 -22.62 26.20 -39.43
C CYS A 358 -21.73 26.62 -40.61
N THR A 359 -21.23 27.86 -40.59
CA THR A 359 -20.30 28.44 -41.59
C THR A 359 -18.89 28.55 -40.96
N PHE A 360 -17.87 28.06 -41.66
CA PHE A 360 -16.46 28.12 -41.22
C PHE A 360 -15.92 29.53 -41.47
N ILE A 361 -15.42 30.17 -40.42
CA ILE A 361 -14.87 31.55 -40.39
C ILE A 361 -13.34 31.51 -40.59
N THR A 362 -12.70 30.42 -40.16
CA THR A 362 -11.23 30.19 -40.23
C THR A 362 -10.94 28.86 -40.95
N LYS A 363 -9.78 28.77 -41.61
CA LYS A 363 -9.34 27.60 -42.42
C LYS A 363 -7.80 27.56 -42.47
N GLY A 364 -7.22 26.41 -42.83
CA GLY A 364 -5.77 26.23 -43.07
C GLY A 364 -5.18 25.07 -42.28
N THR A 365 -3.92 24.73 -42.56
CA THR A 365 -3.14 23.65 -41.89
C THR A 365 -2.58 24.19 -40.56
N TRP A 366 -3.49 24.46 -39.62
CA TRP A 366 -3.23 24.95 -38.24
C TRP A 366 -4.57 24.91 -37.48
N GLU A 367 -4.55 25.16 -36.17
CA GLU A 367 -5.75 24.98 -35.30
C GLU A 367 -5.99 26.23 -34.45
N VAL A 368 -7.27 26.59 -34.28
CA VAL A 368 -7.74 27.58 -33.27
C VAL A 368 -7.77 26.85 -31.93
N ILE A 369 -7.03 27.37 -30.93
CA ILE A 369 -6.92 26.78 -29.58
C ILE A 369 -8.19 27.13 -28.79
N GLY A 370 -8.61 28.40 -28.85
CA GLY A 370 -9.70 28.96 -28.02
C GLY A 370 -10.29 30.21 -28.63
N ILE A 371 -11.60 30.41 -28.43
CA ILE A 371 -12.32 31.69 -28.68
C ILE A 371 -12.33 32.45 -27.35
N GLU A 372 -11.74 33.65 -27.31
CA GLU A 372 -11.37 34.38 -26.07
C GLU A 372 -12.33 35.54 -25.77
N ALA A 373 -12.93 36.16 -26.79
CA ALA A 373 -13.88 37.31 -26.64
C ALA A 373 -14.65 37.55 -27.94
N LEU A 374 -15.82 38.17 -27.85
CA LEU A 374 -16.76 38.42 -28.99
C LEU A 374 -17.44 39.77 -28.81
N THR A 375 -17.25 40.66 -29.80
CA THR A 375 -17.99 41.95 -29.97
C THR A 375 -18.86 41.86 -31.22
N SER A 376 -19.64 42.91 -31.50
CA SER A 376 -20.43 43.07 -32.75
C SER A 376 -19.50 43.19 -33.96
N ASP A 377 -18.28 43.71 -33.77
CA ASP A 377 -17.30 43.99 -34.86
C ASP A 377 -16.30 42.84 -35.04
N TYR A 378 -15.79 42.27 -33.94
CA TYR A 378 -14.65 41.32 -33.95
C TYR A 378 -14.89 40.13 -33.02
N LEU A 379 -14.40 38.94 -33.43
CA LEU A 379 -14.19 37.74 -32.57
C LEU A 379 -12.69 37.60 -32.33
N TYR A 380 -12.26 37.58 -31.06
CA TYR A 380 -10.86 37.41 -30.62
C TYR A 380 -10.61 35.94 -30.26
N TYR A 381 -9.58 35.34 -30.85
CA TYR A 381 -9.23 33.89 -30.71
C TYR A 381 -7.70 33.72 -30.60
N ILE A 382 -7.26 32.63 -29.98
CA ILE A 382 -5.84 32.18 -29.95
C ILE A 382 -5.69 31.00 -30.92
N SER A 383 -4.57 30.94 -31.64
CA SER A 383 -4.24 29.87 -32.62
C SER A 383 -2.71 29.69 -32.71
N ASN A 384 -2.28 28.68 -33.47
CA ASN A 384 -0.84 28.30 -33.66
C ASN A 384 -0.46 28.53 -35.13
N GLU A 385 -1.01 29.57 -35.76
CA GLU A 385 -0.83 29.86 -37.21
C GLU A 385 0.59 30.38 -37.48
N TYR A 386 1.09 31.28 -36.63
CA TYR A 386 2.30 32.11 -36.88
C TYR A 386 3.52 31.22 -37.12
N LYS A 387 4.15 31.38 -38.30
CA LYS A 387 5.38 30.67 -38.75
C LYS A 387 5.15 29.15 -38.78
N GLY A 388 3.90 28.70 -38.92
CA GLY A 388 3.48 27.28 -38.92
C GLY A 388 4.07 26.47 -37.78
N MET A 389 4.09 27.03 -36.56
CA MET A 389 4.63 26.40 -35.32
C MET A 389 3.47 25.95 -34.44
N PRO A 390 3.15 24.65 -34.35
CA PRO A 390 2.07 24.17 -33.47
C PRO A 390 2.27 24.48 -31.97
N GLY A 391 3.53 24.55 -31.53
CA GLY A 391 3.92 24.81 -30.13
C GLY A 391 3.96 26.28 -29.78
N GLY A 392 3.69 27.17 -30.76
CA GLY A 392 3.49 28.62 -30.54
C GLY A 392 2.02 28.96 -30.43
N ARG A 393 1.69 30.01 -29.66
CA ARG A 393 0.30 30.52 -29.45
C ARG A 393 0.29 32.05 -29.58
N ASN A 394 -0.66 32.60 -30.35
CA ASN A 394 -0.80 34.06 -30.60
C ASN A 394 -2.27 34.47 -30.60
N LEU A 395 -2.56 35.67 -30.09
CA LEU A 395 -3.91 36.29 -30.10
C LEU A 395 -4.16 36.89 -31.48
N TYR A 396 -5.25 36.47 -32.14
CA TYR A 396 -5.74 37.01 -33.43
C TYR A 396 -7.12 37.64 -33.23
N LYS A 397 -7.57 38.35 -34.26
CA LYS A 397 -8.84 39.10 -34.31
C LYS A 397 -9.38 38.99 -35.74
N ILE A 398 -10.63 38.55 -35.91
CA ILE A 398 -11.28 38.38 -37.24
C ILE A 398 -12.46 39.35 -37.33
N GLN A 399 -12.49 40.13 -38.42
CA GLN A 399 -13.58 41.10 -38.74
C GLN A 399 -14.81 40.30 -39.16
N LEU A 400 -15.91 40.39 -38.41
CA LEU A 400 -17.15 39.57 -38.63
C LEU A 400 -17.87 40.02 -39.91
N SER A 401 -17.59 41.23 -40.42
CA SER A 401 -18.13 41.78 -41.68
C SER A 401 -17.29 41.38 -42.90
N ASP A 402 -16.08 40.85 -42.70
CA ASP A 402 -15.20 40.33 -43.79
C ASP A 402 -14.19 39.34 -43.19
N TYR A 403 -14.45 38.04 -43.36
CA TYR A 403 -13.68 36.93 -42.72
C TYR A 403 -12.24 36.87 -43.24
N THR A 404 -11.94 37.48 -44.39
CA THR A 404 -10.56 37.56 -44.95
C THR A 404 -9.68 38.54 -44.14
N LYS A 405 -10.27 39.50 -43.43
CA LYS A 405 -9.55 40.54 -42.65
C LYS A 405 -9.18 39.98 -41.26
N VAL A 406 -8.05 39.24 -41.19
CA VAL A 406 -7.50 38.63 -39.95
C VAL A 406 -6.22 39.40 -39.56
N THR A 407 -6.15 39.87 -38.31
CA THR A 407 -5.03 40.67 -37.74
C THR A 407 -4.46 39.94 -36.51
N CYS A 408 -3.15 39.64 -36.52
CA CYS A 408 -2.42 39.15 -35.32
C CYS A 408 -2.15 40.34 -34.38
N LEU A 409 -2.60 40.25 -33.13
CA LEU A 409 -2.48 41.32 -32.10
C LEU A 409 -1.23 41.12 -31.23
N SER A 410 -0.65 39.92 -31.23
CA SER A 410 0.45 39.50 -30.31
C SER A 410 1.76 39.20 -31.07
N CYS A 411 1.68 38.61 -32.27
CA CYS A 411 2.83 38.11 -33.07
C CYS A 411 4.06 39.02 -32.95
N GLU A 412 3.90 40.32 -33.23
CA GLU A 412 5.02 41.27 -33.51
C GLU A 412 5.32 42.18 -32.32
N LEU A 413 4.72 41.96 -31.14
CA LEU A 413 4.99 42.78 -29.92
C LEU A 413 6.44 42.62 -29.48
N ASN A 414 6.95 41.39 -29.45
CA ASN A 414 8.38 41.05 -29.20
C ASN A 414 8.63 39.64 -29.73
N PRO A 415 8.92 39.45 -31.03
CA PRO A 415 8.93 38.12 -31.64
C PRO A 415 10.08 37.19 -31.24
N GLU A 416 11.17 37.72 -30.65
CA GLU A 416 12.32 36.92 -30.13
C GLU A 416 12.00 36.41 -28.71
N ARG A 417 11.40 37.25 -27.87
CA ARG A 417 11.08 36.94 -26.45
C ARG A 417 9.78 36.13 -26.33
N CYS A 418 8.76 36.43 -27.15
CA CYS A 418 7.34 36.03 -26.93
C CYS A 418 6.73 35.36 -28.18
N GLN A 419 6.52 34.04 -28.10
CA GLN A 419 5.84 33.21 -29.14
C GLN A 419 4.73 32.35 -28.51
N TYR A 420 4.33 32.61 -27.26
CA TYR A 420 3.31 31.80 -26.53
C TYR A 420 2.48 32.73 -25.64
N TYR A 421 1.29 33.10 -26.12
CA TYR A 421 0.38 34.09 -25.49
C TYR A 421 -0.88 33.39 -24.98
N SER A 422 -1.35 33.81 -23.82
CA SER A 422 -2.75 33.65 -23.33
C SER A 422 -3.32 35.05 -23.07
N VAL A 423 -4.64 35.19 -22.95
CA VAL A 423 -5.31 36.52 -22.89
C VAL A 423 -6.44 36.51 -21.86
N SER A 424 -6.73 37.67 -21.29
CA SER A 424 -7.87 37.96 -20.38
C SER A 424 -8.50 39.28 -20.79
N PHE A 425 -9.67 39.24 -21.43
CA PHE A 425 -10.44 40.45 -21.87
C PHE A 425 -11.29 40.97 -20.71
N SER A 426 -11.55 42.28 -20.71
CA SER A 426 -12.52 42.97 -19.81
C SER A 426 -13.95 42.57 -20.22
N LYS A 427 -14.95 42.89 -19.39
CA LYS A 427 -16.33 42.33 -19.45
C LYS A 427 -16.93 42.48 -20.86
N GLU A 428 -16.71 43.60 -21.55
CA GLU A 428 -17.22 43.84 -22.94
C GLU A 428 -16.04 44.01 -23.92
N ALA A 429 -14.87 43.45 -23.58
CA ALA A 429 -13.67 43.34 -24.45
C ALA A 429 -13.17 44.72 -24.89
N LYS A 430 -13.17 45.71 -23.99
CA LYS A 430 -12.61 47.06 -24.26
C LYS A 430 -11.08 47.03 -24.08
N TYR A 431 -10.60 46.32 -23.06
CA TYR A 431 -9.16 46.13 -22.76
C TYR A 431 -8.87 44.63 -22.66
N TYR A 432 -7.62 44.22 -22.93
CA TYR A 432 -7.13 42.84 -22.70
C TYR A 432 -5.72 42.86 -22.10
N GLN A 433 -5.50 41.96 -21.12
CA GLN A 433 -4.16 41.58 -20.60
C GLN A 433 -3.62 40.45 -21.48
N LEU A 434 -2.48 40.69 -22.14
CA LEU A 434 -1.70 39.61 -22.80
C LEU A 434 -0.70 39.04 -21.78
N ARG A 435 -0.55 37.72 -21.77
CA ARG A 435 0.37 36.97 -20.88
C ARG A 435 1.30 36.13 -21.76
N CYS A 436 2.56 36.56 -21.88
CA CYS A 436 3.67 35.87 -22.60
C CYS A 436 4.29 34.84 -21.64
N SER A 437 4.56 33.62 -22.12
CA SER A 437 5.07 32.47 -21.31
C SER A 437 6.45 31.99 -21.77
N GLY A 438 6.96 32.49 -22.90
CA GLY A 438 8.26 32.06 -23.46
C GLY A 438 8.41 32.43 -24.93
N PRO A 439 9.56 32.13 -25.59
CA PRO A 439 10.69 31.43 -24.96
C PRO A 439 11.52 32.23 -23.94
N GLY A 440 11.39 33.55 -23.91
CA GLY A 440 12.02 34.43 -22.91
C GLY A 440 11.23 34.44 -21.61
N LEU A 441 11.60 35.31 -20.67
CA LEU A 441 10.91 35.41 -19.36
C LEU A 441 9.48 35.88 -19.60
N PRO A 442 8.48 35.42 -18.80
CA PRO A 442 7.11 35.90 -18.94
C PRO A 442 6.98 37.43 -18.88
N LEU A 443 6.09 37.98 -19.72
CA LEU A 443 5.85 39.44 -19.87
C LEU A 443 4.34 39.70 -19.88
N TYR A 444 3.84 40.48 -18.93
CA TYR A 444 2.40 40.80 -18.74
C TYR A 444 2.16 42.26 -19.18
N THR A 445 1.40 42.45 -20.27
CA THR A 445 1.13 43.77 -20.92
C THR A 445 -0.38 44.00 -20.99
N LEU A 446 -0.85 45.22 -20.68
CA LEU A 446 -2.27 45.64 -20.85
C LEU A 446 -2.41 46.43 -22.16
N HIS A 447 -3.54 46.25 -22.85
CA HIS A 447 -3.83 46.84 -24.18
C HIS A 447 -5.29 47.34 -24.23
N SER A 448 -5.59 48.23 -25.19
CA SER A 448 -6.96 48.73 -25.52
C SER A 448 -7.39 48.09 -26.85
N SER A 449 -8.62 47.56 -26.89
CA SER A 449 -9.21 46.85 -28.07
C SER A 449 -9.46 47.81 -29.23
N VAL A 450 -9.71 49.08 -28.95
CA VAL A 450 -10.21 50.10 -29.93
C VAL A 450 -9.23 50.19 -31.10
N ASN A 451 -7.96 50.53 -30.81
CA ASN A 451 -6.88 50.69 -31.81
C ASN A 451 -5.79 49.61 -31.62
N ASP A 452 -5.98 48.66 -30.70
CA ASP A 452 -4.99 47.60 -30.34
C ASP A 452 -3.69 48.27 -29.86
N LYS A 453 -3.82 49.35 -29.07
CA LYS A 453 -2.67 50.16 -28.57
C LYS A 453 -2.08 49.49 -27.34
N GLY A 454 -0.74 49.35 -27.27
CA GLY A 454 -0.02 48.94 -26.06
C GLY A 454 -0.02 50.06 -25.03
N LEU A 455 -0.82 49.93 -23.97
CA LEU A 455 -0.98 50.96 -22.91
C LEU A 455 0.23 50.95 -21.98
N ARG A 456 0.57 49.77 -21.44
CA ARG A 456 1.36 49.61 -20.19
C ARG A 456 2.09 48.26 -20.18
N VAL A 457 3.16 48.17 -19.40
CA VAL A 457 3.77 46.88 -18.94
C VAL A 457 3.39 46.71 -17.46
N LEU A 458 2.94 45.51 -17.09
CA LEU A 458 2.40 45.18 -15.74
C LEU A 458 3.49 44.44 -14.94
N GLU A 459 4.12 43.42 -15.55
CA GLU A 459 5.26 42.66 -14.96
C GLU A 459 6.14 42.13 -16.11
N ASP A 460 7.44 42.45 -16.07
CA ASP A 460 8.45 42.12 -17.12
C ASP A 460 9.50 41.11 -16.62
N ASN A 461 9.47 40.71 -15.35
CA ASN A 461 10.44 39.77 -14.71
C ASN A 461 11.87 40.31 -14.87
N SER A 462 12.07 41.60 -14.56
CA SER A 462 13.38 42.30 -14.60
C SER A 462 14.26 41.84 -13.43
N ALA A 463 13.66 41.70 -12.24
CA ALA A 463 14.31 41.21 -10.99
C ALA A 463 14.92 39.82 -11.23
N LEU A 464 14.22 38.94 -11.96
CA LEU A 464 14.67 37.56 -12.29
C LEU A 464 15.79 37.62 -13.34
N ASP A 465 15.64 38.47 -14.36
CA ASP A 465 16.64 38.65 -15.46
C ASP A 465 18.01 38.91 -14.84
N LYS A 466 18.09 39.82 -13.87
CA LYS A 466 19.33 40.22 -13.15
C LYS A 466 19.98 38.98 -12.49
N MET A 467 19.18 38.15 -11.81
CA MET A 467 19.65 36.95 -11.06
C MET A 467 20.22 35.90 -12.02
N LEU A 468 19.55 35.65 -13.16
CA LEU A 468 19.92 34.57 -14.13
C LEU A 468 21.17 34.93 -14.95
N GLN A 469 21.63 36.19 -14.91
CA GLN A 469 22.92 36.61 -15.53
C GLN A 469 24.10 36.00 -14.75
N ASN A 470 23.93 35.76 -13.44
CA ASN A 470 24.96 35.15 -12.55
C ASN A 470 24.95 33.62 -12.64
N VAL A 471 24.04 33.01 -13.42
CA VAL A 471 23.83 31.53 -13.52
C VAL A 471 24.16 31.07 -14.94
N GLN A 472 24.86 29.94 -15.06
CA GLN A 472 25.06 29.20 -16.33
C GLN A 472 23.76 28.50 -16.71
N MET A 473 22.91 29.19 -17.48
CA MET A 473 21.52 28.76 -17.79
C MET A 473 21.53 27.90 -19.06
N PRO A 474 20.67 26.86 -19.16
CA PRO A 474 20.57 26.05 -20.38
C PRO A 474 19.70 26.74 -21.43
N SER A 475 20.04 26.56 -22.70
CA SER A 475 19.27 27.03 -23.89
C SER A 475 18.23 25.96 -24.27
N LYS A 476 17.21 26.37 -25.05
CA LYS A 476 16.13 25.48 -25.55
C LYS A 476 16.07 25.56 -27.09
N LYS A 477 16.15 24.41 -27.76
CA LYS A 477 16.04 24.26 -29.23
C LYS A 477 14.70 23.60 -29.55
N LEU A 478 13.85 24.27 -30.33
CA LEU A 478 12.54 23.78 -30.83
C LEU A 478 12.64 23.59 -32.35
N ASP A 479 12.52 22.36 -32.83
CA ASP A 479 12.66 21.97 -34.26
C ASP A 479 11.77 20.75 -34.54
N PHE A 480 11.92 20.10 -35.70
CA PHE A 480 11.11 18.93 -36.13
C PHE A 480 11.99 17.89 -36.82
N ILE A 481 11.48 16.65 -36.89
CA ILE A 481 12.08 15.50 -37.63
C ILE A 481 11.01 14.98 -38.60
N ILE A 482 11.45 14.22 -39.62
CA ILE A 482 10.61 13.67 -40.73
C ILE A 482 10.40 12.18 -40.47
N LEU A 483 9.15 11.78 -40.16
CA LEU A 483 8.71 10.37 -39.99
C LEU A 483 7.56 10.09 -40.96
N ASN A 484 7.76 9.18 -41.93
CA ASN A 484 6.79 8.84 -43.00
C ASN A 484 6.32 10.13 -43.70
N GLU A 485 7.28 10.98 -44.09
CA GLU A 485 7.09 12.25 -44.87
C GLU A 485 6.32 13.31 -44.06
N THR A 486 6.10 13.13 -42.75
CA THR A 486 5.31 14.03 -41.86
C THR A 486 6.26 14.75 -40.90
N LYS A 487 6.06 16.05 -40.69
CA LYS A 487 6.73 16.84 -39.62
C LYS A 487 6.16 16.44 -38.27
N PHE A 488 7.04 16.02 -37.33
CA PHE A 488 6.74 15.86 -35.89
C PHE A 488 7.75 16.70 -35.10
N TRP A 489 7.28 17.49 -34.15
CA TRP A 489 8.08 18.52 -33.43
C TRP A 489 8.71 17.92 -32.17
N TYR A 490 9.89 18.41 -31.79
CA TYR A 490 10.62 18.06 -30.55
C TYR A 490 11.24 19.33 -29.95
N GLN A 491 11.47 19.31 -28.63
CA GLN A 491 12.34 20.31 -27.95
C GLN A 491 13.48 19.58 -27.26
N MET A 492 14.59 20.29 -27.01
CA MET A 492 15.76 19.82 -26.24
C MET A 492 16.21 20.96 -25.33
N ILE A 493 16.28 20.69 -24.01
CA ILE A 493 16.93 21.61 -23.03
C ILE A 493 18.42 21.29 -23.10
N LEU A 494 19.18 22.12 -23.83
CA LEU A 494 20.62 21.92 -24.13
C LEU A 494 21.43 22.50 -22.97
N PRO A 495 22.46 21.80 -22.44
CA PRO A 495 23.32 22.36 -21.40
C PRO A 495 24.01 23.68 -21.79
N PRO A 496 24.47 24.49 -20.81
CA PRO A 496 25.21 25.72 -21.12
C PRO A 496 26.55 25.41 -21.80
N HIS A 497 27.01 26.31 -22.68
CA HIS A 497 28.24 26.17 -23.51
C HIS A 497 28.14 24.85 -24.30
N PHE A 498 27.00 24.62 -24.95
CA PHE A 498 26.69 23.39 -25.72
C PHE A 498 27.67 23.27 -26.90
N ASP A 499 28.18 22.06 -27.15
CA ASP A 499 29.22 21.75 -28.17
C ASP A 499 28.80 20.52 -28.95
N LYS A 500 28.45 20.69 -30.24
CA LYS A 500 27.98 19.61 -31.15
C LYS A 500 29.07 18.56 -31.40
N SER A 501 30.35 18.88 -31.19
CA SER A 501 31.51 17.95 -31.30
C SER A 501 31.51 16.95 -30.14
N LYS A 502 31.27 17.41 -28.91
CA LYS A 502 31.19 16.57 -27.68
C LYS A 502 29.90 15.73 -27.71
N LYS A 503 29.89 14.61 -27.00
CA LYS A 503 28.73 13.67 -26.89
C LYS A 503 28.12 13.76 -25.48
N TYR A 504 26.79 13.96 -25.40
CA TYR A 504 26.00 14.19 -24.17
C TYR A 504 25.03 13.03 -23.93
N PRO A 505 24.72 12.68 -22.66
CA PRO A 505 23.66 11.71 -22.37
C PRO A 505 22.28 12.38 -22.50
N LEU A 506 21.27 11.64 -22.96
CA LEU A 506 19.91 12.18 -23.26
C LEU A 506 18.86 11.51 -22.38
N LEU A 507 18.11 12.31 -21.60
CA LEU A 507 16.86 11.91 -20.92
C LEU A 507 15.67 12.31 -21.82
N LEU A 508 14.83 11.34 -22.22
CA LEU A 508 13.58 11.59 -22.97
C LEU A 508 12.44 11.82 -21.99
N ASP A 509 12.01 13.08 -21.81
CA ASP A 509 10.84 13.48 -21.00
C ASP A 509 9.58 13.25 -21.84
N VAL A 510 8.73 12.30 -21.43
CA VAL A 510 7.53 11.83 -22.19
C VAL A 510 6.27 12.05 -21.35
N TYR A 511 5.17 12.45 -22.02
CA TYR A 511 3.78 12.31 -21.55
C TYR A 511 3.00 11.56 -22.65
N ALA A 512 2.87 12.17 -23.83
CA ALA A 512 2.42 11.53 -25.10
C ALA A 512 0.97 11.03 -25.02
N GLY A 513 0.15 11.56 -24.11
CA GLY A 513 -1.27 11.24 -24.01
C GLY A 513 -2.05 11.86 -25.17
N PRO A 514 -3.30 11.42 -25.44
CA PRO A 514 -4.09 11.97 -26.54
C PRO A 514 -4.27 13.49 -26.42
N CYS A 515 -3.90 14.22 -27.48
CA CYS A 515 -3.98 15.70 -27.62
C CYS A 515 -2.98 16.40 -26.69
N SER A 516 -1.84 15.76 -26.39
CA SER A 516 -0.76 16.35 -25.54
C SER A 516 0.19 17.16 -26.40
N GLN A 517 0.99 18.03 -25.77
CA GLN A 517 2.04 18.83 -26.43
C GLN A 517 3.17 19.11 -25.43
N LYS A 518 4.34 18.47 -25.64
CA LYS A 518 5.54 18.60 -24.78
C LYS A 518 6.66 19.35 -25.51
N ALA A 519 6.54 19.61 -26.82
CA ALA A 519 7.42 20.50 -27.61
C ALA A 519 6.69 21.82 -27.88
N ASP A 520 7.01 22.86 -27.12
CA ASP A 520 6.38 24.21 -27.22
C ASP A 520 7.46 25.29 -27.01
N THR A 521 7.05 26.56 -27.06
CA THR A 521 7.94 27.75 -26.92
C THR A 521 7.90 28.32 -25.50
N VAL A 522 7.40 27.57 -24.51
CA VAL A 522 7.18 28.05 -23.11
C VAL A 522 8.52 27.97 -22.34
N PHE A 523 8.77 28.95 -21.47
CA PHE A 523 9.95 29.03 -20.56
C PHE A 523 9.60 28.40 -19.21
N ARG A 524 10.37 27.38 -18.80
CA ARG A 524 10.15 26.61 -17.55
C ARG A 524 11.43 26.57 -16.71
N LEU A 525 11.33 26.89 -15.42
CA LEU A 525 12.33 26.55 -14.38
C LEU A 525 11.85 25.27 -13.66
N ASN A 526 12.30 24.12 -14.15
CA ASN A 526 11.86 22.78 -13.69
C ASN A 526 13.08 21.85 -13.50
N TRP A 527 12.84 20.56 -13.26
CA TRP A 527 13.87 19.53 -13.03
C TRP A 527 14.81 19.42 -14.24
N ALA A 528 14.27 19.52 -15.46
CA ALA A 528 15.04 19.46 -16.72
C ALA A 528 16.11 20.56 -16.77
N THR A 529 15.81 21.75 -16.23
CA THR A 529 16.74 22.91 -16.15
C THR A 529 17.97 22.50 -15.32
N TYR A 530 17.74 21.90 -14.14
CA TYR A 530 18.81 21.40 -13.23
C TYR A 530 19.67 20.36 -13.96
N LEU A 531 19.05 19.38 -14.61
CA LEU A 531 19.74 18.25 -15.27
C LEU A 531 20.69 18.76 -16.37
N ALA A 532 20.26 19.75 -17.14
CA ALA A 532 21.03 20.36 -18.25
C ALA A 532 22.10 21.30 -17.69
N SER A 533 21.71 22.22 -16.81
CA SER A 533 22.61 23.24 -16.21
C SER A 533 23.78 22.57 -15.48
N THR A 534 23.48 21.73 -14.49
CA THR A 534 24.46 21.18 -13.50
C THR A 534 25.07 19.87 -14.02
N GLU A 535 24.24 18.92 -14.46
CA GLU A 535 24.66 17.53 -14.78
C GLU A 535 24.98 17.35 -16.27
N ASN A 536 24.78 18.39 -17.09
CA ASN A 536 25.12 18.43 -18.54
C ASN A 536 24.40 17.28 -19.27
N ILE A 537 23.09 17.14 -19.03
CA ILE A 537 22.19 16.14 -19.66
C ILE A 537 21.25 16.89 -20.62
N ILE A 538 21.09 16.39 -21.84
CA ILE A 538 20.06 16.89 -22.81
C ILE A 538 18.72 16.26 -22.40
N VAL A 539 17.77 17.07 -21.92
CA VAL A 539 16.37 16.64 -21.68
C VAL A 539 15.54 16.97 -22.93
N ALA A 540 15.20 15.94 -23.71
CA ALA A 540 14.39 16.03 -24.94
C ALA A 540 12.95 15.59 -24.64
N SER A 541 11.98 16.26 -25.27
CA SER A 541 10.56 15.80 -25.38
C SER A 541 10.17 15.79 -26.86
N PHE A 542 9.22 14.93 -27.23
CA PHE A 542 8.78 14.70 -28.64
C PHE A 542 7.26 14.57 -28.69
N ASP A 543 6.64 15.22 -29.69
CA ASP A 543 5.18 15.13 -30.00
C ASP A 543 5.01 14.24 -31.23
N GLY A 544 4.62 12.98 -31.01
CA GLY A 544 4.39 11.98 -32.07
C GLY A 544 2.92 11.81 -32.37
N ARG A 545 2.52 10.67 -32.95
CA ARG A 545 1.11 10.36 -33.27
C ARG A 545 0.30 10.35 -31.95
N GLY A 546 -0.87 10.98 -31.96
CA GLY A 546 -1.72 11.18 -30.77
C GLY A 546 -1.63 12.60 -30.21
N SER A 547 -0.51 13.30 -30.45
CA SER A 547 -0.27 14.68 -29.96
C SER A 547 -1.25 15.66 -30.64
N GLY A 548 -1.56 16.77 -29.96
CA GLY A 548 -2.65 17.68 -30.33
C GLY A 548 -2.18 18.88 -31.13
N TYR A 549 -3.15 19.69 -31.60
CA TYR A 549 -2.96 21.04 -32.20
C TYR A 549 -2.29 20.95 -33.58
N GLN A 550 -2.41 19.79 -34.25
CA GLN A 550 -1.79 19.50 -35.58
C GLN A 550 -2.77 18.81 -36.53
N GLY A 551 -4.08 18.78 -36.21
CA GLY A 551 -5.11 18.11 -37.01
C GLY A 551 -5.41 16.71 -36.48
N ASP A 552 -6.58 16.18 -36.84
CA ASP A 552 -7.11 14.85 -36.40
C ASP A 552 -6.29 13.70 -37.00
N LYS A 553 -5.76 13.83 -38.22
CA LYS A 553 -4.91 12.79 -38.87
C LYS A 553 -3.87 12.29 -37.86
N ILE A 554 -3.20 13.22 -37.17
CA ILE A 554 -2.16 12.94 -36.14
C ILE A 554 -2.84 12.51 -34.83
N MET A 555 -3.74 13.33 -34.28
CA MET A 555 -4.34 13.15 -32.93
C MET A 555 -5.16 11.86 -32.86
N HIS A 556 -5.93 11.53 -33.91
CA HIS A 556 -6.88 10.38 -33.94
C HIS A 556 -6.19 9.10 -34.46
N ALA A 557 -4.90 9.16 -34.80
CA ALA A 557 -4.08 7.99 -35.23
C ALA A 557 -4.07 6.91 -34.14
N ILE A 558 -4.21 7.32 -32.87
CA ILE A 558 -4.14 6.45 -31.66
C ILE A 558 -5.54 5.96 -31.25
N ASN A 559 -6.59 6.24 -32.03
CA ASN A 559 -8.00 5.95 -31.66
C ASN A 559 -8.17 4.43 -31.47
N ARG A 560 -8.66 4.02 -30.30
CA ARG A 560 -8.97 2.61 -29.91
C ARG A 560 -7.69 1.76 -29.93
N ARG A 561 -6.53 2.39 -29.75
CA ARG A 561 -5.18 1.79 -29.95
C ARG A 561 -4.14 2.51 -29.08
N LEU A 562 -4.44 2.79 -27.80
CA LEU A 562 -3.47 3.41 -26.85
C LEU A 562 -2.35 2.41 -26.56
N GLY A 563 -1.14 2.92 -26.27
CA GLY A 563 0.07 2.09 -26.08
C GLY A 563 0.50 1.38 -27.36
N THR A 564 0.37 2.04 -28.52
CA THR A 564 0.90 1.57 -29.83
C THR A 564 1.76 2.68 -30.45
N PHE A 565 1.17 3.56 -31.26
CA PHE A 565 1.89 4.50 -32.15
C PHE A 565 2.64 5.56 -31.33
N GLU A 566 2.07 6.01 -30.21
CA GLU A 566 2.70 7.02 -29.32
C GLU A 566 3.94 6.40 -28.65
N VAL A 567 3.92 5.09 -28.39
CA VAL A 567 5.08 4.32 -27.84
C VAL A 567 6.13 4.19 -28.94
N GLU A 568 5.74 3.66 -30.12
CA GLU A 568 6.60 3.45 -31.31
C GLU A 568 7.36 4.74 -31.66
N ASP A 569 6.66 5.88 -31.65
CA ASP A 569 7.16 7.19 -32.15
C ASP A 569 8.16 7.80 -31.16
N GLN A 570 8.00 7.58 -29.84
CA GLN A 570 8.97 8.01 -28.80
C GLN A 570 10.27 7.22 -28.98
N ILE A 571 10.19 5.94 -29.33
CA ILE A 571 11.36 5.06 -29.62
C ILE A 571 12.08 5.61 -30.85
N GLU A 572 11.34 5.83 -31.95
CA GLU A 572 11.87 6.31 -33.26
C GLU A 572 12.48 7.72 -33.11
N ALA A 573 11.91 8.58 -32.26
CA ALA A 573 12.41 9.93 -31.95
C ALA A 573 13.79 9.84 -31.28
N ALA A 574 13.88 9.02 -30.23
CA ALA A 574 15.11 8.71 -29.47
C ALA A 574 16.17 8.10 -30.41
N ARG A 575 15.74 7.14 -31.25
CA ARG A 575 16.60 6.46 -32.26
C ARG A 575 17.23 7.52 -33.18
N GLN A 576 16.43 8.48 -33.65
CA GLN A 576 16.89 9.56 -34.57
C GLN A 576 17.77 10.57 -33.81
N PHE A 577 17.49 10.80 -32.52
CA PHE A 577 18.34 11.65 -31.64
C PHE A 577 19.71 10.98 -31.42
N SER A 578 19.74 9.64 -31.29
CA SER A 578 20.98 8.84 -31.13
C SER A 578 21.87 8.97 -32.38
N LYS A 579 21.24 9.03 -33.58
CA LYS A 579 21.91 9.15 -34.90
C LYS A 579 22.53 10.55 -35.07
N MET A 580 22.07 11.56 -34.31
CA MET A 580 22.73 12.89 -34.23
C MET A 580 24.09 12.72 -33.53
N GLY A 581 25.08 13.52 -33.95
CA GLY A 581 26.50 13.35 -33.55
C GLY A 581 26.78 13.74 -32.11
N PHE A 582 25.88 14.48 -31.45
CA PHE A 582 26.15 15.18 -30.16
C PHE A 582 25.50 14.46 -28.98
N VAL A 583 24.98 13.24 -29.17
CA VAL A 583 24.34 12.43 -28.08
C VAL A 583 25.04 11.07 -27.98
N ASP A 584 25.29 10.60 -26.75
CA ASP A 584 25.86 9.27 -26.42
C ASP A 584 24.71 8.25 -26.42
N ASN A 585 24.66 7.38 -27.42
CA ASN A 585 23.57 6.38 -27.64
C ASN A 585 23.58 5.30 -26.55
N LYS A 586 24.71 5.11 -25.85
CA LYS A 586 24.86 4.14 -24.73
C LYS A 586 24.35 4.75 -23.42
N ARG A 587 23.98 6.04 -23.39
CA ARG A 587 23.39 6.72 -22.21
C ARG A 587 22.13 7.50 -22.63
N ILE A 588 21.07 6.77 -23.01
CA ILE A 588 19.71 7.31 -23.31
C ILE A 588 18.74 6.77 -22.25
N ALA A 589 18.13 7.66 -21.46
CA ALA A 589 17.08 7.34 -20.46
C ALA A 589 15.73 7.91 -20.91
N ILE A 590 14.65 7.48 -20.25
CA ILE A 590 13.25 7.93 -20.49
C ILE A 590 12.55 8.08 -19.13
N TRP A 591 11.71 9.11 -18.95
CA TRP A 591 10.89 9.26 -17.72
C TRP A 591 9.58 10.00 -18.03
N GLY A 592 8.56 9.77 -17.20
CA GLY A 592 7.23 10.38 -17.34
C GLY A 592 6.30 10.07 -16.18
N TRP A 593 5.20 10.81 -16.10
CA TRP A 593 4.21 10.82 -14.99
C TRP A 593 2.82 10.49 -15.57
N SER A 594 2.09 9.58 -14.93
CA SER A 594 0.71 9.14 -15.31
C SER A 594 0.71 8.48 -16.70
N TYR A 595 0.18 9.14 -17.74
CA TYR A 595 0.28 8.63 -19.14
C TYR A 595 1.77 8.52 -19.50
N GLY A 596 2.58 9.50 -19.06
CA GLY A 596 4.04 9.47 -19.21
C GLY A 596 4.67 8.25 -18.58
N GLY A 597 4.18 7.85 -17.40
CA GLY A 597 4.60 6.63 -16.68
C GLY A 597 4.24 5.38 -17.45
N TYR A 598 3.02 5.30 -17.99
CA TYR A 598 2.52 4.22 -18.87
C TYR A 598 3.46 4.07 -20.08
N VAL A 599 3.64 5.15 -20.84
CA VAL A 599 4.44 5.15 -22.11
C VAL A 599 5.91 4.84 -21.76
N THR A 600 6.45 5.39 -20.68
CA THR A 600 7.82 5.09 -20.19
C THR A 600 7.95 3.57 -20.00
N SER A 601 7.00 2.96 -19.28
CA SER A 601 6.98 1.50 -18.96
C SER A 601 6.87 0.68 -20.24
N MET A 602 5.98 1.08 -21.17
CA MET A 602 5.73 0.38 -22.46
C MET A 602 6.98 0.43 -23.36
N VAL A 603 7.71 1.56 -23.35
CA VAL A 603 8.98 1.76 -24.11
C VAL A 603 10.06 0.81 -23.55
N LEU A 604 10.26 0.83 -22.23
CA LEU A 604 11.27 -0.01 -21.52
C LEU A 604 10.95 -1.51 -21.71
N GLY A 605 9.67 -1.85 -21.84
CA GLY A 605 9.18 -3.24 -22.05
C GLY A 605 9.08 -3.63 -23.52
N SER A 606 9.60 -2.80 -24.45
CA SER A 606 9.53 -3.02 -25.92
C SER A 606 10.66 -3.96 -26.39
N GLY A 607 11.80 -3.95 -25.69
CA GLY A 607 13.03 -4.66 -26.09
C GLY A 607 13.70 -4.01 -27.30
N SER A 608 13.61 -2.67 -27.42
CA SER A 608 14.18 -1.87 -28.53
C SER A 608 15.71 -1.84 -28.42
N GLY A 609 16.24 -1.82 -27.18
CA GLY A 609 17.68 -1.70 -26.87
C GLY A 609 18.16 -0.26 -26.86
N VAL A 610 17.27 0.70 -27.15
CA VAL A 610 17.59 2.14 -27.29
C VAL A 610 17.85 2.73 -25.90
N PHE A 611 17.02 2.36 -24.92
CA PHE A 611 16.97 2.94 -23.55
C PHE A 611 17.69 2.02 -22.57
N LYS A 612 18.66 2.56 -21.83
CA LYS A 612 19.41 1.85 -20.76
C LYS A 612 18.55 1.76 -19.51
N CYS A 613 17.97 2.88 -19.08
CA CYS A 613 17.16 3.00 -17.83
C CYS A 613 15.94 3.89 -18.06
N GLY A 614 15.04 3.97 -17.07
CA GLY A 614 13.91 4.91 -17.06
C GLY A 614 13.13 4.93 -15.76
N ILE A 615 12.36 6.00 -15.52
CA ILE A 615 11.55 6.24 -14.29
C ILE A 615 10.08 6.41 -14.67
N ALA A 616 9.19 5.53 -14.17
CA ALA A 616 7.73 5.64 -14.30
C ALA A 616 7.15 6.11 -12.95
N VAL A 617 6.65 7.35 -12.90
CA VAL A 617 6.02 7.95 -11.69
C VAL A 617 4.49 7.87 -11.87
N ALA A 618 3.79 7.35 -10.86
CA ALA A 618 2.32 7.16 -10.80
C ALA A 618 1.77 6.68 -12.15
N PRO A 619 2.32 5.59 -12.74
CA PRO A 619 1.93 5.16 -14.08
C PRO A 619 0.56 4.45 -14.13
N VAL A 620 -0.18 4.64 -15.23
CA VAL A 620 -1.26 3.70 -15.65
C VAL A 620 -0.56 2.43 -16.12
N SER A 621 -1.10 1.27 -15.76
CA SER A 621 -0.52 -0.07 -16.10
C SER A 621 -1.47 -0.85 -17.00
N ARG A 622 -2.79 -0.79 -16.74
CA ARG A 622 -3.85 -1.44 -17.53
C ARG A 622 -5.08 -0.51 -17.55
N TRP A 623 -5.66 -0.30 -18.73
CA TRP A 623 -6.74 0.71 -18.97
C TRP A 623 -8.05 0.32 -18.27
N GLU A 624 -8.23 -0.97 -17.92
CA GLU A 624 -9.40 -1.43 -17.12
C GLU A 624 -9.35 -0.82 -15.71
N TYR A 625 -8.16 -0.41 -15.23
CA TYR A 625 -7.97 0.19 -13.88
C TYR A 625 -8.25 1.70 -13.86
N TYR A 626 -8.22 2.39 -15.01
CA TYR A 626 -8.43 3.87 -15.08
C TYR A 626 -9.91 4.17 -15.33
N ASP A 627 -10.32 5.42 -15.08
CA ASP A 627 -11.75 5.83 -15.01
C ASP A 627 -12.43 5.69 -16.38
N SER A 628 -13.76 5.56 -16.38
CA SER A 628 -14.64 5.36 -17.55
C SER A 628 -14.47 6.50 -18.57
N VAL A 629 -14.74 7.74 -18.13
CA VAL A 629 -14.89 8.93 -19.01
C VAL A 629 -13.64 9.09 -19.88
N TYR A 630 -12.44 9.04 -19.28
CA TYR A 630 -11.15 9.27 -19.99
C TYR A 630 -10.86 8.07 -20.91
N THR A 631 -10.91 6.86 -20.36
CA THR A 631 -10.45 5.60 -21.01
C THR A 631 -11.35 5.30 -22.22
N GLU A 632 -12.68 5.33 -22.03
CA GLU A 632 -13.67 4.95 -23.07
C GLU A 632 -13.70 6.00 -24.19
N ARG A 633 -13.27 7.25 -23.92
CA ARG A 633 -13.10 8.30 -24.95
C ARG A 633 -12.19 7.76 -26.07
N TYR A 634 -11.08 7.12 -25.69
CA TYR A 634 -10.00 6.69 -26.61
C TYR A 634 -10.10 5.19 -26.95
N MET A 635 -10.57 4.35 -26.03
CA MET A 635 -10.44 2.86 -26.11
C MET A 635 -11.78 2.17 -26.37
N GLY A 636 -12.92 2.87 -26.26
CA GLY A 636 -14.25 2.24 -26.23
C GLY A 636 -14.42 1.41 -24.96
N LEU A 637 -15.39 0.48 -24.95
CA LEU A 637 -15.71 -0.34 -23.74
C LEU A 637 -14.83 -1.60 -23.73
N PRO A 638 -14.49 -2.14 -22.54
CA PRO A 638 -13.72 -3.39 -22.45
C PRO A 638 -14.63 -4.63 -22.44
N THR A 639 -15.31 -4.87 -23.57
CA THR A 639 -16.16 -6.07 -23.83
C THR A 639 -15.64 -6.78 -25.08
N PRO A 640 -15.87 -8.11 -25.24
CA PRO A 640 -15.51 -8.82 -26.47
C PRO A 640 -16.21 -8.27 -27.72
N GLU A 641 -17.45 -7.77 -27.55
CA GLU A 641 -18.25 -7.05 -28.57
C GLU A 641 -17.48 -5.85 -29.13
N ASP A 642 -16.77 -5.10 -28.28
CA ASP A 642 -16.11 -3.80 -28.59
C ASP A 642 -14.58 -4.02 -28.71
N ASN A 643 -13.78 -3.62 -27.72
CA ASN A 643 -12.30 -3.42 -27.86
C ASN A 643 -11.52 -4.14 -26.74
N LEU A 644 -12.09 -5.15 -26.08
CA LEU A 644 -11.44 -5.88 -24.94
C LEU A 644 -10.10 -6.48 -25.41
N ASP A 645 -10.03 -6.98 -26.65
CA ASP A 645 -8.81 -7.59 -27.25
C ASP A 645 -7.60 -6.65 -27.04
N HIS A 646 -7.76 -5.37 -27.39
CA HIS A 646 -6.68 -4.36 -27.28
C HIS A 646 -6.50 -3.86 -25.84
N TYR A 647 -7.57 -3.79 -25.03
CA TYR A 647 -7.49 -3.53 -23.57
C TYR A 647 -6.47 -4.48 -22.93
N ARG A 648 -6.59 -5.78 -23.24
CA ARG A 648 -5.76 -6.89 -22.69
C ARG A 648 -4.35 -6.89 -23.32
N ASN A 649 -4.22 -6.42 -24.57
CA ASN A 649 -2.95 -6.43 -25.35
C ASN A 649 -2.11 -5.18 -25.06
N SER A 650 -2.67 -4.18 -24.35
CA SER A 650 -2.05 -2.84 -24.12
C SER A 650 -1.74 -2.63 -22.63
N THR A 651 -1.23 -3.65 -21.94
CA THR A 651 -0.85 -3.60 -20.50
C THR A 651 0.67 -3.58 -20.35
N VAL A 652 1.17 -2.96 -19.27
CA VAL A 652 2.61 -2.97 -18.88
C VAL A 652 2.98 -4.39 -18.43
N MET A 653 2.09 -5.05 -17.68
CA MET A 653 2.31 -6.38 -17.04
C MET A 653 2.73 -7.43 -18.08
N SER A 654 2.12 -7.43 -19.27
CA SER A 654 2.35 -8.42 -20.35
C SER A 654 3.75 -8.29 -20.97
N ARG A 655 4.47 -7.19 -20.72
CA ARG A 655 5.81 -6.90 -21.29
C ARG A 655 6.92 -7.08 -20.23
N ALA A 656 6.62 -7.78 -19.13
CA ALA A 656 7.49 -7.90 -17.93
C ALA A 656 8.86 -8.49 -18.30
N GLU A 657 8.91 -9.52 -19.15
CA GLU A 657 10.15 -10.25 -19.57
C GLU A 657 11.22 -9.27 -20.05
N ASN A 658 10.85 -8.25 -20.84
CA ASN A 658 11.79 -7.35 -21.55
C ASN A 658 12.44 -6.34 -20.59
N PHE A 659 11.93 -6.20 -19.36
CA PHE A 659 12.52 -5.32 -18.31
C PHE A 659 13.84 -5.90 -17.77
N LYS A 660 14.17 -7.17 -18.07
CA LYS A 660 15.48 -7.79 -17.72
C LYS A 660 16.64 -6.99 -18.34
N GLN A 661 16.42 -6.36 -19.50
CA GLN A 661 17.47 -5.66 -20.30
C GLN A 661 17.68 -4.20 -19.84
N VAL A 662 16.91 -3.69 -18.88
CA VAL A 662 16.91 -2.25 -18.48
C VAL A 662 16.83 -2.09 -16.95
N GLU A 663 17.32 -0.96 -16.44
CA GLU A 663 17.17 -0.51 -15.03
C GLU A 663 15.90 0.34 -14.90
N TYR A 664 14.93 -0.12 -14.11
CA TYR A 664 13.56 0.45 -13.97
C TYR A 664 13.37 0.97 -12.54
N LEU A 665 12.98 2.24 -12.39
CA LEU A 665 12.55 2.85 -11.08
C LEU A 665 11.04 3.12 -11.18
N LEU A 666 10.25 2.47 -10.32
CA LEU A 666 8.76 2.56 -10.30
C LEU A 666 8.34 3.31 -9.02
N ILE A 667 7.68 4.46 -9.17
CA ILE A 667 7.29 5.35 -8.03
C ILE A 667 5.77 5.62 -8.09
N HIS A 668 5.12 5.65 -6.93
CA HIS A 668 3.64 5.82 -6.80
C HIS A 668 3.27 6.23 -5.37
N GLY A 669 2.38 7.21 -5.21
CA GLY A 669 1.78 7.59 -3.91
C GLY A 669 0.68 6.61 -3.52
N THR A 670 0.58 6.25 -2.24
CA THR A 670 -0.36 5.23 -1.71
C THR A 670 -1.79 5.79 -1.70
N ALA A 671 -1.96 7.11 -1.55
CA ALA A 671 -3.27 7.81 -1.50
C ALA A 671 -3.62 8.43 -2.86
N ASP A 672 -3.05 7.92 -3.96
CA ASP A 672 -3.39 8.36 -5.33
C ASP A 672 -4.84 7.96 -5.61
N ASP A 673 -5.72 8.95 -5.64
CA ASP A 673 -7.19 8.81 -5.88
C ASP A 673 -7.50 8.73 -7.38
N ASN A 674 -6.53 9.06 -8.24
CA ASN A 674 -6.71 9.23 -9.70
C ASN A 674 -6.17 7.99 -10.43
N VAL A 675 -4.85 7.85 -10.52
CA VAL A 675 -4.16 6.60 -10.96
C VAL A 675 -3.86 5.80 -9.69
N HIS A 676 -4.72 4.84 -9.34
CA HIS A 676 -4.71 4.12 -8.04
C HIS A 676 -3.40 3.34 -7.87
N PHE A 677 -2.90 3.22 -6.64
CA PHE A 677 -1.62 2.54 -6.29
C PHE A 677 -1.63 1.11 -6.86
N GLN A 678 -2.83 0.49 -6.87
CA GLN A 678 -3.18 -0.74 -7.64
C GLN A 678 -2.33 -0.88 -8.91
N GLN A 679 -2.27 0.17 -9.73
CA GLN A 679 -1.69 0.11 -11.11
C GLN A 679 -0.20 -0.22 -10.99
N SER A 680 0.53 0.43 -10.09
CA SER A 680 1.97 0.13 -9.81
C SER A 680 2.10 -1.23 -9.11
N ALA A 681 1.17 -1.54 -8.19
CA ALA A 681 1.14 -2.80 -7.41
C ALA A 681 1.09 -4.01 -8.37
N GLN A 682 0.37 -3.89 -9.48
CA GLN A 682 0.22 -4.97 -10.50
C GLN A 682 1.48 -5.04 -11.38
N ILE A 683 2.10 -3.90 -11.71
CA ILE A 683 3.40 -3.85 -12.45
C ILE A 683 4.45 -4.63 -11.64
N SER A 684 4.64 -4.25 -10.38
CA SER A 684 5.69 -4.81 -9.47
C SER A 684 5.51 -6.32 -9.37
N LYS A 685 4.28 -6.78 -9.12
CA LYS A 685 3.93 -8.22 -8.97
C LYS A 685 4.32 -8.99 -10.24
N ALA A 686 4.05 -8.44 -11.43
CA ALA A 686 4.36 -9.07 -12.72
C ALA A 686 5.88 -9.17 -12.92
N LEU A 687 6.64 -8.19 -12.44
CA LEU A 687 8.13 -8.17 -12.56
C LEU A 687 8.74 -9.21 -11.61
N VAL A 688 8.23 -9.28 -10.38
CA VAL A 688 8.61 -10.31 -9.36
C VAL A 688 8.29 -11.70 -9.92
N ASP A 689 7.09 -11.88 -10.50
CA ASP A 689 6.57 -13.18 -11.02
C ASP A 689 7.49 -13.75 -12.10
N VAL A 690 8.21 -12.92 -12.86
CA VAL A 690 9.10 -13.35 -13.98
C VAL A 690 10.59 -13.07 -13.63
N GLY A 691 10.88 -12.70 -12.38
CA GLY A 691 12.26 -12.66 -11.84
C GLY A 691 13.08 -11.51 -12.37
N VAL A 692 12.50 -10.31 -12.46
CA VAL A 692 13.16 -9.05 -12.92
C VAL A 692 13.45 -8.19 -11.70
N ASP A 693 14.72 -7.82 -11.50
CA ASP A 693 15.12 -6.84 -10.45
C ASP A 693 14.80 -5.43 -10.95
N PHE A 694 14.37 -4.55 -10.05
CA PHE A 694 14.03 -3.14 -10.32
C PHE A 694 14.03 -2.36 -9.00
N GLN A 695 14.32 -1.07 -9.07
CA GLN A 695 14.17 -0.12 -7.92
C GLN A 695 12.69 0.25 -7.82
N ALA A 696 12.23 0.53 -6.59
CA ALA A 696 10.85 0.95 -6.30
C ALA A 696 10.87 2.03 -5.21
N MET A 697 9.76 2.75 -5.07
CA MET A 697 9.55 3.76 -4.00
C MET A 697 8.07 4.11 -3.92
N TRP A 698 7.43 3.82 -2.78
CA TRP A 698 6.05 4.27 -2.46
C TRP A 698 6.17 5.58 -1.66
N TYR A 699 5.14 6.43 -1.73
CA TYR A 699 5.01 7.67 -0.91
C TYR A 699 3.72 7.60 -0.11
N THR A 700 3.85 7.30 1.20
CA THR A 700 2.75 7.18 2.19
C THR A 700 1.86 8.42 2.14
N ASP A 701 0.58 8.25 1.83
CA ASP A 701 -0.51 9.26 1.96
C ASP A 701 -0.33 10.42 0.96
N GLU A 702 0.52 10.26 -0.06
CA GLU A 702 0.68 11.23 -1.17
C GLU A 702 -0.30 10.87 -2.28
N ASP A 703 -0.88 11.87 -2.94
CA ASP A 703 -1.88 11.70 -4.03
C ASP A 703 -1.13 11.68 -5.37
N HIS A 704 -1.82 12.00 -6.47
CA HIS A 704 -1.28 11.97 -7.85
C HIS A 704 -0.20 13.05 -8.05
N GLY A 705 -0.26 14.15 -7.31
CA GLY A 705 0.73 15.24 -7.38
C GLY A 705 2.07 14.86 -6.80
N ILE A 706 2.09 14.08 -5.70
CA ILE A 706 3.26 13.90 -4.79
C ILE A 706 3.83 15.30 -4.53
N ALA A 707 2.95 16.21 -4.11
CA ALA A 707 3.09 17.69 -4.19
C ALA A 707 3.36 18.33 -2.82
N SER A 708 3.30 17.56 -1.72
CA SER A 708 3.64 18.05 -0.36
C SER A 708 5.14 18.44 -0.37
N SER A 709 5.48 19.49 0.38
CA SER A 709 6.83 20.14 0.37
C SER A 709 7.93 19.09 0.47
N THR A 710 7.82 18.18 1.44
CA THR A 710 8.84 17.15 1.78
C THR A 710 8.86 16.05 0.71
N ALA A 711 7.69 15.54 0.29
CA ALA A 711 7.55 14.44 -0.69
C ALA A 711 8.13 14.87 -2.05
N HIS A 712 7.77 16.08 -2.49
CA HIS A 712 8.25 16.73 -3.74
C HIS A 712 9.78 16.80 -3.74
N GLN A 713 10.36 17.32 -2.64
CA GLN A 713 11.84 17.39 -2.44
C GLN A 713 12.44 15.97 -2.52
N HIS A 714 11.80 14.98 -1.89
CA HIS A 714 12.32 13.60 -1.75
C HIS A 714 12.31 12.86 -3.10
N ILE A 715 11.20 12.93 -3.86
CA ILE A 715 11.04 12.19 -5.15
C ILE A 715 12.10 12.67 -6.16
N TYR A 716 12.28 13.98 -6.31
CA TYR A 716 13.21 14.57 -7.31
C TYR A 716 14.66 14.32 -6.88
N THR A 717 14.93 14.24 -5.57
CA THR A 717 16.25 13.85 -5.01
C THR A 717 16.53 12.37 -5.37
N HIS A 718 15.57 11.48 -5.13
CA HIS A 718 15.67 10.02 -5.40
C HIS A 718 15.83 9.79 -6.91
N MET A 719 15.03 10.47 -7.72
CA MET A 719 15.06 10.38 -9.21
C MET A 719 16.39 10.93 -9.75
N SER A 720 16.95 11.98 -9.14
CA SER A 720 18.27 12.57 -9.49
C SER A 720 19.38 11.54 -9.29
N HIS A 721 19.45 10.94 -8.09
CA HIS A 721 20.41 9.88 -7.70
C HIS A 721 20.37 8.73 -8.72
N PHE A 722 19.17 8.32 -9.13
CA PHE A 722 18.93 7.19 -10.08
C PHE A 722 19.48 7.53 -11.47
N ILE A 723 19.21 8.74 -11.97
CA ILE A 723 19.61 9.17 -13.35
C ILE A 723 21.14 9.38 -13.34
N LYS A 724 21.68 10.03 -12.31
CA LYS A 724 23.14 10.26 -12.11
C LYS A 724 23.91 8.94 -12.22
N GLN A 725 23.51 7.93 -11.44
CA GLN A 725 24.20 6.61 -11.36
C GLN A 725 23.99 5.83 -12.68
N CYS A 726 22.86 6.02 -13.37
CA CYS A 726 22.57 5.40 -14.69
C CYS A 726 23.52 5.96 -15.76
N PHE A 727 23.90 7.24 -15.67
CA PHE A 727 24.77 7.94 -16.67
C PHE A 727 26.23 8.04 -16.18
N SER A 728 26.55 7.48 -15.01
CA SER A 728 27.92 7.44 -14.42
C SER A 728 28.46 8.87 -14.23
N LEU A 729 27.66 9.73 -13.59
CA LEU A 729 27.96 11.18 -13.39
C LEU A 729 28.56 11.42 -12.01
N PRO A 730 29.64 12.24 -11.87
CA PRO A 730 30.14 12.64 -10.55
C PRO A 730 29.10 13.38 -9.70
N PHE B 2 41.31 -23.85 -2.96
CA PHE B 2 40.97 -22.48 -3.49
C PHE B 2 40.65 -22.58 -4.99
N SER B 3 39.78 -21.67 -5.48
CA SER B 3 39.36 -21.53 -6.91
C SER B 3 38.59 -22.78 -7.38
N ARG B 4 37.60 -23.21 -6.60
CA ARG B 4 36.65 -24.31 -6.91
C ARG B 4 35.22 -23.82 -6.65
N LYS B 5 34.23 -24.73 -6.64
CA LYS B 5 32.78 -24.40 -6.47
C LYS B 5 32.55 -23.74 -5.12
N THR B 6 31.53 -22.87 -5.06
CA THR B 6 31.07 -22.13 -3.85
C THR B 6 29.57 -22.37 -3.69
N TYR B 7 29.00 -22.07 -2.53
CA TYR B 7 27.53 -22.14 -2.25
C TYR B 7 26.89 -20.85 -2.77
N THR B 8 26.31 -20.90 -3.97
CA THR B 8 25.85 -19.70 -4.73
C THR B 8 24.45 -19.30 -4.24
N LEU B 9 23.99 -18.11 -4.63
CA LEU B 9 22.61 -17.61 -4.36
C LEU B 9 21.61 -18.53 -5.06
N THR B 10 21.90 -18.97 -6.29
CA THR B 10 21.03 -19.89 -7.08
C THR B 10 20.86 -21.23 -6.34
N ASP B 11 21.92 -21.71 -5.66
CA ASP B 11 21.89 -22.96 -4.86
C ASP B 11 20.87 -22.82 -3.71
N TYR B 12 20.89 -21.69 -3.00
CA TYR B 12 19.95 -21.37 -1.89
C TYR B 12 18.51 -21.30 -2.42
N LEU B 13 18.29 -20.56 -3.51
CA LEU B 13 16.94 -20.24 -4.07
C LEU B 13 16.32 -21.47 -4.74
N LYS B 14 17.09 -22.22 -5.54
CA LYS B 14 16.59 -23.38 -6.33
C LYS B 14 16.75 -24.68 -5.50
N ASN B 15 17.41 -24.61 -4.34
CA ASN B 15 17.47 -25.70 -3.32
C ASN B 15 18.25 -26.89 -3.90
N THR B 16 19.47 -26.63 -4.39
CA THR B 16 20.37 -27.61 -5.05
C THR B 16 20.81 -28.69 -4.05
N TYR B 17 21.12 -28.29 -2.80
CA TYR B 17 21.62 -29.15 -1.71
C TYR B 17 20.54 -29.31 -0.65
N ARG B 18 19.76 -30.39 -0.73
CA ARG B 18 18.58 -30.69 0.14
C ARG B 18 19.04 -31.37 1.44
N LEU B 19 18.51 -30.91 2.57
CA LEU B 19 18.48 -31.69 3.84
C LEU B 19 17.37 -32.74 3.73
N LYS B 20 17.71 -34.01 3.90
CA LYS B 20 16.72 -35.12 4.06
C LYS B 20 16.20 -35.07 5.51
N LEU B 21 14.90 -35.34 5.69
CA LEU B 21 14.25 -35.43 7.03
C LEU B 21 13.86 -36.89 7.29
N TYR B 22 13.45 -37.18 8.52
CA TYR B 22 12.72 -38.42 8.89
C TYR B 22 11.52 -38.02 9.75
N SER B 23 10.47 -37.51 9.09
CA SER B 23 9.16 -37.17 9.69
C SER B 23 8.33 -38.45 9.84
N LEU B 24 8.20 -38.93 11.08
CA LEU B 24 7.40 -40.13 11.43
C LEU B 24 6.27 -39.71 12.38
N ARG B 25 5.16 -40.45 12.35
CA ARG B 25 4.00 -40.27 13.27
C ARG B 25 3.77 -41.58 14.00
N TRP B 26 3.94 -41.57 15.33
CA TRP B 26 3.68 -42.74 16.21
C TRP B 26 2.17 -43.04 16.20
N ILE B 27 1.78 -44.30 15.99
CA ILE B 27 0.36 -44.77 15.99
C ILE B 27 0.08 -45.69 17.19
N SER B 28 1.12 -46.09 17.92
CA SER B 28 1.03 -47.00 19.11
C SER B 28 2.33 -46.89 19.91
N ASP B 29 2.56 -47.79 20.86
CA ASP B 29 3.77 -47.80 21.71
C ASP B 29 4.97 -48.34 20.94
N HIS B 30 4.76 -49.10 19.85
CA HIS B 30 5.85 -49.85 19.14
C HIS B 30 5.83 -49.68 17.60
N GLU B 31 4.81 -49.03 17.02
CA GLU B 31 4.72 -48.81 15.55
C GLU B 31 4.67 -47.31 15.25
N TYR B 32 5.24 -46.89 14.12
CA TYR B 32 5.11 -45.52 13.55
C TYR B 32 4.83 -45.60 12.05
N LEU B 33 4.22 -44.54 11.51
CA LEU B 33 3.97 -44.35 10.06
C LEU B 33 5.06 -43.45 9.48
N TYR B 34 5.42 -43.68 8.21
CA TYR B 34 6.44 -42.92 7.45
C TYR B 34 5.99 -42.82 5.98
N LYS B 35 5.91 -41.60 5.45
CA LYS B 35 5.54 -41.30 4.04
C LYS B 35 6.81 -41.30 3.19
N GLN B 36 6.90 -42.20 2.19
CA GLN B 36 8.09 -42.42 1.33
C GLN B 36 7.63 -42.61 -0.12
N GLU B 37 8.09 -41.72 -1.02
CA GLU B 37 7.69 -41.61 -2.45
C GLU B 37 6.17 -41.80 -2.60
N ASN B 38 5.41 -41.07 -1.77
CA ASN B 38 3.92 -40.98 -1.77
C ASN B 38 3.27 -42.31 -1.29
N ASN B 39 4.05 -43.32 -0.88
CA ASN B 39 3.56 -44.52 -0.17
C ASN B 39 3.65 -44.27 1.34
N ILE B 40 2.61 -44.61 2.10
CA ILE B 40 2.64 -44.60 3.60
C ILE B 40 3.02 -46.03 4.04
N LEU B 41 4.14 -46.15 4.74
CA LEU B 41 4.65 -47.41 5.33
C LEU B 41 4.37 -47.41 6.83
N VAL B 42 4.08 -48.59 7.41
CA VAL B 42 4.07 -48.83 8.87
C VAL B 42 5.39 -49.53 9.23
N PHE B 43 6.07 -49.05 10.26
CA PHE B 43 7.40 -49.53 10.74
C PHE B 43 7.25 -50.10 12.16
N ASN B 44 7.94 -51.21 12.46
CA ASN B 44 8.05 -51.79 13.81
C ASN B 44 9.33 -51.26 14.46
N ALA B 45 9.20 -50.57 15.60
CA ALA B 45 10.30 -49.87 16.29
C ALA B 45 11.35 -50.88 16.79
N GLU B 46 10.91 -52.01 17.35
CA GLU B 46 11.78 -53.02 18.02
C GLU B 46 12.72 -53.65 16.98
N TYR B 47 12.13 -54.20 15.91
CA TYR B 47 12.81 -55.11 14.94
C TYR B 47 13.21 -54.36 13.67
N GLY B 48 12.51 -53.26 13.33
CA GLY B 48 12.86 -52.38 12.19
C GLY B 48 12.18 -52.76 10.89
N ASN B 49 11.41 -53.85 10.85
CA ASN B 49 10.70 -54.30 9.61
C ASN B 49 9.54 -53.34 9.33
N SER B 50 9.07 -53.33 8.07
CA SER B 50 8.01 -52.42 7.57
C SER B 50 7.18 -53.11 6.50
N SER B 51 5.95 -52.63 6.31
CA SER B 51 4.98 -53.04 5.26
C SER B 51 4.33 -51.79 4.65
N VAL B 52 3.88 -51.86 3.39
CA VAL B 52 3.07 -50.78 2.76
C VAL B 52 1.69 -50.78 3.43
N PHE B 53 1.43 -49.75 4.24
CA PHE B 53 0.13 -49.50 4.93
C PHE B 53 -0.90 -49.00 3.90
N LEU B 54 -0.51 -48.01 3.10
CA LEU B 54 -1.31 -47.42 1.99
C LEU B 54 -0.43 -47.32 0.73
N GLU B 55 -0.91 -47.88 -0.38
CA GLU B 55 -0.19 -47.86 -1.69
C GLU B 55 -0.39 -46.48 -2.33
N ASN B 56 0.65 -45.94 -2.98
CA ASN B 56 0.61 -44.62 -3.68
C ASN B 56 -0.40 -44.66 -4.84
N SER B 57 -0.63 -45.85 -5.42
CA SER B 57 -1.53 -46.10 -6.58
C SER B 57 -3.01 -46.05 -6.18
N THR B 58 -3.35 -46.12 -4.88
CA THR B 58 -4.75 -46.24 -4.36
C THR B 58 -5.61 -45.04 -4.83
N PHE B 59 -5.06 -43.83 -4.78
CA PHE B 59 -5.77 -42.56 -5.11
C PHE B 59 -5.18 -41.95 -6.38
N ASP B 60 -5.25 -42.69 -7.48
CA ASP B 60 -4.80 -42.26 -8.84
C ASP B 60 -6.00 -41.70 -9.62
N GLU B 61 -7.19 -42.28 -9.46
CA GLU B 61 -8.45 -41.88 -10.16
C GLU B 61 -9.37 -41.12 -9.18
N PHE B 62 -8.80 -40.40 -8.19
CA PHE B 62 -9.56 -39.69 -7.13
C PHE B 62 -10.20 -38.42 -7.71
N GLY B 63 -9.46 -37.69 -8.55
CA GLY B 63 -9.95 -36.50 -9.27
C GLY B 63 -9.50 -35.18 -8.64
N HIS B 64 -8.97 -35.21 -7.41
CA HIS B 64 -8.38 -34.04 -6.69
C HIS B 64 -6.92 -34.33 -6.31
N SER B 65 -6.11 -33.28 -6.20
CA SER B 65 -4.73 -33.31 -5.67
C SER B 65 -4.79 -33.41 -4.14
N ILE B 66 -4.29 -34.52 -3.58
CA ILE B 66 -4.27 -34.79 -2.10
C ILE B 66 -3.21 -33.88 -1.47
N ASN B 67 -3.59 -33.07 -0.47
CA ASN B 67 -2.68 -32.14 0.24
C ASN B 67 -2.03 -32.87 1.42
N ASP B 68 -2.82 -33.58 2.23
CA ASP B 68 -2.36 -34.22 3.49
C ASP B 68 -3.28 -35.41 3.83
N TYR B 69 -2.76 -36.34 4.64
CA TYR B 69 -3.45 -37.54 5.14
C TYR B 69 -3.53 -37.46 6.67
N SER B 70 -4.63 -37.95 7.24
CA SER B 70 -4.78 -38.22 8.70
C SER B 70 -5.52 -39.55 8.88
N ILE B 71 -4.82 -40.56 9.40
CA ILE B 71 -5.38 -41.92 9.69
C ILE B 71 -5.94 -41.89 11.12
N SER B 72 -7.09 -42.53 11.33
CA SER B 72 -7.76 -42.67 12.66
C SER B 72 -6.85 -43.50 13.59
N PRO B 73 -6.80 -43.21 14.90
CA PRO B 73 -6.00 -43.99 15.85
C PRO B 73 -6.12 -45.52 15.71
N ASP B 74 -7.33 -46.01 15.41
CA ASP B 74 -7.67 -47.46 15.30
C ASP B 74 -7.36 -48.02 13.90
N GLY B 75 -6.80 -47.19 13.00
CA GLY B 75 -6.33 -47.60 11.66
C GLY B 75 -7.45 -48.14 10.77
N GLN B 76 -8.70 -47.70 11.01
CA GLN B 76 -9.91 -48.17 10.28
C GLN B 76 -10.26 -47.23 9.13
N PHE B 77 -9.95 -45.92 9.26
CA PHE B 77 -10.28 -44.86 8.25
C PHE B 77 -9.10 -43.90 8.09
N ILE B 78 -9.14 -43.11 7.00
CA ILE B 78 -8.12 -42.08 6.65
C ILE B 78 -8.83 -40.86 6.05
N LEU B 79 -8.59 -39.67 6.63
CA LEU B 79 -9.05 -38.36 6.11
C LEU B 79 -8.15 -37.95 4.93
N LEU B 80 -8.76 -37.62 3.79
CA LEU B 80 -8.07 -37.03 2.63
C LEU B 80 -8.37 -35.53 2.58
N GLU B 81 -7.37 -34.71 2.87
CA GLU B 81 -7.41 -33.22 2.85
C GLU B 81 -7.06 -32.75 1.43
N TYR B 82 -7.96 -32.00 0.79
CA TYR B 82 -7.76 -31.40 -0.55
C TYR B 82 -8.46 -30.03 -0.63
N ASN B 83 -8.18 -29.27 -1.69
CA ASN B 83 -8.63 -27.86 -1.89
C ASN B 83 -8.13 -27.00 -0.72
N TYR B 84 -6.84 -27.13 -0.37
CA TYR B 84 -6.16 -26.37 0.71
C TYR B 84 -6.06 -24.90 0.29
N VAL B 85 -6.73 -24.00 1.04
CA VAL B 85 -6.60 -22.52 0.94
C VAL B 85 -6.07 -22.00 2.28
N LYS B 86 -4.81 -21.55 2.32
CA LYS B 86 -4.15 -20.96 3.53
C LYS B 86 -4.85 -19.67 3.92
N GLN B 87 -5.06 -19.46 5.23
CA GLN B 87 -5.42 -18.14 5.81
C GLN B 87 -4.17 -17.55 6.48
N TRP B 88 -4.06 -17.60 7.82
CA TRP B 88 -2.89 -17.05 8.59
C TRP B 88 -1.87 -18.17 8.81
N ARG B 89 -0.95 -18.02 9.78
CA ARG B 89 0.25 -18.90 9.95
C ARG B 89 -0.18 -20.38 10.08
N HIS B 90 -1.18 -20.68 10.91
CA HIS B 90 -1.67 -22.06 11.19
C HIS B 90 -3.04 -22.32 10.54
N SER B 91 -3.90 -21.30 10.43
CA SER B 91 -5.30 -21.43 9.96
C SER B 91 -5.34 -21.65 8.45
N TYR B 92 -6.34 -22.42 7.99
CA TYR B 92 -6.62 -22.70 6.56
C TYR B 92 -8.02 -23.32 6.44
N THR B 93 -8.51 -23.41 5.21
CA THR B 93 -9.80 -24.07 4.83
C THR B 93 -9.48 -25.20 3.85
N ALA B 94 -10.27 -26.28 3.86
CA ALA B 94 -10.10 -27.45 2.97
C ALA B 94 -11.39 -28.26 2.87
N SER B 95 -11.53 -29.01 1.78
CA SER B 95 -12.51 -30.11 1.60
C SER B 95 -11.89 -31.40 2.14
N TYR B 96 -12.74 -32.33 2.63
CA TYR B 96 -12.33 -33.60 3.27
C TYR B 96 -13.21 -34.75 2.76
N ASP B 97 -12.59 -35.87 2.39
CA ASP B 97 -13.25 -37.18 2.16
C ASP B 97 -12.64 -38.20 3.14
N ILE B 98 -13.44 -39.19 3.55
CA ILE B 98 -13.01 -40.31 4.44
C ILE B 98 -13.02 -41.60 3.60
N TYR B 99 -11.95 -42.38 3.67
CA TYR B 99 -11.78 -43.68 2.96
C TYR B 99 -11.78 -44.81 4.00
N ASP B 100 -12.70 -45.77 3.85
CA ASP B 100 -12.80 -46.99 4.71
C ASP B 100 -11.72 -47.98 4.26
N LEU B 101 -10.74 -48.26 5.12
CA LEU B 101 -9.58 -49.15 4.82
C LEU B 101 -10.05 -50.60 4.72
N ASN B 102 -10.97 -51.02 5.61
CA ASN B 102 -11.54 -52.39 5.66
C ASN B 102 -12.30 -52.67 4.35
N LYS B 103 -13.24 -51.78 3.98
CA LYS B 103 -14.12 -51.92 2.80
C LYS B 103 -13.41 -51.47 1.51
N ARG B 104 -12.32 -50.70 1.63
CA ARG B 104 -11.48 -50.18 0.51
C ARG B 104 -12.35 -49.31 -0.43
N GLN B 105 -13.05 -48.31 0.12
CA GLN B 105 -13.99 -47.44 -0.63
C GLN B 105 -14.20 -46.10 0.08
N LEU B 106 -14.50 -45.04 -0.69
CA LEU B 106 -14.74 -43.66 -0.18
C LEU B 106 -16.13 -43.58 0.45
N ILE B 107 -16.24 -42.97 1.63
CA ILE B 107 -17.54 -42.59 2.26
C ILE B 107 -18.17 -41.51 1.38
N THR B 108 -19.32 -41.81 0.75
CA THR B 108 -20.05 -40.92 -0.20
C THR B 108 -21.24 -40.24 0.51
N GLU B 109 -21.74 -40.79 1.62
CA GLU B 109 -22.94 -40.30 2.35
C GLU B 109 -22.49 -39.47 3.58
N GLU B 110 -23.22 -38.39 3.87
CA GLU B 110 -23.06 -37.53 5.08
C GLU B 110 -21.64 -36.98 5.14
N ARG B 111 -21.12 -36.47 4.00
CA ARG B 111 -19.69 -36.09 3.84
C ARG B 111 -19.38 -34.85 4.68
N ILE B 112 -18.11 -34.67 5.09
CA ILE B 112 -17.59 -33.43 5.74
C ILE B 112 -17.74 -32.31 4.71
N PRO B 113 -18.28 -31.12 5.08
CA PRO B 113 -18.53 -30.05 4.10
C PRO B 113 -17.27 -29.49 3.45
N ASN B 114 -17.44 -28.83 2.30
CA ASN B 114 -16.40 -27.95 1.68
C ASN B 114 -16.20 -26.74 2.58
N ASN B 115 -15.00 -26.14 2.56
CA ASN B 115 -14.61 -24.93 3.34
C ASN B 115 -14.66 -25.25 4.84
N THR B 116 -14.29 -26.47 5.25
CA THR B 116 -14.16 -26.87 6.67
C THR B 116 -12.91 -26.21 7.23
N GLN B 117 -13.00 -25.68 8.46
CA GLN B 117 -11.96 -24.81 9.09
C GLN B 117 -10.98 -25.66 9.91
N TRP B 118 -11.48 -26.68 10.62
CA TRP B 118 -10.67 -27.67 11.36
C TRP B 118 -11.35 -29.04 11.32
N VAL B 119 -10.55 -30.10 11.31
CA VAL B 119 -10.98 -31.52 11.51
C VAL B 119 -9.97 -32.15 12.48
N THR B 120 -10.44 -33.03 13.36
CA THR B 120 -9.56 -33.87 14.23
C THR B 120 -10.29 -35.16 14.60
N TRP B 121 -9.57 -36.29 14.56
CA TRP B 121 -10.01 -37.57 15.16
C TRP B 121 -10.03 -37.42 16.69
N SER B 122 -10.88 -38.18 17.37
CA SER B 122 -10.71 -38.53 18.80
C SER B 122 -9.34 -39.19 18.96
N PRO B 123 -8.67 -39.08 20.13
CA PRO B 123 -7.33 -39.64 20.31
C PRO B 123 -7.31 -41.18 20.30
N VAL B 124 -8.48 -41.79 20.55
CA VAL B 124 -8.74 -43.26 20.44
C VAL B 124 -10.00 -43.44 19.59
N GLY B 125 -10.08 -44.55 18.84
CA GLY B 125 -11.24 -44.93 18.03
C GLY B 125 -11.27 -44.20 16.70
N HIS B 126 -12.46 -43.78 16.24
CA HIS B 126 -12.71 -43.22 14.89
C HIS B 126 -13.83 -42.18 14.92
N LYS B 127 -13.91 -41.38 15.99
CA LYS B 127 -14.86 -40.23 16.11
C LYS B 127 -14.19 -38.98 15.52
N LEU B 128 -14.96 -38.14 14.81
CA LEU B 128 -14.50 -36.87 14.18
C LEU B 128 -15.21 -35.68 14.84
N ALA B 129 -14.45 -34.61 15.13
CA ALA B 129 -14.97 -33.26 15.45
C ALA B 129 -14.41 -32.26 14.42
N TYR B 130 -15.30 -31.59 13.67
CA TYR B 130 -14.93 -30.56 12.66
C TYR B 130 -15.63 -29.24 12.99
N VAL B 131 -15.11 -28.15 12.42
CA VAL B 131 -15.63 -26.75 12.55
C VAL B 131 -15.98 -26.26 11.14
N TRP B 132 -17.20 -25.73 10.96
CA TRP B 132 -17.71 -25.23 9.66
C TRP B 132 -18.64 -24.03 9.91
N ASN B 133 -18.33 -22.87 9.31
CA ASN B 133 -18.98 -21.56 9.55
C ASN B 133 -18.88 -21.21 11.04
N ASN B 134 -17.71 -21.44 11.63
CA ASN B 134 -17.35 -21.11 13.04
C ASN B 134 -18.21 -21.90 14.05
N ASP B 135 -18.84 -23.01 13.64
CA ASP B 135 -19.68 -23.87 14.53
C ASP B 135 -19.11 -25.29 14.56
N ILE B 136 -19.10 -25.92 15.75
CA ILE B 136 -18.52 -27.27 16.01
C ILE B 136 -19.55 -28.34 15.64
N TYR B 137 -19.11 -29.40 14.97
CA TYR B 137 -19.89 -30.60 14.60
C TYR B 137 -19.14 -31.84 15.07
N VAL B 138 -19.85 -32.92 15.42
CA VAL B 138 -19.28 -34.22 15.89
C VAL B 138 -19.91 -35.35 15.08
N LYS B 139 -19.09 -36.31 14.64
CA LYS B 139 -19.51 -37.59 14.01
C LYS B 139 -19.04 -38.76 14.88
N ILE B 140 -19.96 -39.66 15.26
CA ILE B 140 -19.66 -40.92 16.00
C ILE B 140 -19.03 -41.91 15.01
N GLU B 141 -19.66 -42.07 13.84
CA GLU B 141 -19.19 -42.93 12.71
C GLU B 141 -19.01 -42.03 11.48
N PRO B 142 -17.96 -42.23 10.64
CA PRO B 142 -17.80 -41.48 9.40
C PRO B 142 -19.01 -41.50 8.43
N ASN B 143 -19.74 -42.61 8.37
CA ASN B 143 -20.88 -42.83 7.43
C ASN B 143 -22.18 -42.22 7.96
N LEU B 144 -22.31 -42.05 9.30
CA LEU B 144 -23.55 -41.54 9.96
C LEU B 144 -23.59 -40.01 9.91
N PRO B 145 -24.78 -39.37 10.07
CA PRO B 145 -24.88 -37.91 10.12
C PRO B 145 -24.19 -37.31 11.36
N SER B 146 -23.72 -36.07 11.24
CA SER B 146 -23.02 -35.31 12.31
C SER B 146 -24.05 -34.59 13.21
N TYR B 147 -23.69 -34.38 14.48
CA TYR B 147 -24.49 -33.65 15.50
C TYR B 147 -23.90 -32.25 15.68
N ARG B 148 -24.70 -31.20 15.46
CA ARG B 148 -24.30 -29.78 15.65
C ARG B 148 -24.24 -29.49 17.15
N ILE B 149 -23.12 -28.95 17.64
CA ILE B 149 -22.83 -28.69 19.08
C ILE B 149 -23.15 -27.22 19.41
N THR B 150 -22.65 -26.29 18.59
CA THR B 150 -22.84 -24.82 18.75
C THR B 150 -23.66 -24.28 17.58
N TRP B 151 -24.48 -23.26 17.85
CA TRP B 151 -25.33 -22.55 16.86
C TRP B 151 -25.00 -21.05 16.78
N THR B 152 -24.10 -20.56 17.64
CA THR B 152 -23.79 -19.12 17.85
C THR B 152 -22.74 -18.61 16.86
N GLY B 153 -22.02 -19.52 16.18
CA GLY B 153 -20.93 -19.19 15.24
C GLY B 153 -21.37 -18.17 14.19
N LYS B 154 -20.55 -17.13 13.99
CA LYS B 154 -20.76 -16.07 12.96
C LYS B 154 -19.40 -15.51 12.54
N GLU B 155 -19.15 -15.41 11.22
CA GLU B 155 -17.83 -15.04 10.64
C GLU B 155 -17.35 -13.71 11.24
N ASP B 156 -16.11 -13.70 11.75
CA ASP B 156 -15.36 -12.51 12.26
C ASP B 156 -15.92 -12.02 13.61
N ILE B 157 -16.88 -12.73 14.23
CA ILE B 157 -17.59 -12.28 15.46
C ILE B 157 -17.52 -13.38 16.53
N ILE B 158 -18.18 -14.53 16.30
CA ILE B 158 -18.24 -15.69 17.24
C ILE B 158 -17.45 -16.86 16.62
N TYR B 159 -16.36 -17.27 17.27
CA TYR B 159 -15.50 -18.41 16.90
C TYR B 159 -15.69 -19.55 17.91
N ASN B 160 -16.39 -20.63 17.53
CA ASN B 160 -16.55 -21.87 18.35
C ASN B 160 -15.58 -22.95 17.86
N GLY B 161 -14.68 -23.41 18.72
CA GLY B 161 -13.76 -24.53 18.41
C GLY B 161 -12.54 -24.12 17.60
N ILE B 162 -12.46 -22.85 17.17
CA ILE B 162 -11.30 -22.29 16.42
C ILE B 162 -10.90 -20.96 17.07
N THR B 163 -9.62 -20.57 16.95
CA THR B 163 -9.07 -19.31 17.50
C THR B 163 -9.42 -18.15 16.56
N ASP B 164 -9.43 -16.92 17.11
CA ASP B 164 -9.39 -15.65 16.33
C ASP B 164 -7.92 -15.38 15.97
N TRP B 165 -7.62 -14.25 15.33
CA TRP B 165 -6.26 -13.94 14.81
C TRP B 165 -5.23 -14.01 15.95
N VAL B 166 -5.48 -13.31 17.06
CA VAL B 166 -4.47 -13.04 18.14
C VAL B 166 -4.26 -14.34 18.95
N TYR B 167 -5.31 -15.10 19.20
CA TYR B 167 -5.25 -16.40 19.92
C TYR B 167 -4.46 -17.41 19.07
N GLU B 168 -4.71 -17.42 17.75
CA GLU B 168 -3.98 -18.29 16.79
C GLU B 168 -2.47 -18.00 16.85
N GLU B 169 -2.08 -16.73 16.73
CA GLU B 169 -0.67 -16.32 16.51
C GLU B 169 0.09 -16.30 17.83
N GLU B 170 -0.49 -15.76 18.90
CA GLU B 170 0.27 -15.32 20.10
C GLU B 170 -0.04 -16.18 21.33
N VAL B 171 -1.18 -16.89 21.38
CA VAL B 171 -1.59 -17.72 22.56
C VAL B 171 -1.31 -19.20 22.24
N PHE B 172 -2.14 -19.81 21.39
CA PHE B 172 -2.18 -21.29 21.18
C PHE B 172 -1.20 -21.74 20.07
N SER B 173 -0.70 -20.84 19.23
CA SER B 173 0.15 -21.18 18.05
C SER B 173 -0.55 -22.26 17.22
N ALA B 174 -1.88 -22.12 17.01
CA ALA B 174 -2.74 -23.12 16.36
C ALA B 174 -4.12 -22.51 16.06
N TYR B 175 -4.76 -22.94 14.97
CA TYR B 175 -6.15 -22.57 14.59
C TYR B 175 -7.13 -23.29 15.53
N SER B 176 -6.78 -24.52 15.94
CA SER B 176 -7.63 -25.43 16.76
C SER B 176 -7.87 -24.86 18.16
N ALA B 177 -9.13 -24.86 18.60
CA ALA B 177 -9.54 -24.67 20.02
C ALA B 177 -10.53 -25.79 20.39
N LEU B 178 -10.20 -27.03 19.99
CA LEU B 178 -10.91 -28.29 20.37
C LEU B 178 -9.93 -29.19 21.13
N TRP B 179 -10.37 -29.77 22.24
CA TRP B 179 -9.58 -30.72 23.08
C TRP B 179 -10.48 -31.90 23.48
N TRP B 180 -10.26 -33.06 22.85
CA TRP B 180 -10.87 -34.36 23.27
C TRP B 180 -10.30 -34.79 24.62
N SER B 181 -11.08 -35.52 25.42
CA SER B 181 -10.59 -36.27 26.61
C SER B 181 -9.86 -37.52 26.14
N PRO B 182 -8.94 -38.11 26.95
CA PRO B 182 -8.11 -39.23 26.48
C PRO B 182 -8.85 -40.43 25.86
N ASN B 183 -10.00 -40.83 26.41
CA ASN B 183 -10.81 -41.97 25.90
C ASN B 183 -11.76 -41.50 24.79
N GLY B 184 -12.00 -40.20 24.69
CA GLY B 184 -12.80 -39.58 23.61
C GLY B 184 -14.28 -39.43 23.98
N THR B 185 -14.62 -39.43 25.27
CA THR B 185 -16.00 -39.21 25.79
C THR B 185 -16.33 -37.71 25.69
N PHE B 186 -15.48 -36.86 26.26
CA PHE B 186 -15.70 -35.39 26.39
C PHE B 186 -14.94 -34.65 25.29
N LEU B 187 -15.61 -33.68 24.66
CA LEU B 187 -15.01 -32.68 23.73
C LEU B 187 -15.07 -31.31 24.40
N ALA B 188 -13.93 -30.84 24.91
CA ALA B 188 -13.74 -29.48 25.46
C ALA B 188 -13.43 -28.53 24.31
N TYR B 189 -14.03 -27.33 24.32
CA TYR B 189 -13.80 -26.28 23.30
C TYR B 189 -13.85 -24.89 23.95
N ALA B 190 -13.07 -23.96 23.38
CA ALA B 190 -13.12 -22.51 23.70
C ALA B 190 -14.06 -21.82 22.71
N GLN B 191 -14.70 -20.74 23.16
CA GLN B 191 -15.47 -19.80 22.32
C GLN B 191 -14.87 -18.41 22.48
N PHE B 192 -14.48 -17.78 21.37
CA PHE B 192 -13.91 -16.41 21.31
C PHE B 192 -14.96 -15.47 20.70
N ASN B 193 -15.10 -14.28 21.29
CA ASN B 193 -16.09 -13.25 20.93
C ASN B 193 -15.32 -11.97 20.57
N ASP B 194 -15.34 -11.58 19.29
CA ASP B 194 -14.56 -10.46 18.71
C ASP B 194 -15.48 -9.29 18.33
N THR B 195 -16.67 -9.21 18.94
CA THR B 195 -17.75 -8.23 18.59
C THR B 195 -17.20 -6.80 18.65
N GLU B 196 -16.53 -6.42 19.74
CA GLU B 196 -16.06 -5.04 20.01
C GLU B 196 -14.58 -4.87 19.64
N VAL B 197 -13.94 -5.90 19.08
CA VAL B 197 -12.51 -5.86 18.66
C VAL B 197 -12.43 -5.09 17.34
N PRO B 198 -11.61 -4.02 17.23
CA PRO B 198 -11.49 -3.27 15.99
C PRO B 198 -10.86 -4.12 14.87
N LEU B 199 -11.13 -3.75 13.61
CA LEU B 199 -10.61 -4.41 12.39
C LEU B 199 -9.36 -3.67 11.90
N ILE B 200 -8.28 -4.41 11.59
CA ILE B 200 -7.23 -3.93 10.64
C ILE B 200 -7.83 -4.08 9.23
N GLU B 201 -7.70 -3.02 8.42
CA GLU B 201 -8.16 -2.97 7.00
C GLU B 201 -6.92 -2.71 6.13
N TYR B 202 -6.76 -3.49 5.05
CA TYR B 202 -5.70 -3.30 4.03
C TYR B 202 -6.22 -3.79 2.66
N SER B 203 -5.64 -3.24 1.59
CA SER B 203 -5.98 -3.58 0.18
C SER B 203 -5.29 -4.89 -0.21
N PHE B 204 -6.03 -5.77 -0.87
CA PHE B 204 -5.52 -6.98 -1.58
C PHE B 204 -5.88 -6.82 -3.06
N TYR B 205 -4.86 -6.85 -3.94
CA TYR B 205 -4.96 -6.44 -5.36
C TYR B 205 -5.30 -7.65 -6.25
N SER B 206 -4.92 -8.88 -5.83
CA SER B 206 -5.29 -10.17 -6.47
C SER B 206 -4.67 -10.26 -7.87
N ASP B 207 -5.20 -11.13 -8.74
CA ASP B 207 -4.79 -11.28 -10.16
C ASP B 207 -5.11 -9.99 -10.92
N GLU B 208 -4.44 -9.79 -12.05
CA GLU B 208 -4.60 -8.64 -12.98
C GLU B 208 -6.08 -8.45 -13.35
N SER B 209 -6.81 -9.57 -13.53
CA SER B 209 -8.22 -9.62 -13.98
C SER B 209 -9.16 -8.85 -13.04
N LEU B 210 -8.84 -8.78 -11.73
CA LEU B 210 -9.70 -8.08 -10.73
C LEU B 210 -9.58 -6.57 -10.95
N GLN B 211 -10.69 -5.92 -11.31
CA GLN B 211 -10.77 -4.48 -11.66
C GLN B 211 -10.62 -3.63 -10.39
N TYR B 212 -11.45 -3.89 -9.37
CA TYR B 212 -11.50 -3.15 -8.08
C TYR B 212 -10.77 -3.93 -7.00
N PRO B 213 -9.71 -3.37 -6.36
CA PRO B 213 -9.03 -4.04 -5.25
C PRO B 213 -10.01 -4.44 -4.13
N LYS B 214 -9.81 -5.63 -3.55
CA LYS B 214 -10.59 -6.14 -2.39
C LYS B 214 -9.97 -5.52 -1.14
N THR B 215 -10.80 -5.12 -0.17
CA THR B 215 -10.37 -4.72 1.20
C THR B 215 -10.53 -5.92 2.13
N VAL B 216 -9.44 -6.39 2.72
CA VAL B 216 -9.41 -7.47 3.74
C VAL B 216 -9.65 -6.82 5.11
N ARG B 217 -10.59 -7.36 5.89
CA ARG B 217 -10.99 -6.87 7.24
C ARG B 217 -10.81 -8.00 8.25
N VAL B 218 -9.88 -7.82 9.20
CA VAL B 218 -9.46 -8.87 10.17
C VAL B 218 -9.63 -8.31 11.58
N PRO B 219 -10.44 -8.94 12.47
CA PRO B 219 -10.46 -8.57 13.89
C PRO B 219 -9.06 -8.77 14.50
N TYR B 220 -8.41 -7.66 14.86
CA TYR B 220 -7.00 -7.58 15.32
C TYR B 220 -6.92 -6.54 16.43
N PRO B 221 -6.76 -6.96 17.71
CA PRO B 221 -6.59 -6.00 18.81
C PRO B 221 -5.13 -5.52 18.83
N LYS B 222 -4.91 -4.23 18.52
CA LYS B 222 -3.61 -3.55 18.67
C LYS B 222 -3.41 -3.22 20.17
N ALA B 223 -2.20 -2.79 20.55
CA ALA B 223 -1.79 -2.57 21.96
C ALA B 223 -2.75 -1.59 22.63
N GLY B 224 -3.44 -2.02 23.69
CA GLY B 224 -4.37 -1.19 24.49
C GLY B 224 -5.81 -1.25 23.98
N ALA B 225 -6.06 -1.85 22.81
CA ALA B 225 -7.39 -1.93 22.17
C ALA B 225 -8.27 -2.95 22.91
N VAL B 226 -9.56 -2.99 22.60
CA VAL B 226 -10.53 -3.98 23.15
C VAL B 226 -10.09 -5.36 22.66
N ASN B 227 -9.81 -6.28 23.59
CA ASN B 227 -9.38 -7.68 23.30
C ASN B 227 -10.62 -8.54 23.06
N PRO B 228 -10.47 -9.74 22.45
CA PRO B 228 -11.55 -10.72 22.43
C PRO B 228 -11.81 -11.25 23.85
N THR B 229 -13.07 -11.58 24.15
CA THR B 229 -13.48 -12.30 25.38
C THR B 229 -13.52 -13.80 25.06
N VAL B 230 -13.34 -14.64 26.08
CA VAL B 230 -13.24 -16.12 25.94
C VAL B 230 -14.24 -16.78 26.92
N LYS B 231 -14.88 -17.85 26.47
CA LYS B 231 -15.66 -18.82 27.30
C LYS B 231 -15.09 -20.21 27.06
N PHE B 232 -15.28 -21.12 28.02
CA PHE B 232 -14.82 -22.53 27.94
C PHE B 232 -16.00 -23.48 28.23
N PHE B 233 -16.19 -24.48 27.37
CA PHE B 233 -17.32 -25.45 27.40
C PHE B 233 -16.78 -26.88 27.29
N VAL B 234 -17.56 -27.85 27.79
CA VAL B 234 -17.28 -29.32 27.72
C VAL B 234 -18.58 -30.02 27.37
N VAL B 235 -18.54 -30.98 26.44
CA VAL B 235 -19.74 -31.73 25.93
C VAL B 235 -19.46 -33.23 26.06
N ASN B 236 -20.49 -33.98 26.47
CA ASN B 236 -20.50 -35.47 26.55
C ASN B 236 -20.91 -36.02 25.17
N THR B 237 -19.97 -36.68 24.47
CA THR B 237 -20.15 -37.18 23.08
C THR B 237 -20.96 -38.48 23.08
N ASP B 238 -20.98 -39.24 24.19
CA ASP B 238 -21.64 -40.57 24.29
C ASP B 238 -23.17 -40.39 24.24
N SER B 239 -23.70 -39.32 24.86
CA SER B 239 -25.14 -39.03 25.01
C SER B 239 -25.58 -37.93 24.02
N LEU B 240 -25.37 -38.17 22.72
CA LEU B 240 -25.87 -37.31 21.60
C LEU B 240 -27.02 -38.04 20.91
N SER B 241 -28.21 -37.42 20.87
CA SER B 241 -29.44 -37.93 20.20
C SER B 241 -29.77 -37.07 18.98
N SER B 242 -30.41 -37.68 17.97
CA SER B 242 -30.92 -37.02 16.74
C SER B 242 -32.06 -36.05 17.08
N VAL B 243 -32.80 -36.30 18.18
CA VAL B 243 -34.00 -35.52 18.62
C VAL B 243 -33.52 -34.21 19.27
N THR B 244 -32.86 -34.31 20.43
CA THR B 244 -32.51 -33.17 21.32
C THR B 244 -31.16 -32.55 20.89
N ASN B 245 -30.99 -31.25 21.11
CA ASN B 245 -29.70 -30.52 20.95
C ASN B 245 -28.71 -30.99 22.02
N ALA B 246 -27.41 -30.94 21.70
CA ALA B 246 -26.31 -31.30 22.62
C ALA B 246 -26.19 -30.23 23.71
N THR B 247 -26.10 -30.66 24.97
CA THR B 247 -26.00 -29.77 26.17
C THR B 247 -24.52 -29.54 26.48
N SER B 248 -24.05 -28.30 26.35
CA SER B 248 -22.66 -27.86 26.61
C SER B 248 -22.56 -27.23 28.00
N ILE B 249 -21.75 -27.80 28.89
CA ILE B 249 -21.53 -27.32 30.29
C ILE B 249 -20.36 -26.33 30.27
N GLN B 250 -20.62 -25.07 30.64
CA GLN B 250 -19.60 -24.00 30.72
C GLN B 250 -18.77 -24.18 32.00
N ILE B 251 -17.45 -24.12 31.89
CA ILE B 251 -16.50 -23.95 33.03
C ILE B 251 -16.16 -22.46 33.09
N THR B 252 -16.62 -21.77 34.13
CA THR B 252 -16.32 -20.34 34.39
C THR B 252 -14.84 -20.21 34.79
N ALA B 253 -14.18 -19.13 34.38
CA ALA B 253 -12.81 -18.78 34.81
C ALA B 253 -12.83 -18.40 36.29
N PRO B 254 -11.68 -18.43 37.01
CA PRO B 254 -11.64 -18.02 38.41
C PRO B 254 -12.15 -16.59 38.65
N ALA B 255 -12.61 -16.29 39.87
CA ALA B 255 -13.07 -14.96 40.33
C ALA B 255 -11.93 -13.93 40.22
N SER B 256 -10.68 -14.36 40.45
CA SER B 256 -9.46 -13.52 40.38
C SER B 256 -9.12 -13.12 38.93
N MET B 257 -9.76 -13.73 37.94
CA MET B 257 -9.58 -13.43 36.48
C MET B 257 -10.76 -12.60 35.95
N LEU B 258 -11.99 -12.86 36.41
CA LEU B 258 -13.24 -12.15 36.02
C LEU B 258 -13.22 -10.68 36.49
N ILE B 259 -12.40 -10.34 37.49
CA ILE B 259 -12.22 -8.95 38.01
C ILE B 259 -11.93 -8.00 36.84
N GLY B 260 -11.09 -8.40 35.88
CA GLY B 260 -10.67 -7.58 34.73
C GLY B 260 -10.58 -8.38 33.44
N ASP B 261 -9.69 -7.96 32.53
CA ASP B 261 -9.44 -8.60 31.21
C ASP B 261 -8.47 -9.78 31.41
N HIS B 262 -8.78 -10.94 30.80
CA HIS B 262 -8.04 -12.22 30.97
C HIS B 262 -7.90 -12.97 29.65
N TYR B 263 -6.97 -13.92 29.59
CA TYR B 263 -6.79 -14.90 28.48
C TYR B 263 -6.88 -16.34 29.02
N LEU B 264 -7.41 -17.27 28.20
CA LEU B 264 -7.24 -18.73 28.35
C LEU B 264 -5.98 -19.13 27.58
N CYS B 265 -4.87 -19.47 28.28
CA CYS B 265 -3.52 -19.64 27.69
C CYS B 265 -3.07 -21.10 27.62
N ASP B 266 -3.77 -22.06 28.24
CA ASP B 266 -3.44 -23.51 28.14
C ASP B 266 -4.64 -24.38 28.56
N VAL B 267 -4.81 -25.51 27.86
CA VAL B 267 -5.83 -26.57 28.14
C VAL B 267 -5.14 -27.93 28.02
N THR B 268 -5.09 -28.70 29.12
CA THR B 268 -4.45 -30.04 29.22
C THR B 268 -5.36 -30.97 30.02
N TRP B 269 -5.88 -32.03 29.41
CA TRP B 269 -6.61 -33.14 30.11
C TRP B 269 -5.62 -33.93 30.98
N ALA B 270 -5.91 -34.08 32.28
CA ALA B 270 -5.10 -34.86 33.24
C ALA B 270 -5.50 -36.33 33.17
N THR B 271 -6.79 -36.62 33.35
CA THR B 271 -7.40 -37.98 33.29
C THR B 271 -8.64 -37.92 32.38
N GLN B 272 -9.55 -38.89 32.48
CA GLN B 272 -10.84 -38.93 31.73
C GLN B 272 -11.85 -37.94 32.35
N GLU B 273 -11.67 -37.60 33.64
CA GLU B 273 -12.65 -36.83 34.45
C GLU B 273 -11.98 -35.63 35.13
N ARG B 274 -10.83 -35.16 34.63
CA ARG B 274 -10.08 -34.01 35.21
C ARG B 274 -9.43 -33.20 34.08
N ILE B 275 -9.75 -31.90 33.99
CA ILE B 275 -9.17 -30.94 33.02
C ILE B 275 -8.37 -29.90 33.80
N SER B 276 -7.15 -29.61 33.34
CA SER B 276 -6.33 -28.45 33.77
C SER B 276 -6.55 -27.30 32.78
N LEU B 277 -7.06 -26.16 33.27
CA LEU B 277 -7.19 -24.88 32.54
C LEU B 277 -6.27 -23.85 33.19
N GLN B 278 -5.44 -23.18 32.39
CA GLN B 278 -4.61 -22.03 32.86
C GLN B 278 -5.22 -20.75 32.30
N TRP B 279 -5.34 -19.74 33.16
CA TRP B 279 -5.83 -18.38 32.81
C TRP B 279 -4.73 -17.37 33.11
N LEU B 280 -4.68 -16.29 32.34
CA LEU B 280 -3.64 -15.23 32.42
C LEU B 280 -4.34 -13.87 32.38
N ARG B 281 -4.01 -12.98 33.32
CA ARG B 281 -4.51 -11.58 33.36
C ARG B 281 -3.93 -10.81 32.17
N ARG B 282 -4.64 -9.78 31.70
CA ARG B 282 -4.22 -8.94 30.54
C ARG B 282 -2.85 -8.31 30.85
N ILE B 283 -2.61 -7.92 32.10
CA ILE B 283 -1.23 -7.73 32.65
C ILE B 283 -0.72 -9.14 32.98
N GLN B 284 0.27 -9.63 32.22
CA GLN B 284 0.66 -11.06 32.14
C GLN B 284 1.74 -11.39 33.18
N ASN B 285 1.57 -10.92 34.42
CA ASN B 285 2.49 -11.15 35.57
C ASN B 285 1.77 -11.97 36.65
N TYR B 286 0.56 -12.46 36.37
CA TYR B 286 -0.31 -13.23 37.30
C TYR B 286 -1.14 -14.23 36.51
N SER B 287 -0.91 -15.54 36.72
CA SER B 287 -1.63 -16.64 36.05
C SER B 287 -2.17 -17.63 37.10
N VAL B 288 -3.35 -18.21 36.83
CA VAL B 288 -4.07 -19.14 37.75
C VAL B 288 -4.38 -20.43 36.98
N MET B 289 -3.89 -21.56 37.48
CA MET B 289 -4.20 -22.92 36.97
C MET B 289 -5.40 -23.47 37.78
N ASP B 290 -6.51 -23.78 37.10
CA ASP B 290 -7.70 -24.47 37.66
C ASP B 290 -7.54 -25.97 37.39
N ILE B 291 -7.94 -26.81 38.36
CA ILE B 291 -8.12 -28.29 38.20
C ILE B 291 -9.61 -28.58 38.38
N CYS B 292 -10.27 -29.05 37.33
CA CYS B 292 -11.75 -29.15 37.21
C CYS B 292 -12.16 -30.61 37.06
N ASP B 293 -12.96 -31.12 37.99
CA ASP B 293 -13.37 -32.55 38.10
C ASP B 293 -14.84 -32.71 37.68
N TYR B 294 -15.14 -33.78 36.94
CA TYR B 294 -16.52 -34.19 36.54
C TYR B 294 -17.23 -34.80 37.75
N ASP B 295 -18.41 -34.26 38.10
CA ASP B 295 -19.35 -34.84 39.09
C ASP B 295 -20.26 -35.83 38.36
N GLU B 296 -20.10 -37.12 38.63
CA GLU B 296 -20.70 -38.24 37.83
C GLU B 296 -22.23 -38.23 37.93
N SER B 297 -22.78 -37.81 39.07
CA SER B 297 -24.24 -37.70 39.33
C SER B 297 -24.80 -36.44 38.66
N SER B 298 -24.30 -35.27 39.09
CA SER B 298 -24.76 -33.91 38.69
C SER B 298 -24.53 -33.65 37.20
N GLY B 299 -23.41 -34.14 36.64
CA GLY B 299 -23.00 -33.92 35.24
C GLY B 299 -22.30 -32.59 35.03
N ARG B 300 -21.89 -31.91 36.11
CA ARG B 300 -21.22 -30.58 36.11
C ARG B 300 -19.70 -30.76 36.22
N TRP B 301 -18.95 -29.66 36.09
CA TRP B 301 -17.47 -29.60 36.23
C TRP B 301 -17.13 -28.58 37.33
N ASN B 302 -16.65 -29.07 38.48
CA ASN B 302 -16.39 -28.26 39.71
C ASN B 302 -14.88 -27.97 39.81
N CYS B 303 -14.50 -26.69 39.92
CA CYS B 303 -13.09 -26.21 39.93
C CYS B 303 -12.80 -25.59 41.31
N LEU B 304 -12.55 -26.43 42.31
CA LEU B 304 -12.32 -26.04 43.73
C LEU B 304 -11.25 -24.94 43.81
N VAL B 305 -11.52 -23.89 44.59
CA VAL B 305 -10.65 -22.68 44.74
C VAL B 305 -9.36 -23.08 45.46
N ALA B 306 -9.41 -24.03 46.40
CA ALA B 306 -8.25 -24.54 47.18
C ALA B 306 -7.25 -25.25 46.27
N ARG B 307 -7.72 -25.89 45.18
CA ARG B 307 -6.88 -26.66 44.22
C ARG B 307 -6.10 -25.74 43.27
N GLN B 308 -6.50 -24.46 43.16
CA GLN B 308 -5.86 -23.46 42.25
C GLN B 308 -4.35 -23.36 42.53
N HIS B 309 -3.54 -23.30 41.47
CA HIS B 309 -2.07 -23.05 41.52
C HIS B 309 -1.78 -21.68 40.88
N ILE B 310 -1.24 -20.74 41.65
CA ILE B 310 -0.94 -19.35 41.22
C ILE B 310 0.54 -19.27 40.81
N GLU B 311 0.81 -18.75 39.62
CA GLU B 311 2.18 -18.44 39.11
C GLU B 311 2.22 -16.95 38.77
N MET B 312 3.19 -16.23 39.34
CA MET B 312 3.35 -14.76 39.17
C MET B 312 4.84 -14.40 39.01
N SER B 313 5.13 -13.21 38.48
CA SER B 313 6.49 -12.61 38.35
C SER B 313 6.47 -11.17 38.85
N THR B 314 7.52 -10.75 39.57
CA THR B 314 7.78 -9.35 39.99
C THR B 314 8.76 -8.68 39.02
N THR B 315 9.72 -9.45 38.47
CA THR B 315 10.79 -8.97 37.55
C THR B 315 10.25 -8.74 36.13
N GLY B 316 9.20 -9.47 35.70
CA GLY B 316 8.58 -9.29 34.38
C GLY B 316 7.28 -10.05 34.20
N TRP B 317 7.24 -10.96 33.22
CA TRP B 317 6.03 -11.69 32.75
C TRP B 317 6.13 -13.17 33.13
N VAL B 318 5.00 -13.89 33.11
CA VAL B 318 4.91 -15.34 33.45
C VAL B 318 5.34 -16.17 32.23
N GLY B 319 6.29 -17.09 32.42
CA GLY B 319 6.76 -18.03 31.40
C GLY B 319 7.65 -17.36 30.36
N ARG B 320 8.06 -18.12 29.33
CA ARG B 320 8.94 -17.63 28.24
C ARG B 320 8.13 -16.76 27.30
N PHE B 321 7.01 -17.29 26.79
CA PHE B 321 6.00 -16.59 25.98
C PHE B 321 4.62 -16.68 26.65
N ARG B 322 4.32 -17.78 27.34
CA ARG B 322 3.06 -17.99 28.11
C ARG B 322 3.37 -18.90 29.30
N PRO B 323 2.43 -19.05 30.27
CA PRO B 323 2.57 -20.07 31.32
C PRO B 323 2.82 -21.46 30.71
N SER B 324 3.82 -22.17 31.25
CA SER B 324 4.34 -23.46 30.70
C SER B 324 3.28 -24.56 30.82
N GLU B 325 3.38 -25.57 29.96
CA GLU B 325 2.47 -26.74 29.87
C GLU B 325 2.67 -27.62 31.10
N PRO B 326 1.59 -28.11 31.76
CA PRO B 326 1.72 -29.12 32.82
C PRO B 326 1.76 -30.52 32.23
N HIS B 327 2.58 -31.41 32.82
CA HIS B 327 2.71 -32.84 32.44
C HIS B 327 2.27 -33.70 33.62
N PHE B 328 1.06 -34.26 33.53
CA PHE B 328 0.39 -35.00 34.63
C PHE B 328 0.96 -36.42 34.72
N THR B 329 1.13 -36.93 35.95
CA THR B 329 1.28 -38.38 36.24
C THR B 329 -0.02 -39.06 35.81
N LEU B 330 0.03 -40.35 35.49
CA LEU B 330 -1.09 -41.10 34.85
C LEU B 330 -2.35 -41.06 35.73
N ASP B 331 -2.20 -41.04 37.06
CA ASP B 331 -3.32 -40.97 38.04
C ASP B 331 -3.95 -39.56 38.02
N GLY B 332 -3.18 -38.54 37.67
CA GLY B 332 -3.66 -37.13 37.56
C GLY B 332 -3.71 -36.41 38.89
N ASN B 333 -3.09 -36.97 39.94
CA ASN B 333 -3.04 -36.37 41.31
C ASN B 333 -1.78 -35.52 41.46
N SER B 334 -0.91 -35.51 40.46
CA SER B 334 0.33 -34.68 40.45
C SER B 334 0.71 -34.31 39.01
N PHE B 335 1.59 -33.34 38.85
CA PHE B 335 2.11 -32.92 37.53
C PHE B 335 3.48 -32.26 37.68
N TYR B 336 4.17 -32.13 36.55
CA TYR B 336 5.48 -31.45 36.43
C TYR B 336 5.29 -30.27 35.47
N LYS B 337 6.00 -29.17 35.77
CA LYS B 337 5.81 -27.85 35.15
C LYS B 337 7.13 -27.09 35.25
N ILE B 338 7.61 -26.52 34.14
CA ILE B 338 8.83 -25.67 34.10
C ILE B 338 8.47 -24.33 34.75
N ILE B 339 9.18 -23.96 35.81
CA ILE B 339 8.96 -22.74 36.65
C ILE B 339 10.32 -22.06 36.85
N SER B 340 10.32 -20.72 36.89
CA SER B 340 11.50 -19.91 37.26
C SER B 340 11.76 -20.06 38.76
N ASN B 341 12.98 -20.45 39.15
CA ASN B 341 13.37 -20.68 40.56
C ASN B 341 13.79 -19.34 41.20
N GLU B 342 14.30 -19.39 42.44
CA GLU B 342 14.69 -18.21 43.26
C GLU B 342 15.83 -17.43 42.56
N GLU B 343 16.75 -18.15 41.91
CA GLU B 343 17.95 -17.57 41.24
C GLU B 343 17.61 -17.10 39.82
N GLY B 344 16.37 -17.33 39.35
CA GLY B 344 15.84 -16.80 38.08
C GLY B 344 15.99 -17.76 36.92
N TYR B 345 16.44 -19.00 37.16
CA TYR B 345 16.62 -20.05 36.12
C TYR B 345 15.41 -20.98 36.11
N ARG B 346 15.02 -21.43 34.91
CA ARG B 346 13.79 -22.24 34.67
C ARG B 346 14.13 -23.71 34.83
N HIS B 347 13.36 -24.41 35.67
CA HIS B 347 13.61 -25.82 36.10
C HIS B 347 12.28 -26.53 36.36
N ILE B 348 12.30 -27.87 36.39
CA ILE B 348 11.08 -28.71 36.57
C ILE B 348 10.69 -28.66 38.04
N CYS B 349 9.41 -28.41 38.32
CA CYS B 349 8.84 -28.37 39.70
C CYS B 349 7.74 -29.44 39.80
N TYR B 350 7.78 -30.25 40.86
CA TYR B 350 6.80 -31.33 41.16
C TYR B 350 5.66 -30.75 42.00
N PHE B 351 4.45 -30.72 41.44
CA PHE B 351 3.20 -30.26 42.10
C PHE B 351 2.34 -31.46 42.45
N GLN B 352 1.87 -31.53 43.71
CA GLN B 352 0.84 -32.48 44.19
C GLN B 352 -0.45 -31.68 44.41
N ILE B 353 -1.58 -32.20 43.93
CA ILE B 353 -2.83 -31.44 43.61
C ILE B 353 -3.37 -30.72 44.87
N ASP B 354 -3.52 -31.42 45.99
CA ASP B 354 -4.15 -30.88 47.23
C ASP B 354 -3.05 -30.59 48.28
N LYS B 355 -1.86 -30.16 47.84
CA LYS B 355 -0.70 -29.79 48.70
C LYS B 355 -0.12 -28.47 48.18
N LYS B 356 0.28 -27.56 49.09
CA LYS B 356 0.82 -26.22 48.74
C LYS B 356 2.27 -26.35 48.26
N ASP B 357 2.75 -25.36 47.50
CA ASP B 357 4.12 -25.24 46.95
C ASP B 357 4.36 -26.34 45.92
N CYS B 358 5.55 -26.34 45.31
CA CYS B 358 6.11 -27.46 44.51
C CYS B 358 7.53 -27.75 44.97
N THR B 359 8.03 -28.93 44.63
CA THR B 359 9.43 -29.39 44.87
C THR B 359 10.20 -29.26 43.55
N PHE B 360 11.31 -28.52 43.54
CA PHE B 360 12.24 -28.45 42.39
C PHE B 360 13.04 -29.75 42.32
N ILE B 361 12.95 -30.45 41.19
CA ILE B 361 13.70 -31.73 40.94
C ILE B 361 14.99 -31.43 40.14
N THR B 362 15.11 -30.25 39.51
CA THR B 362 16.32 -29.77 38.78
C THR B 362 16.75 -28.39 39.31
N LYS B 363 18.05 -28.11 39.31
CA LYS B 363 18.68 -26.85 39.76
C LYS B 363 19.98 -26.61 38.94
N GLY B 364 20.51 -25.38 38.96
CA GLY B 364 21.82 -25.02 38.38
C GLY B 364 21.75 -23.81 37.46
N THR B 365 22.91 -23.30 37.03
CA THR B 365 23.08 -22.14 36.13
C THR B 365 22.90 -22.61 34.68
N TRP B 366 21.66 -22.97 34.34
CA TRP B 366 21.22 -23.48 33.01
C TRP B 366 19.69 -23.67 33.09
N GLU B 367 19.02 -23.96 31.97
CA GLU B 367 17.53 -24.02 31.91
C GLU B 367 17.06 -25.32 31.27
N VAL B 368 15.96 -25.88 31.77
CA VAL B 368 15.16 -26.95 31.10
C VAL B 368 14.36 -26.29 29.98
N ILE B 369 14.54 -26.73 28.73
CA ILE B 369 13.84 -26.16 27.54
C ILE B 369 12.42 -26.72 27.50
N GLY B 370 12.27 -28.05 27.66
CA GLY B 370 10.96 -28.74 27.64
C GLY B 370 10.96 -30.05 28.42
N ILE B 371 9.79 -30.44 28.94
CA ILE B 371 9.47 -31.80 29.44
C ILE B 371 8.89 -32.59 28.26
N GLU B 372 9.51 -33.72 27.89
CA GLU B 372 9.26 -34.43 26.61
C GLU B 372 8.43 -35.70 26.82
N ALA B 373 8.60 -36.40 27.96
CA ALA B 373 7.84 -37.63 28.29
C ALA B 373 7.91 -37.91 29.79
N LEU B 374 6.94 -38.69 30.29
CA LEU B 374 6.78 -39.06 31.71
C LEU B 374 6.33 -40.52 31.80
N THR B 375 7.15 -41.37 32.43
CA THR B 375 6.82 -42.77 32.85
C THR B 375 6.68 -42.80 34.37
N SER B 376 6.32 -43.97 34.92
CA SER B 376 6.30 -44.26 36.38
C SER B 376 7.72 -44.18 36.96
N ASP B 377 8.74 -44.50 36.15
CA ASP B 377 10.17 -44.62 36.56
C ASP B 377 10.92 -43.31 36.32
N TYR B 378 10.72 -42.67 35.16
CA TYR B 378 11.58 -41.56 34.64
C TYR B 378 10.74 -40.44 34.01
N LEU B 379 11.21 -39.20 34.18
CA LEU B 379 10.76 -37.99 33.43
C LEU B 379 11.88 -37.58 32.46
N TYR B 380 11.56 -37.53 31.16
CA TYR B 380 12.50 -37.16 30.07
C TYR B 380 12.32 -35.68 29.72
N TYR B 381 13.43 -34.92 29.70
CA TYR B 381 13.46 -33.46 29.44
C TYR B 381 14.66 -33.08 28.56
N ILE B 382 14.52 -31.98 27.79
CA ILE B 382 15.62 -31.30 27.03
C ILE B 382 16.12 -30.12 27.87
N SER B 383 17.42 -29.87 27.88
CA SER B 383 18.07 -28.72 28.57
C SER B 383 19.34 -28.29 27.82
N ASN B 384 19.94 -27.18 28.26
CA ASN B 384 21.19 -26.59 27.71
C ASN B 384 22.30 -26.69 28.76
N GLU B 385 22.30 -27.76 29.55
CA GLU B 385 23.25 -27.97 30.69
C GLU B 385 24.66 -28.27 30.16
N TYR B 386 24.75 -29.12 29.12
CA TYR B 386 26.02 -29.75 28.64
C TYR B 386 27.03 -28.67 28.25
N LYS B 387 28.22 -28.68 28.89
CA LYS B 387 29.37 -27.77 28.63
C LYS B 387 28.98 -26.30 28.89
N GLY B 388 27.92 -26.05 29.68
CA GLY B 388 27.36 -24.71 29.96
C GLY B 388 27.13 -23.88 28.70
N MET B 389 26.63 -24.49 27.62
CA MET B 389 26.34 -23.85 26.31
C MET B 389 24.84 -23.60 26.19
N PRO B 390 24.35 -22.36 26.34
CA PRO B 390 22.91 -22.07 26.20
C PRO B 390 22.34 -22.40 24.82
N GLY B 391 23.17 -22.33 23.77
CA GLY B 391 22.79 -22.59 22.37
C GLY B 391 22.79 -24.06 22.01
N GLY B 392 23.15 -24.95 22.94
CA GLY B 392 23.09 -26.42 22.78
C GLY B 392 21.84 -27.00 23.41
N ARG B 393 21.39 -28.16 22.91
CA ARG B 393 20.19 -28.90 23.37
C ARG B 393 20.54 -30.39 23.48
N ASN B 394 20.24 -31.01 24.63
CA ASN B 394 20.49 -32.45 24.89
C ASN B 394 19.32 -33.08 25.67
N LEU B 395 18.99 -34.32 25.36
CA LEU B 395 17.94 -35.11 26.06
C LEU B 395 18.53 -35.69 27.35
N TYR B 396 17.88 -35.43 28.49
CA TYR B 396 18.23 -35.95 29.84
C TYR B 396 17.06 -36.77 30.39
N LYS B 397 17.32 -37.46 31.51
CA LYS B 397 16.40 -38.43 32.16
C LYS B 397 16.62 -38.35 33.67
N ILE B 398 15.58 -38.04 34.46
CA ILE B 398 15.64 -37.95 35.95
C ILE B 398 14.90 -39.17 36.52
N GLN B 399 15.56 -39.93 37.40
CA GLN B 399 14.95 -41.04 38.17
C GLN B 399 14.03 -40.43 39.22
N LEU B 400 12.72 -40.73 39.16
CA LEU B 400 11.68 -40.12 40.04
C LEU B 400 11.84 -40.61 41.48
N SER B 401 12.52 -41.74 41.71
CA SER B 401 12.81 -42.33 43.05
C SER B 401 14.10 -41.75 43.66
N ASP B 402 14.92 -41.04 42.88
CA ASP B 402 16.15 -40.36 43.36
C ASP B 402 16.53 -39.25 42.38
N TYR B 403 16.23 -37.99 42.71
CA TYR B 403 16.36 -36.82 41.80
C TYR B 403 17.84 -36.53 41.49
N THR B 404 18.80 -37.03 42.29
CA THR B 404 20.26 -36.88 42.04
C THR B 404 20.72 -37.76 40.87
N LYS B 405 19.98 -38.84 40.54
CA LYS B 405 20.31 -39.79 39.43
C LYS B 405 19.83 -39.22 38.10
N VAL B 406 20.65 -38.35 37.49
CA VAL B 406 20.38 -37.65 36.20
C VAL B 406 21.34 -38.21 35.14
N THR B 407 20.79 -38.68 34.01
CA THR B 407 21.52 -39.38 32.91
C THR B 407 21.29 -38.62 31.59
N CYS B 408 22.36 -38.14 30.94
CA CYS B 408 22.29 -37.58 29.56
C CYS B 408 22.22 -38.74 28.56
N LEU B 409 21.20 -38.75 27.70
CA LEU B 409 20.94 -39.83 26.71
C LEU B 409 21.51 -39.46 25.34
N SER B 410 21.84 -38.19 25.09
CA SER B 410 22.20 -37.63 23.76
C SER B 410 23.64 -37.08 23.73
N CYS B 411 24.11 -36.47 24.83
CA CYS B 411 25.41 -35.75 24.93
C CYS B 411 26.52 -36.47 24.15
N GLU B 412 26.73 -37.77 24.42
CA GLU B 412 27.95 -38.53 24.04
C GLU B 412 27.70 -39.44 22.82
N LEU B 413 26.54 -39.37 22.16
CA LEU B 413 26.21 -40.22 20.99
C LEU B 413 27.13 -39.89 19.81
N ASN B 414 27.35 -38.59 19.54
CA ASN B 414 28.41 -38.09 18.62
C ASN B 414 28.73 -36.65 19.01
N PRO B 415 29.65 -36.42 19.97
CA PRO B 415 29.82 -35.10 20.58
C PRO B 415 30.42 -33.99 19.70
N GLU B 416 31.08 -34.34 18.59
CA GLU B 416 31.64 -33.36 17.61
C GLU B 416 30.54 -32.94 16.61
N ARG B 417 29.73 -33.90 16.14
CA ARG B 417 28.69 -33.68 15.09
C ARG B 417 27.40 -33.11 15.71
N CYS B 418 26.99 -33.59 16.89
CA CYS B 418 25.61 -33.44 17.44
C CYS B 418 25.63 -32.79 18.84
N GLN B 419 25.21 -31.51 18.91
CA GLN B 419 25.08 -30.71 20.16
C GLN B 419 23.70 -30.04 20.27
N TYR B 420 22.73 -30.42 19.42
CA TYR B 420 21.38 -29.81 19.35
C TYR B 420 20.35 -30.87 18.98
N TYR B 421 19.67 -31.42 19.99
CA TYR B 421 18.71 -32.55 19.86
C TYR B 421 17.28 -32.05 20.13
N SER B 422 16.33 -32.60 19.38
CA SER B 422 14.89 -32.69 19.74
C SER B 422 14.49 -34.17 19.77
N VAL B 423 13.33 -34.50 20.33
CA VAL B 423 12.92 -35.91 20.57
C VAL B 423 11.44 -36.11 20.21
N SER B 424 11.09 -37.34 19.83
CA SER B 424 9.70 -37.82 19.58
C SER B 424 9.53 -39.21 20.20
N PHE B 425 8.86 -39.31 21.35
CA PHE B 425 8.61 -40.57 22.08
C PHE B 425 7.38 -41.27 21.49
N SER B 426 7.34 -42.61 21.59
CA SER B 426 6.16 -43.45 21.27
C SER B 426 5.08 -43.24 22.35
N LYS B 427 3.87 -43.76 22.14
CA LYS B 427 2.64 -43.41 22.90
C LYS B 427 2.87 -43.52 24.42
N GLU B 428 3.59 -44.55 24.89
CA GLU B 428 3.90 -44.76 26.33
C GLU B 428 5.42 -44.73 26.56
N ALA B 429 6.17 -44.07 25.67
CA ALA B 429 7.62 -43.76 25.80
C ALA B 429 8.46 -45.04 25.90
N LYS B 430 8.12 -46.08 25.13
CA LYS B 430 8.91 -47.34 25.05
C LYS B 430 10.11 -47.13 24.13
N TYR B 431 9.94 -46.35 23.04
CA TYR B 431 11.00 -45.95 22.08
C TYR B 431 10.97 -44.44 21.90
N TYR B 432 12.11 -43.84 21.53
CA TYR B 432 12.22 -42.41 21.15
C TYR B 432 13.12 -42.23 19.91
N GLN B 433 12.69 -41.35 19.01
CA GLN B 433 13.49 -40.83 17.86
C GLN B 433 14.24 -39.59 18.36
N LEU B 434 15.58 -39.61 18.31
CA LEU B 434 16.42 -38.40 18.51
C LEU B 434 16.64 -37.74 17.15
N ARG B 435 16.55 -36.41 17.11
CA ARG B 435 16.71 -35.58 15.88
C ARG B 435 17.82 -34.57 16.16
N CYS B 436 19.02 -34.85 15.65
CA CYS B 436 20.22 -33.97 15.68
C CYS B 436 20.07 -32.96 14.54
N SER B 437 20.31 -31.67 14.80
CA SER B 437 20.19 -30.58 13.77
C SER B 437 21.46 -29.71 13.72
N GLY B 438 22.59 -30.16 14.29
CA GLY B 438 23.89 -29.47 14.18
C GLY B 438 24.83 -29.77 15.36
N PRO B 439 26.08 -29.25 15.36
CA PRO B 439 26.62 -28.41 14.28
C PRO B 439 26.95 -29.10 12.95
N GLY B 440 27.05 -30.44 12.93
CA GLY B 440 27.21 -31.24 11.70
C GLY B 440 25.88 -31.45 11.00
N LEU B 441 25.83 -32.27 9.95
CA LEU B 441 24.57 -32.52 9.19
C LEU B 441 23.57 -33.20 10.10
N PRO B 442 22.24 -32.94 9.96
CA PRO B 442 21.24 -33.65 10.74
C PRO B 442 21.35 -35.18 10.68
N LEU B 443 21.12 -35.84 11.82
CA LEU B 443 21.19 -37.31 12.01
C LEU B 443 19.96 -37.76 12.80
N TYR B 444 19.17 -38.65 12.21
CA TYR B 444 17.89 -39.19 12.76
C TYR B 444 18.11 -40.64 13.19
N THR B 445 17.94 -40.92 14.50
CA THR B 445 18.30 -42.20 15.16
C THR B 445 17.15 -42.64 16.08
N LEU B 446 16.79 -43.93 16.05
CA LEU B 446 15.77 -44.54 16.95
C LEU B 446 16.46 -45.26 18.12
N HIS B 447 15.83 -45.22 19.29
CA HIS B 447 16.35 -45.79 20.56
C HIS B 447 15.22 -46.52 21.31
N SER B 448 15.60 -47.43 22.21
CA SER B 448 14.70 -48.17 23.13
C SER B 448 14.86 -47.60 24.54
N SER B 449 13.76 -47.28 25.21
CA SER B 449 13.73 -46.58 26.53
C SER B 449 14.28 -47.49 27.65
N VAL B 450 14.14 -48.81 27.50
CA VAL B 450 14.43 -49.84 28.55
C VAL B 450 15.88 -49.68 29.01
N ASN B 451 16.84 -49.82 28.07
CA ASN B 451 18.31 -49.77 28.32
C ASN B 451 18.92 -48.48 27.76
N ASP B 452 18.12 -47.62 27.11
CA ASP B 452 18.59 -46.45 26.31
C ASP B 452 19.57 -46.94 25.23
N LYS B 453 19.24 -48.06 24.58
CA LYS B 453 20.08 -48.73 23.56
C LYS B 453 19.86 -48.05 22.21
N GLY B 454 20.95 -47.80 21.47
CA GLY B 454 20.91 -47.37 20.06
C GLY B 454 20.46 -48.51 19.16
N LEU B 455 19.22 -48.45 18.66
CA LEU B 455 18.62 -49.51 17.79
C LEU B 455 19.18 -49.40 16.38
N ARG B 456 19.08 -48.20 15.78
CA ARG B 456 19.04 -48.02 14.30
C ARG B 456 19.42 -46.59 13.95
N VAL B 457 19.93 -46.38 12.72
CA VAL B 457 20.01 -45.05 12.05
C VAL B 457 18.89 -45.01 11.01
N LEU B 458 18.14 -43.90 11.00
CA LEU B 458 16.93 -43.69 10.15
C LEU B 458 17.30 -42.88 8.91
N GLU B 459 18.04 -41.78 9.12
CA GLU B 459 18.61 -40.90 8.06
C GLU B 459 19.86 -40.22 8.61
N ASP B 460 20.99 -40.29 7.89
CA ASP B 460 22.31 -39.73 8.32
C ASP B 460 22.76 -38.57 7.41
N ASN B 461 22.02 -38.26 6.33
CA ASN B 461 22.36 -37.20 5.35
C ASN B 461 23.73 -37.49 4.74
N SER B 462 23.95 -38.73 4.30
CA SER B 462 25.20 -39.20 3.66
C SER B 462 25.29 -38.64 2.23
N ALA B 463 24.17 -38.68 1.49
CA ALA B 463 24.02 -38.15 0.10
C ALA B 463 24.42 -36.68 0.05
N LEU B 464 24.02 -35.88 1.04
CA LEU B 464 24.33 -34.43 1.15
C LEU B 464 25.82 -34.26 1.52
N ASP B 465 26.33 -35.03 2.48
CA ASP B 465 27.73 -34.97 2.96
C ASP B 465 28.69 -35.06 1.77
N LYS B 466 28.45 -36.03 0.87
CA LYS B 466 29.25 -36.29 -0.36
C LYS B 466 29.28 -35.03 -1.24
N MET B 467 28.12 -34.40 -1.45
CA MET B 467 27.95 -33.20 -2.32
C MET B 467 28.69 -31.99 -1.73
N LEU B 468 28.59 -31.76 -0.42
CA LEU B 468 29.16 -30.55 0.25
C LEU B 468 30.68 -30.67 0.42
N GLN B 469 31.25 -31.87 0.23
CA GLN B 469 32.73 -32.09 0.19
C GLN B 469 33.30 -31.43 -1.08
N ASN B 470 32.50 -31.38 -2.16
CA ASN B 470 32.88 -30.79 -3.47
C ASN B 470 32.75 -29.27 -3.48
N VAL B 471 32.06 -28.68 -2.49
CA VAL B 471 31.73 -27.22 -2.42
C VAL B 471 32.59 -26.56 -1.34
N GLN B 472 33.06 -25.33 -1.58
CA GLN B 472 33.78 -24.50 -0.57
C GLN B 472 32.74 -23.93 0.41
N MET B 473 32.44 -24.67 1.48
CA MET B 473 31.40 -24.34 2.48
C MET B 473 31.99 -23.47 3.58
N PRO B 474 31.18 -22.60 4.23
CA PRO B 474 31.66 -21.81 5.37
C PRO B 474 31.69 -22.62 6.67
N SER B 475 32.63 -22.27 7.57
CA SER B 475 32.67 -22.77 8.97
C SER B 475 31.78 -21.89 9.86
N LYS B 476 31.38 -22.42 11.01
CA LYS B 476 30.56 -21.71 12.04
C LYS B 476 31.34 -21.72 13.36
N LYS B 477 31.69 -20.54 13.87
CA LYS B 477 32.31 -20.33 15.21
C LYS B 477 31.22 -19.91 16.19
N LEU B 478 31.10 -20.61 17.33
CA LEU B 478 30.15 -20.28 18.43
C LEU B 478 30.96 -20.03 19.70
N ASP B 479 30.96 -18.78 20.19
CA ASP B 479 31.80 -18.32 21.33
C ASP B 479 31.01 -17.26 22.12
N PHE B 480 31.67 -16.55 23.04
CA PHE B 480 31.08 -15.48 23.88
C PHE B 480 32.04 -14.30 24.00
N ILE B 481 31.49 -13.13 24.35
CA ILE B 481 32.25 -11.92 24.79
C ILE B 481 31.72 -11.50 26.16
N ILE B 482 32.52 -10.76 26.93
CA ILE B 482 32.22 -10.41 28.36
C ILE B 482 31.89 -8.92 28.43
N LEU B 483 30.62 -8.59 28.72
CA LEU B 483 30.09 -7.22 28.92
C LEU B 483 29.58 -7.09 30.36
N ASN B 484 30.19 -6.19 31.14
CA ASN B 484 29.87 -5.93 32.58
C ASN B 484 29.90 -7.27 33.34
N GLU B 485 30.98 -8.06 33.15
CA GLU B 485 31.29 -9.34 33.84
C GLU B 485 30.27 -10.45 33.52
N THR B 486 29.42 -10.28 32.49
CA THR B 486 28.41 -11.28 32.06
C THR B 486 28.83 -11.86 30.70
N LYS B 487 28.77 -13.18 30.55
CA LYS B 487 29.00 -13.88 29.26
C LYS B 487 27.76 -13.72 28.39
N PHE B 488 27.92 -13.19 27.17
CA PHE B 488 26.89 -13.10 26.11
C PHE B 488 27.41 -13.84 24.87
N TRP B 489 26.60 -14.75 24.33
CA TRP B 489 27.01 -15.70 23.26
C TRP B 489 26.73 -15.08 21.89
N TYR B 490 27.63 -15.35 20.94
CA TYR B 490 27.54 -14.92 19.51
C TYR B 490 27.93 -16.10 18.62
N GLN B 491 27.50 -16.06 17.36
CA GLN B 491 28.02 -16.94 16.29
C GLN B 491 28.53 -16.07 15.14
N MET B 492 29.42 -16.64 14.31
CA MET B 492 29.91 -16.07 13.04
C MET B 492 29.91 -17.18 12.00
N ILE B 493 29.24 -16.96 10.87
CA ILE B 493 29.36 -17.81 9.66
C ILE B 493 30.62 -17.30 8.92
N LEU B 494 31.78 -17.94 9.14
CA LEU B 494 33.08 -17.51 8.58
C LEU B 494 33.22 -18.05 7.15
N PRO B 495 33.68 -17.25 6.17
CA PRO B 495 33.93 -17.76 4.82
C PRO B 495 34.91 -18.95 4.74
N PRO B 496 34.89 -19.74 3.64
CA PRO B 496 35.84 -20.84 3.47
C PRO B 496 37.29 -20.34 3.41
N HIS B 497 38.23 -21.12 3.98
CA HIS B 497 39.67 -20.80 4.08
C HIS B 497 39.84 -19.44 4.77
N PHE B 498 39.16 -19.28 5.91
CA PHE B 498 39.13 -18.02 6.71
C PHE B 498 40.54 -17.70 7.20
N ASP B 499 40.92 -16.42 7.12
CA ASP B 499 42.30 -15.91 7.36
C ASP B 499 42.25 -14.74 8.36
N LYS B 500 42.78 -14.94 9.56
CA LYS B 500 42.81 -13.95 10.68
C LYS B 500 43.63 -12.71 10.29
N SER B 501 44.58 -12.82 9.34
CA SER B 501 45.42 -11.71 8.84
C SER B 501 44.59 -10.78 7.92
N LYS B 502 43.76 -11.35 7.05
CA LYS B 502 42.89 -10.61 6.10
C LYS B 502 41.75 -9.95 6.89
N LYS B 503 41.19 -8.87 6.35
CA LYS B 503 40.06 -8.08 6.93
C LYS B 503 38.82 -8.29 6.06
N TYR B 504 37.72 -8.73 6.69
CA TYR B 504 36.45 -9.15 6.03
C TYR B 504 35.33 -8.15 6.34
N PRO B 505 34.37 -7.93 5.43
CA PRO B 505 33.17 -7.16 5.74
C PRO B 505 32.19 -8.02 6.55
N LEU B 506 31.47 -7.41 7.50
CA LEU B 506 30.63 -8.12 8.50
C LEU B 506 29.16 -7.68 8.39
N LEU B 507 28.25 -8.62 8.12
CA LEU B 507 26.77 -8.43 8.21
C LEU B 507 26.29 -8.96 9.57
N LEU B 508 25.68 -8.10 10.39
CA LEU B 508 25.07 -8.50 11.68
C LEU B 508 23.63 -8.94 11.44
N ASP B 509 23.38 -10.26 11.46
CA ASP B 509 22.04 -10.89 11.35
C ASP B 509 21.37 -10.81 12.73
N VAL B 510 20.29 -10.03 12.86
CA VAL B 510 19.63 -9.69 14.15
C VAL B 510 18.17 -10.19 14.13
N TYR B 511 17.72 -10.70 15.29
CA TYR B 511 16.28 -10.79 15.66
C TYR B 511 16.10 -10.09 17.01
N ALA B 512 16.69 -10.62 18.08
CA ALA B 512 16.92 -9.97 19.39
C ALA B 512 15.60 -9.67 20.12
N GLY B 513 14.50 -10.35 19.78
CA GLY B 513 13.21 -10.26 20.48
C GLY B 513 13.30 -10.88 21.87
N PRO B 514 12.36 -10.59 22.79
CA PRO B 514 12.37 -11.19 24.13
C PRO B 514 12.35 -12.73 24.08
N CYS B 515 13.33 -13.36 24.75
CA CYS B 515 13.53 -14.82 24.86
C CYS B 515 13.96 -15.43 23.52
N SER B 516 14.65 -14.66 22.68
CA SER B 516 15.18 -15.14 21.36
C SER B 516 16.56 -15.73 21.56
N GLN B 517 17.00 -16.53 20.59
CA GLN B 517 18.36 -17.12 20.53
C GLN B 517 18.78 -17.22 19.06
N LYS B 518 19.77 -16.42 18.66
CA LYS B 518 20.36 -16.40 17.29
C LYS B 518 21.80 -16.94 17.30
N ALA B 519 22.38 -17.22 18.47
CA ALA B 519 23.69 -17.91 18.65
C ALA B 519 23.42 -19.33 19.19
N ASP B 520 23.42 -20.33 18.30
CA ASP B 520 23.14 -21.75 18.63
C ASP B 520 24.08 -22.67 17.84
N THR B 521 23.95 -23.99 18.01
CA THR B 521 24.79 -25.03 17.38
C THR B 521 24.07 -25.68 16.19
N VAL B 522 23.06 -25.02 15.61
CA VAL B 522 22.20 -25.61 14.52
C VAL B 522 22.91 -25.41 13.17
N PHE B 523 22.81 -26.40 12.28
CA PHE B 523 23.34 -26.39 10.89
C PHE B 523 22.24 -25.88 9.95
N ARG B 524 22.53 -24.80 9.21
CA ARG B 524 21.55 -24.12 8.30
C ARG B 524 22.18 -23.92 6.92
N LEU B 525 21.44 -24.30 5.87
CA LEU B 525 21.71 -23.90 4.46
C LEU B 525 20.76 -22.75 4.11
N ASN B 526 21.21 -21.52 4.34
CA ASN B 526 20.38 -20.28 4.25
C ASN B 526 21.16 -19.19 3.51
N TRP B 527 20.62 -17.96 3.47
CA TRP B 527 21.21 -16.78 2.78
C TRP B 527 22.60 -16.47 3.34
N ALA B 528 22.79 -16.59 4.66
CA ALA B 528 24.09 -16.35 5.34
C ALA B 528 25.18 -17.27 4.79
N THR B 529 24.84 -18.52 4.44
CA THR B 529 25.76 -19.52 3.84
C THR B 529 26.29 -18.97 2.51
N TYR B 530 25.39 -18.48 1.64
CA TYR B 530 25.73 -17.85 0.33
C TYR B 530 26.69 -16.67 0.54
N LEU B 531 26.35 -15.77 1.46
CA LEU B 531 27.11 -14.51 1.72
C LEU B 531 28.56 -14.83 2.12
N ALA B 532 28.75 -15.84 2.99
CA ALA B 532 30.07 -16.28 3.48
C ALA B 532 30.81 -17.07 2.40
N SER B 533 30.15 -18.08 1.82
CA SER B 533 30.73 -19.00 0.80
C SER B 533 31.22 -18.22 -0.41
N THR B 534 30.32 -17.48 -1.08
CA THR B 534 30.53 -16.85 -2.40
C THR B 534 31.09 -15.43 -2.24
N GLU B 535 30.48 -14.60 -1.40
CA GLU B 535 30.77 -13.13 -1.33
C GLU B 535 31.82 -12.82 -0.24
N ASN B 536 32.27 -13.82 0.52
CA ASN B 536 33.34 -13.72 1.57
C ASN B 536 32.94 -12.64 2.60
N ILE B 537 31.71 -12.73 3.11
CA ILE B 537 31.15 -11.87 4.19
C ILE B 537 31.03 -12.71 5.48
N ILE B 538 31.46 -12.16 6.61
CA ILE B 538 31.19 -12.74 7.97
C ILE B 538 29.76 -12.35 8.35
N VAL B 539 28.83 -13.32 8.39
CA VAL B 539 27.45 -13.11 8.92
C VAL B 539 27.46 -13.50 10.41
N ALA B 540 27.45 -12.50 11.29
CA ALA B 540 27.44 -12.65 12.76
C ALA B 540 26.03 -12.45 13.31
N SER B 541 25.65 -13.21 14.34
CA SER B 541 24.46 -12.95 15.19
C SER B 541 24.91 -12.90 16.66
N PHE B 542 24.19 -12.16 17.50
CA PHE B 542 24.53 -11.89 18.92
C PHE B 542 23.28 -11.99 19.79
N ASP B 543 23.39 -12.69 20.93
CA ASP B 543 22.34 -12.78 21.97
C ASP B 543 22.74 -11.88 23.13
N GLY B 544 22.14 -10.68 23.21
CA GLY B 544 22.37 -9.69 24.27
C GLY B 544 21.26 -9.74 25.31
N ARG B 545 21.08 -8.65 26.08
CA ARG B 545 20.02 -8.54 27.12
C ARG B 545 18.66 -8.71 26.43
N GLY B 546 17.77 -9.51 27.04
CA GLY B 546 16.45 -9.86 26.49
C GLY B 546 16.43 -11.25 25.87
N SER B 547 17.59 -11.81 25.49
CA SER B 547 17.72 -13.16 24.90
C SER B 547 17.35 -14.23 25.95
N GLY B 548 16.91 -15.40 25.49
CA GLY B 548 16.34 -16.46 26.34
C GLY B 548 17.36 -17.52 26.74
N TYR B 549 16.92 -18.43 27.61
CA TYR B 549 17.58 -19.73 27.93
C TYR B 549 18.87 -19.51 28.76
N GLN B 550 19.00 -18.36 29.43
CA GLN B 550 20.18 -17.99 30.26
C GLN B 550 19.74 -17.38 31.61
N GLY B 551 18.48 -17.56 32.01
CA GLY B 551 17.93 -17.00 33.27
C GLY B 551 17.24 -15.66 33.07
N ASP B 552 16.43 -15.26 34.04
CA ASP B 552 15.57 -14.04 34.02
C ASP B 552 16.42 -12.77 34.11
N LYS B 553 17.54 -12.78 34.82
CA LYS B 553 18.45 -11.59 34.96
C LYS B 553 18.70 -10.99 33.57
N ILE B 554 18.99 -11.84 32.58
CA ILE B 554 19.23 -11.45 31.16
C ILE B 554 17.88 -11.20 30.48
N MET B 555 16.96 -12.16 30.50
CA MET B 555 15.71 -12.17 29.69
C MET B 555 14.77 -11.02 30.10
N HIS B 556 14.66 -10.75 31.41
CA HIS B 556 13.73 -9.73 31.98
C HIS B 556 14.36 -8.35 32.05
N ALA B 557 15.63 -8.19 31.63
CA ALA B 557 16.36 -6.89 31.58
C ALA B 557 15.62 -5.89 30.68
N ILE B 558 14.86 -6.40 29.70
CA ILE B 558 14.13 -5.61 28.66
C ILE B 558 12.69 -5.32 29.09
N ASN B 559 12.28 -5.72 30.30
CA ASN B 559 10.87 -5.60 30.79
C ASN B 559 10.44 -4.13 30.78
N ARG B 560 9.33 -3.83 30.09
CA ARG B 560 8.69 -2.49 29.98
C ARG B 560 9.64 -1.49 29.31
N ARG B 561 10.61 -1.97 28.52
CA ARG B 561 11.75 -1.17 27.99
C ARG B 561 12.28 -1.79 26.68
N LEU B 562 11.40 -2.14 25.74
CA LEU B 562 11.77 -2.64 24.38
C LEU B 562 12.47 -1.51 23.59
N GLY B 563 13.36 -1.89 22.66
CA GLY B 563 14.16 -0.96 21.86
C GLY B 563 15.16 -0.15 22.68
N THR B 564 15.68 -0.71 23.78
CA THR B 564 16.74 -0.09 24.63
C THR B 564 17.95 -1.04 24.64
N PHE B 565 18.04 -1.93 25.63
CA PHE B 565 19.26 -2.72 25.94
C PHE B 565 19.58 -3.71 24.82
N GLU B 566 18.58 -4.30 24.19
CA GLU B 566 18.77 -5.27 23.07
C GLU B 566 19.35 -4.53 21.85
N VAL B 567 19.00 -3.25 21.66
CA VAL B 567 19.55 -2.37 20.59
C VAL B 567 21.00 -2.02 20.96
N GLU B 568 21.20 -1.47 22.17
CA GLU B 568 22.52 -1.05 22.72
C GLU B 568 23.53 -2.20 22.58
N ASP B 569 23.12 -3.43 22.92
CA ASP B 569 24.01 -4.63 23.01
C ASP B 569 24.40 -5.13 21.61
N GLN B 570 23.52 -5.01 20.61
CA GLN B 570 23.85 -5.34 19.19
C GLN B 570 24.92 -4.35 18.67
N ILE B 571 24.84 -3.08 19.06
CA ILE B 571 25.84 -2.02 18.71
C ILE B 571 27.17 -2.39 19.37
N GLU B 572 27.17 -2.66 20.68
CA GLU B 572 28.37 -3.01 21.50
C GLU B 572 29.01 -4.31 20.98
N ALA B 573 28.20 -5.27 20.53
CA ALA B 573 28.65 -6.56 19.93
C ALA B 573 29.44 -6.29 18.65
N ALA B 574 28.85 -5.52 17.73
CA ALA B 574 29.44 -5.11 16.43
C ALA B 574 30.73 -4.31 16.68
N ARG B 575 30.68 -3.36 17.62
CA ARG B 575 31.84 -2.52 18.03
C ARG B 575 33.00 -3.44 18.47
N GLN B 576 32.71 -4.44 19.30
CA GLN B 576 33.71 -5.40 19.83
C GLN B 576 34.22 -6.32 18.71
N PHE B 577 33.35 -6.70 17.75
CA PHE B 577 33.73 -7.49 16.56
C PHE B 577 34.66 -6.67 15.65
N SER B 578 34.40 -5.36 15.52
CA SER B 578 35.21 -4.41 14.70
C SER B 578 36.63 -4.32 15.27
N LYS B 579 36.78 -4.33 16.60
CA LYS B 579 38.09 -4.22 17.30
C LYS B 579 38.88 -5.54 17.21
N MET B 580 38.24 -6.65 16.82
CA MET B 580 38.96 -7.90 16.41
C MET B 580 39.67 -7.63 15.09
N GLY B 581 40.81 -8.29 14.85
CA GLY B 581 41.76 -7.96 13.77
C GLY B 581 41.27 -8.34 12.37
N PHE B 582 40.24 -9.20 12.26
CA PHE B 582 39.81 -9.82 10.99
C PHE B 582 38.52 -9.19 10.43
N VAL B 583 38.09 -8.03 10.96
CA VAL B 583 36.86 -7.31 10.51
C VAL B 583 37.28 -5.95 9.94
N ASP B 584 36.74 -5.60 8.77
CA ASP B 584 36.85 -4.26 8.14
C ASP B 584 35.76 -3.36 8.74
N ASN B 585 36.15 -2.42 9.61
CA ASN B 585 35.23 -1.54 10.38
C ASN B 585 34.53 -0.53 9.45
N LYS B 586 35.06 -0.29 8.24
CA LYS B 586 34.44 0.58 7.20
C LYS B 586 33.33 -0.15 6.44
N ARG B 587 33.19 -1.48 6.61
CA ARG B 587 32.16 -2.31 5.93
C ARG B 587 31.47 -3.22 6.94
N ILE B 588 30.66 -2.63 7.84
CA ILE B 588 29.79 -3.37 8.81
C ILE B 588 28.33 -3.03 8.49
N ALA B 589 27.52 -4.04 8.13
CA ALA B 589 26.08 -3.94 7.84
C ALA B 589 25.28 -4.67 8.92
N ILE B 590 23.95 -4.45 8.92
CA ILE B 590 22.98 -5.08 9.86
C ILE B 590 21.68 -5.36 9.10
N TRP B 591 21.03 -6.50 9.34
CA TRP B 591 19.70 -6.81 8.74
C TRP B 591 18.88 -7.72 9.66
N GLY B 592 17.56 -7.67 9.53
CA GLY B 592 16.63 -8.53 10.29
C GLY B 592 15.20 -8.41 9.82
N TRP B 593 14.35 -9.30 10.32
CA TRP B 593 12.93 -9.52 9.92
C TRP B 593 12.04 -9.35 11.17
N SER B 594 10.95 -8.58 11.06
CA SER B 594 9.94 -8.32 12.13
C SER B 594 10.59 -7.61 13.33
N TYR B 595 10.81 -8.28 14.48
CA TYR B 595 11.58 -7.71 15.61
C TYR B 595 13.00 -7.39 15.12
N GLY B 596 13.57 -8.24 14.27
CA GLY B 596 14.87 -8.01 13.60
C GLY B 596 14.88 -6.73 12.79
N GLY B 597 13.78 -6.46 12.08
CA GLY B 597 13.57 -5.22 11.30
C GLY B 597 13.53 -4.00 12.20
N TYR B 598 12.79 -4.10 13.32
CA TYR B 598 12.70 -3.05 14.37
C TYR B 598 14.10 -2.73 14.89
N VAL B 599 14.81 -3.74 15.39
CA VAL B 599 16.14 -3.56 16.05
C VAL B 599 17.15 -3.04 15.02
N THR B 600 17.11 -3.55 13.78
CA THR B 600 17.94 -3.05 12.64
C THR B 600 17.73 -1.54 12.49
N SER B 601 16.47 -1.11 12.41
CA SER B 601 16.07 0.30 12.19
C SER B 601 16.51 1.17 13.37
N MET B 602 16.31 0.69 14.60
CA MET B 602 16.66 1.42 15.85
C MET B 602 18.18 1.59 15.96
N VAL B 603 18.96 0.59 15.54
CA VAL B 603 20.47 0.62 15.53
C VAL B 603 20.95 1.66 14.51
N LEU B 604 20.41 1.61 13.28
CA LEU B 604 20.74 2.56 12.17
C LEU B 604 20.37 4.00 12.58
N GLY B 605 19.33 4.17 13.40
CA GLY B 605 18.87 5.48 13.90
C GLY B 605 19.54 5.92 15.20
N SER B 606 20.56 5.20 15.68
CA SER B 606 21.24 5.44 16.98
C SER B 606 22.31 6.53 16.87
N GLY B 607 22.90 6.71 15.68
CA GLY B 607 24.03 7.62 15.44
C GLY B 607 25.32 7.09 16.05
N SER B 608 25.50 5.76 16.09
CA SER B 608 26.67 5.06 16.67
C SER B 608 27.91 5.27 15.77
N GLY B 609 27.71 5.31 14.46
CA GLY B 609 28.79 5.40 13.45
C GLY B 609 29.35 4.04 13.07
N VAL B 610 28.88 2.97 13.71
CA VAL B 610 29.42 1.58 13.56
C VAL B 610 28.95 1.01 12.22
N PHE B 611 27.68 1.24 11.86
CA PHE B 611 27.00 0.59 10.70
C PHE B 611 26.95 1.53 9.50
N LYS B 612 27.47 1.07 8.36
CA LYS B 612 27.46 1.80 7.06
C LYS B 612 26.07 1.71 6.44
N CYS B 613 25.51 0.49 6.34
CA CYS B 613 24.18 0.22 5.72
C CYS B 613 23.40 -0.84 6.51
N GLY B 614 22.15 -1.10 6.12
CA GLY B 614 21.32 -2.17 6.70
C GLY B 614 19.96 -2.30 6.04
N ILE B 615 19.31 -3.45 6.27
CA ILE B 615 18.02 -3.86 5.62
C ILE B 615 17.00 -4.24 6.70
N ALA B 616 15.86 -3.55 6.75
CA ALA B 616 14.69 -3.87 7.59
C ALA B 616 13.63 -4.52 6.71
N VAL B 617 13.34 -5.80 6.94
CA VAL B 617 12.24 -6.56 6.27
C VAL B 617 11.06 -6.65 7.25
N ALA B 618 9.87 -6.26 6.80
CA ALA B 618 8.59 -6.30 7.56
C ALA B 618 8.79 -5.86 9.01
N PRO B 619 9.42 -4.69 9.28
CA PRO B 619 9.73 -4.28 10.66
C PRO B 619 8.52 -3.77 11.45
N VAL B 620 8.52 -4.00 12.77
CA VAL B 620 7.74 -3.19 13.75
C VAL B 620 8.41 -1.81 13.79
N SER B 621 7.62 -0.73 13.81
CA SER B 621 8.09 0.68 13.82
C SER B 621 7.68 1.41 15.12
N ARG B 622 6.49 1.10 15.64
CA ARG B 622 5.88 1.71 16.85
C ARG B 622 4.95 0.67 17.50
N TRP B 623 5.12 0.41 18.79
CA TRP B 623 4.52 -0.75 19.49
C TRP B 623 3.00 -0.63 19.64
N GLU B 624 2.45 0.58 19.50
CA GLU B 624 0.98 0.82 19.46
C GLU B 624 0.35 0.12 18.24
N TYR B 625 1.14 -0.13 17.18
CA TYR B 625 0.68 -0.76 15.91
C TYR B 625 0.66 -2.30 16.01
N TYR B 626 1.41 -2.92 16.94
CA TYR B 626 1.50 -4.39 17.05
C TYR B 626 0.45 -4.91 18.05
N ASP B 627 0.15 -6.21 17.99
CA ASP B 627 -1.01 -6.85 18.68
C ASP B 627 -0.86 -6.74 20.22
N SER B 628 -2.00 -6.84 20.91
CA SER B 628 -2.14 -6.70 22.38
C SER B 628 -1.29 -7.76 23.11
N VAL B 629 -1.57 -9.04 22.85
CA VAL B 629 -1.04 -10.20 23.65
C VAL B 629 0.48 -10.11 23.71
N TYR B 630 1.15 -9.93 22.57
CA TYR B 630 2.64 -9.92 22.47
C TYR B 630 3.19 -8.64 23.12
N THR B 631 2.67 -7.48 22.70
CA THR B 631 3.21 -6.14 23.06
C THR B 631 3.05 -5.90 24.55
N GLU B 632 1.85 -6.13 25.09
CA GLU B 632 1.50 -5.86 26.52
C GLU B 632 2.22 -6.83 27.45
N ARG B 633 2.64 -8.00 26.95
CA ARG B 633 3.49 -8.97 27.69
C ARG B 633 4.75 -8.24 28.19
N TYR B 634 5.37 -7.44 27.32
CA TYR B 634 6.69 -6.80 27.56
C TYR B 634 6.54 -5.32 27.93
N MET B 635 5.54 -4.62 27.40
CA MET B 635 5.46 -3.13 27.44
C MET B 635 4.34 -2.63 28.38
N GLY B 636 3.44 -3.50 28.85
CA GLY B 636 2.21 -3.09 29.54
C GLY B 636 1.28 -2.35 28.59
N LEU B 637 0.33 -1.58 29.14
CA LEU B 637 -0.67 -0.81 28.34
C LEU B 637 -0.08 0.56 27.99
N PRO B 638 -0.46 1.18 26.84
CA PRO B 638 0.05 2.50 26.46
C PRO B 638 -0.83 3.64 27.01
N THR B 639 -0.95 3.73 28.34
CA THR B 639 -1.69 4.79 29.08
C THR B 639 -0.71 5.63 29.88
N PRO B 640 -1.03 6.91 30.23
CA PRO B 640 -0.16 7.73 31.08
C PRO B 640 0.07 7.12 32.47
N GLU B 641 -0.94 6.43 33.01
CA GLU B 641 -0.90 5.66 34.29
C GLU B 641 0.22 4.60 34.23
N ASP B 642 0.39 3.93 33.08
CA ASP B 642 1.26 2.75 32.89
C ASP B 642 2.56 3.19 32.16
N ASN B 643 2.73 2.84 30.87
CA ASN B 643 4.05 2.86 30.17
C ASN B 643 3.97 3.63 28.84
N LEU B 644 2.99 4.53 28.66
CA LEU B 644 2.82 5.31 27.39
C LEU B 644 4.10 6.08 27.07
N ASP B 645 4.77 6.63 28.09
CA ASP B 645 6.02 7.42 27.95
C ASP B 645 7.03 6.64 27.09
N HIS B 646 7.28 5.36 27.43
CA HIS B 646 8.29 4.52 26.72
C HIS B 646 7.74 3.97 25.39
N TYR B 647 6.44 3.70 25.29
CA TYR B 647 5.77 3.39 23.99
C TYR B 647 6.15 4.46 22.95
N ARG B 648 6.04 5.73 23.32
CA ARG B 648 6.27 6.92 22.45
C ARG B 648 7.78 7.19 22.28
N ASN B 649 8.61 6.78 23.25
CA ASN B 649 10.07 7.01 23.28
C ASN B 649 10.82 5.91 22.51
N SER B 650 10.13 4.83 22.09
CA SER B 650 10.74 3.60 21.52
C SER B 650 10.28 3.37 20.07
N THR B 651 10.16 4.44 19.26
CA THR B 651 9.70 4.38 17.84
C THR B 651 10.90 4.56 16.89
N VAL B 652 10.84 3.94 15.72
CA VAL B 652 11.81 4.12 14.60
C VAL B 652 11.67 5.56 14.06
N MET B 653 10.44 6.05 13.93
CA MET B 653 10.07 7.36 13.31
C MET B 653 10.83 8.51 13.98
N SER B 654 10.96 8.49 15.32
CA SER B 654 11.59 9.57 16.13
C SER B 654 13.11 9.65 15.90
N ARG B 655 13.73 8.64 15.28
CA ARG B 655 15.19 8.56 15.01
C ARG B 655 15.51 8.87 13.54
N ALA B 656 14.57 9.46 12.78
CA ALA B 656 14.65 9.70 11.32
C ALA B 656 15.90 10.50 10.95
N GLU B 657 16.22 11.56 11.71
CA GLU B 657 17.39 12.47 11.44
C GLU B 657 18.69 11.67 11.27
N ASN B 658 18.91 10.65 12.10
CA ASN B 658 20.19 9.90 12.20
C ASN B 658 20.38 8.96 11.00
N PHE B 659 19.33 8.69 10.21
CA PHE B 659 19.41 7.86 8.97
C PHE B 659 20.14 8.60 7.83
N LYS B 660 20.41 9.90 7.98
CA LYS B 660 21.26 10.69 7.04
C LYS B 660 22.66 10.06 6.91
N GLN B 661 23.17 9.42 7.98
CA GLN B 661 24.55 8.90 8.09
C GLN B 661 24.67 7.47 7.51
N VAL B 662 23.57 6.83 7.09
CA VAL B 662 23.54 5.37 6.71
C VAL B 662 22.70 5.16 5.45
N GLU B 663 22.97 4.06 4.72
CA GLU B 663 22.18 3.60 3.54
C GLU B 663 21.18 2.55 4.03
N TYR B 664 19.88 2.79 3.83
CA TYR B 664 18.76 2.01 4.42
C TYR B 664 17.92 1.42 3.29
N LEU B 665 17.65 0.11 3.34
CA LEU B 665 16.68 -0.59 2.46
C LEU B 665 15.50 -1.06 3.32
N LEU B 666 14.29 -0.57 3.02
CA LEU B 666 13.04 -0.87 3.77
C LEU B 666 12.13 -1.72 2.89
N ILE B 667 11.80 -2.93 3.34
CA ILE B 667 11.02 -3.95 2.57
C ILE B 667 9.83 -4.40 3.43
N HIS B 668 8.67 -4.62 2.79
CA HIS B 668 7.41 -5.03 3.46
C HIS B 668 6.39 -5.54 2.44
N GLY B 669 5.70 -6.64 2.74
CA GLY B 669 4.56 -7.13 1.96
C GLY B 669 3.30 -6.34 2.27
N THR B 670 2.47 -6.06 1.25
CA THR B 670 1.26 -5.21 1.37
C THR B 670 0.15 -5.95 2.12
N ALA B 671 0.13 -7.29 2.07
CA ALA B 671 -0.91 -8.15 2.69
C ALA B 671 -0.37 -8.76 3.99
N ASP B 672 0.61 -8.13 4.64
CA ASP B 672 1.16 -8.57 5.95
C ASP B 672 0.05 -8.38 6.99
N ASP B 673 -0.56 -9.49 7.43
CA ASP B 673 -1.68 -9.53 8.40
C ASP B 673 -1.16 -9.42 9.84
N ASN B 674 0.16 -9.59 10.03
CA ASN B 674 0.82 -9.71 11.36
C ASN B 674 1.46 -8.36 11.72
N VAL B 675 2.62 -8.04 11.12
CA VAL B 675 3.25 -6.70 11.19
C VAL B 675 2.72 -5.92 9.97
N HIS B 676 1.71 -5.07 10.18
CA HIS B 676 0.94 -4.41 9.09
C HIS B 676 1.85 -3.48 8.29
N PHE B 677 1.60 -3.38 6.98
CA PHE B 677 2.37 -2.51 6.04
C PHE B 677 2.44 -1.08 6.58
N GLN B 678 1.36 -0.65 7.26
CA GLN B 678 1.26 0.55 8.13
C GLN B 678 2.62 0.88 8.78
N GLN B 679 3.26 -0.10 9.41
CA GLN B 679 4.47 0.13 10.25
C GLN B 679 5.61 0.67 9.37
N SER B 680 5.83 0.07 8.20
CA SER B 680 6.82 0.56 7.19
C SER B 680 6.35 1.88 6.57
N ALA B 681 5.05 2.02 6.31
CA ALA B 681 4.42 3.24 5.73
C ALA B 681 4.74 4.46 6.60
N GLN B 682 4.78 4.28 7.93
CA GLN B 682 5.07 5.35 8.91
C GLN B 682 6.58 5.62 8.97
N ILE B 683 7.43 4.59 8.85
CA ILE B 683 8.92 4.77 8.80
C ILE B 683 9.26 5.63 7.57
N SER B 684 8.79 5.24 6.38
CA SER B 684 9.06 5.92 5.08
C SER B 684 8.65 7.40 5.18
N LYS B 685 7.44 7.67 5.67
CA LYS B 685 6.87 9.04 5.79
C LYS B 685 7.75 9.89 6.72
N ALA B 686 8.24 9.33 7.81
CA ALA B 686 9.13 10.03 8.78
C ALA B 686 10.46 10.38 8.12
N LEU B 687 10.99 9.51 7.25
CA LEU B 687 12.28 9.72 6.53
C LEU B 687 12.08 10.79 5.44
N VAL B 688 10.97 10.73 4.70
CA VAL B 688 10.55 11.75 3.69
C VAL B 688 10.45 13.12 4.39
N ASP B 689 9.76 13.17 5.54
CA ASP B 689 9.48 14.42 6.32
C ASP B 689 10.78 15.12 6.74
N VAL B 690 11.86 14.38 6.94
CA VAL B 690 13.19 14.86 7.43
C VAL B 690 14.19 14.97 6.26
N GLY B 691 13.80 14.54 5.05
CA GLY B 691 14.62 14.65 3.82
C GLY B 691 15.79 13.69 3.80
N VAL B 692 15.57 12.43 4.20
CA VAL B 692 16.60 11.34 4.21
C VAL B 692 16.31 10.43 3.00
N ASP B 693 17.30 10.25 2.12
CA ASP B 693 17.21 9.31 0.97
C ASP B 693 17.40 7.89 1.48
N PHE B 694 16.67 6.93 0.90
CA PHE B 694 16.72 5.48 1.23
C PHE B 694 16.13 4.66 0.08
N GLN B 695 16.60 3.42 -0.08
CA GLN B 695 15.98 2.44 -1.01
C GLN B 695 14.74 1.85 -0.35
N ALA B 696 13.75 1.46 -1.13
CA ALA B 696 12.49 0.83 -0.65
C ALA B 696 12.04 -0.25 -1.64
N MET B 697 11.14 -1.12 -1.18
CA MET B 697 10.59 -2.24 -1.99
C MET B 697 9.34 -2.79 -1.29
N TRP B 698 8.18 -2.67 -1.92
CA TRP B 698 6.91 -3.30 -1.46
C TRP B 698 6.76 -4.63 -2.21
N TYR B 699 6.04 -5.59 -1.63
CA TYR B 699 5.68 -6.88 -2.29
C TYR B 699 4.16 -7.03 -2.28
N THR B 700 3.55 -6.78 -3.43
CA THR B 700 2.08 -6.91 -3.70
C THR B 700 1.57 -8.26 -3.21
N ASP B 701 0.63 -8.25 -2.27
CA ASP B 701 -0.21 -9.42 -1.85
C ASP B 701 0.63 -10.45 -1.07
N GLU B 702 1.87 -10.14 -0.67
CA GLU B 702 2.72 -11.03 0.16
C GLU B 702 2.43 -10.76 1.63
N ASP B 703 2.42 -11.82 2.45
CA ASP B 703 2.13 -11.76 3.90
C ASP B 703 3.46 -11.58 4.66
N HIS B 704 3.51 -11.96 5.94
CA HIS B 704 4.69 -11.79 6.82
C HIS B 704 5.86 -12.69 6.36
N GLY B 705 5.57 -13.81 5.71
CA GLY B 705 6.58 -14.74 5.17
C GLY B 705 7.36 -14.15 3.99
N ILE B 706 6.69 -13.39 3.11
CA ILE B 706 7.19 -13.06 1.73
C ILE B 706 7.72 -14.37 1.13
N ALA B 707 6.87 -15.40 1.16
CA ALA B 707 7.23 -16.84 1.12
C ALA B 707 6.76 -17.51 -0.18
N SER B 708 6.04 -16.81 -1.06
CA SER B 708 5.72 -17.31 -2.43
C SER B 708 7.05 -17.50 -3.18
N SER B 709 7.13 -18.54 -4.02
CA SER B 709 8.37 -19.01 -4.69
C SER B 709 9.10 -17.82 -5.35
N THR B 710 8.36 -17.01 -6.12
CA THR B 710 8.87 -15.86 -6.92
C THR B 710 9.30 -14.70 -6.02
N ALA B 711 8.47 -14.36 -5.02
CA ALA B 711 8.72 -13.22 -4.09
C ALA B 711 9.96 -13.51 -3.25
N HIS B 712 10.07 -14.74 -2.73
CA HIS B 712 11.24 -15.26 -1.96
C HIS B 712 12.52 -15.10 -2.79
N GLN B 713 12.50 -15.55 -4.05
CA GLN B 713 13.63 -15.41 -5.00
C GLN B 713 13.96 -13.93 -5.18
N HIS B 714 12.94 -13.07 -5.34
CA HIS B 714 13.10 -11.63 -5.68
C HIS B 714 13.70 -10.86 -4.51
N ILE B 715 13.21 -11.05 -3.28
CA ILE B 715 13.64 -10.28 -2.08
C ILE B 715 15.13 -10.56 -1.81
N TYR B 716 15.55 -11.83 -1.84
CA TYR B 716 16.95 -12.24 -1.52
C TYR B 716 17.90 -11.81 -2.64
N THR B 717 17.41 -11.74 -3.89
CA THR B 717 18.16 -11.19 -5.05
C THR B 717 18.37 -9.68 -4.84
N HIS B 718 17.31 -8.94 -4.48
CA HIS B 718 17.34 -7.47 -4.28
C HIS B 718 18.23 -7.13 -3.07
N MET B 719 18.08 -7.88 -1.97
CA MET B 719 18.89 -7.73 -0.73
C MET B 719 20.36 -8.05 -1.00
N SER B 720 20.66 -9.04 -1.86
CA SER B 720 22.04 -9.42 -2.28
C SER B 720 22.71 -8.25 -3.00
N HIS B 721 22.04 -7.71 -4.03
CA HIS B 721 22.49 -6.52 -4.82
C HIS B 721 22.81 -5.35 -3.88
N PHE B 722 21.96 -5.11 -2.87
CA PHE B 722 22.09 -4.00 -1.90
C PHE B 722 23.35 -4.17 -1.03
N ILE B 723 23.57 -5.38 -0.51
CA ILE B 723 24.73 -5.70 0.39
C ILE B 723 26.02 -5.65 -0.44
N LYS B 724 26.01 -6.24 -1.64
CA LYS B 724 27.17 -6.29 -2.56
C LYS B 724 27.64 -4.86 -2.86
N GLN B 725 26.73 -3.97 -3.28
CA GLN B 725 27.05 -2.56 -3.66
C GLN B 725 27.48 -1.76 -2.42
N CYS B 726 26.95 -2.06 -1.24
CA CYS B 726 27.33 -1.43 0.05
C CYS B 726 28.78 -1.80 0.43
N PHE B 727 29.23 -3.01 0.09
CA PHE B 727 30.57 -3.56 0.44
C PHE B 727 31.53 -3.50 -0.76
N SER B 728 31.11 -2.91 -1.90
CA SER B 728 31.97 -2.68 -3.11
C SER B 728 32.48 -4.01 -3.67
N LEU B 729 31.59 -5.00 -3.81
CA LEU B 729 31.92 -6.39 -4.26
C LEU B 729 31.51 -6.56 -5.73
N PRO B 730 32.30 -7.28 -6.57
CA PRO B 730 31.96 -7.48 -7.98
C PRO B 730 30.55 -8.02 -8.26
#